data_6JNL
# 
_entry.id   6JNL 
# 
_audit_conform.dict_name       mmcif_pdbx.dic 
_audit_conform.dict_version    5.392 
_audit_conform.dict_location   http://mmcif.pdb.org/dictionaries/ascii/mmcif_pdbx.dic 
# 
loop_
_database_2.database_id 
_database_2.database_code 
_database_2.pdbx_database_accession 
_database_2.pdbx_DOI 
PDB   6JNL         pdb_00006jnl 10.2210/pdb6jnl/pdb 
WWPDB D_1300011431 ?            ?                   
# 
loop_
_pdbx_audit_revision_history.ordinal 
_pdbx_audit_revision_history.data_content_type 
_pdbx_audit_revision_history.major_revision 
_pdbx_audit_revision_history.minor_revision 
_pdbx_audit_revision_history.revision_date 
1 'Structure model' 1 0 2019-03-27 
2 'Structure model' 1 1 2019-05-15 
3 'Structure model' 1 2 2023-11-22 
4 'Structure model' 2 0 2024-05-29 
# 
_pdbx_audit_revision_details.ordinal             1 
_pdbx_audit_revision_details.revision_ordinal    1 
_pdbx_audit_revision_details.data_content_type   'Structure model' 
_pdbx_audit_revision_details.provider            repository 
_pdbx_audit_revision_details.type                'Initial release' 
_pdbx_audit_revision_details.description         ? 
_pdbx_audit_revision_details.details             ? 
# 
loop_
_pdbx_audit_revision_group.ordinal 
_pdbx_audit_revision_group.revision_ordinal 
_pdbx_audit_revision_group.data_content_type 
_pdbx_audit_revision_group.group 
1  2 'Structure model' 'Data collection'         
2  2 'Structure model' 'Database references'     
3  3 'Structure model' 'Data collection'         
4  3 'Structure model' 'Database references'     
5  3 'Structure model' 'Derived calculations'    
6  3 'Structure model' 'Refinement description'  
7  4 'Structure model' Advisory                  
8  4 'Structure model' 'Atomic model'            
9  4 'Structure model' 'Data collection'         
10 4 'Structure model' 'Derived calculations'    
11 4 'Structure model' 'Non-polymer description' 
12 4 'Structure model' 'Structure summary'       
# 
loop_
_pdbx_audit_revision_category.ordinal 
_pdbx_audit_revision_category.revision_ordinal 
_pdbx_audit_revision_category.data_content_type 
_pdbx_audit_revision_category.category 
1  2 'Structure model' citation                      
2  2 'Structure model' citation_author               
3  3 'Structure model' chem_comp_atom                
4  3 'Structure model' chem_comp_bond                
5  3 'Structure model' database_2                    
6  3 'Structure model' pdbx_initial_refinement_model 
7  3 'Structure model' pdbx_struct_conn_angle        
8  3 'Structure model' struct_conn                   
9  4 'Structure model' atom_site                     
10 4 'Structure model' chem_comp                     
11 4 'Structure model' chem_comp_atom                
12 4 'Structure model' chem_comp_bond                
13 4 'Structure model' pdbx_entity_nonpoly           
14 4 'Structure model' pdbx_nonpoly_scheme           
15 4 'Structure model' pdbx_unobs_or_zero_occ_atoms  
16 4 'Structure model' pdbx_validate_close_contact   
17 4 'Structure model' struct_site                   
# 
loop_
_pdbx_audit_revision_item.ordinal 
_pdbx_audit_revision_item.revision_ordinal 
_pdbx_audit_revision_item.data_content_type 
_pdbx_audit_revision_item.item 
1  2 'Structure model' '_citation.country'                           
2  2 'Structure model' '_citation.journal_abbrev'                    
3  2 'Structure model' '_citation.journal_id_CSD'                    
4  2 'Structure model' '_citation.journal_id_ISSN'                   
5  2 'Structure model' '_citation.journal_volume'                    
6  2 'Structure model' '_citation.page_first'                        
7  2 'Structure model' '_citation.page_last'                         
8  2 'Structure model' '_citation.pdbx_database_id_DOI'              
9  2 'Structure model' '_citation.pdbx_database_id_PubMed'           
10 2 'Structure model' '_citation.title'                             
11 2 'Structure model' '_citation.year'                              
12 3 'Structure model' '_database_2.pdbx_DOI'                        
13 3 'Structure model' '_database_2.pdbx_database_accession'         
14 3 'Structure model' '_pdbx_struct_conn_angle.ptnr1_auth_comp_id'  
15 3 'Structure model' '_pdbx_struct_conn_angle.ptnr1_auth_seq_id'   
16 3 'Structure model' '_pdbx_struct_conn_angle.ptnr1_label_atom_id' 
17 3 'Structure model' '_pdbx_struct_conn_angle.ptnr1_label_comp_id' 
18 3 'Structure model' '_pdbx_struct_conn_angle.ptnr1_label_seq_id'  
19 3 'Structure model' '_pdbx_struct_conn_angle.ptnr2_auth_comp_id'  
20 3 'Structure model' '_pdbx_struct_conn_angle.ptnr2_auth_seq_id'   
21 3 'Structure model' '_pdbx_struct_conn_angle.ptnr2_label_asym_id' 
22 3 'Structure model' '_pdbx_struct_conn_angle.ptnr2_label_atom_id' 
23 3 'Structure model' '_pdbx_struct_conn_angle.ptnr2_label_comp_id' 
24 3 'Structure model' '_pdbx_struct_conn_angle.ptnr3_auth_comp_id'  
25 3 'Structure model' '_pdbx_struct_conn_angle.ptnr3_auth_seq_id'   
26 3 'Structure model' '_pdbx_struct_conn_angle.ptnr3_label_atom_id' 
27 3 'Structure model' '_pdbx_struct_conn_angle.ptnr3_label_comp_id' 
28 3 'Structure model' '_pdbx_struct_conn_angle.ptnr3_label_seq_id'  
29 3 'Structure model' '_pdbx_struct_conn_angle.value'               
30 3 'Structure model' '_struct_conn.pdbx_dist_value'                
31 3 'Structure model' '_struct_conn.ptnr1_label_atom_id'            
32 3 'Structure model' '_struct_conn.ptnr2_auth_comp_id'             
33 3 'Structure model' '_struct_conn.ptnr2_auth_seq_id'              
34 3 'Structure model' '_struct_conn.ptnr2_label_asym_id'            
35 3 'Structure model' '_struct_conn.ptnr2_label_atom_id'            
36 3 'Structure model' '_struct_conn.ptnr2_label_comp_id'            
37 4 'Structure model' '_atom_site.B_iso_or_equiv'                   
38 4 'Structure model' '_atom_site.Cartn_x'                          
39 4 'Structure model' '_atom_site.Cartn_y'                          
40 4 'Structure model' '_atom_site.Cartn_z'                          
41 4 'Structure model' '_atom_site.auth_atom_id'                     
42 4 'Structure model' '_atom_site.auth_comp_id'                     
43 4 'Structure model' '_atom_site.label_atom_id'                    
44 4 'Structure model' '_atom_site.label_comp_id'                    
45 4 'Structure model' '_atom_site.type_symbol'                      
46 4 'Structure model' '_chem_comp.formula'                          
47 4 'Structure model' '_chem_comp.formula_weight'                   
48 4 'Structure model' '_chem_comp.id'                               
49 4 'Structure model' '_chem_comp.mon_nstd_flag'                    
50 4 'Structure model' '_chem_comp.name'                             
51 4 'Structure model' '_chem_comp.pdbx_synonyms'                    
52 4 'Structure model' '_chem_comp.type'                             
53 4 'Structure model' '_pdbx_entity_nonpoly.comp_id'                
54 4 'Structure model' '_pdbx_nonpoly_scheme.mon_id'                 
55 4 'Structure model' '_pdbx_nonpoly_scheme.pdb_mon_id'             
56 4 'Structure model' '_pdbx_unobs_or_zero_occ_atoms.auth_atom_id'  
57 4 'Structure model' '_pdbx_unobs_or_zero_occ_atoms.auth_comp_id'  
58 4 'Structure model' '_pdbx_unobs_or_zero_occ_atoms.label_atom_id' 
59 4 'Structure model' '_pdbx_unobs_or_zero_occ_atoms.label_comp_id' 
60 4 'Structure model' '_pdbx_validate_close_contact.auth_comp_id_2' 
61 4 'Structure model' '_struct_site.details'                        
62 4 'Structure model' '_struct_site.pdbx_auth_comp_id'              
# 
_pdbx_database_status.status_code                     REL 
_pdbx_database_status.status_code_sf                  REL 
_pdbx_database_status.status_code_mr                  ? 
_pdbx_database_status.entry_id                        6JNL 
_pdbx_database_status.recvd_initial_deposition_date   2019-03-17 
_pdbx_database_status.SG_entry                        N 
_pdbx_database_status.deposit_site                    PDBJ 
_pdbx_database_status.process_site                    PDBJ 
_pdbx_database_status.status_code_cs                  ? 
_pdbx_database_status.methods_development_category    ? 
_pdbx_database_status.pdb_format_compatible           Y 
_pdbx_database_status.status_code_nmr_data            ? 
# 
loop_
_audit_author.name 
_audit_author.pdbx_ordinal 
_audit_author.identifier_ORCID 
'Yao, Q.Q.' 1 ? 
'Wu, B.X.'  2 ? 
'Ma, J.B.'  3 ? 
# 
_citation.abstract                  ? 
_citation.abstract_id_CAS           ? 
_citation.book_id_ISBN              ? 
_citation.book_publisher            ? 
_citation.book_publisher_city       ? 
_citation.book_title                ? 
_citation.coordinate_linkage        ? 
_citation.country                   UK 
_citation.database_id_Medline       ? 
_citation.details                   ? 
_citation.id                        primary 
_citation.journal_abbrev            'Nat Commun' 
_citation.journal_id_ASTM           ? 
_citation.journal_id_CSD            ? 
_citation.journal_id_ISSN           2041-1723 
_citation.journal_full              ? 
_citation.journal_issue             ? 
_citation.journal_volume            10 
_citation.language                  ? 
_citation.page_first                2063 
_citation.page_last                 2063 
_citation.title                     'DNA methylation repels targeting of Arabidopsis REF6.' 
_citation.year                      2019 
_citation.database_id_CSD           ? 
_citation.pdbx_database_id_DOI      10.1038/s41467-019-10026-1 
_citation.pdbx_database_id_PubMed   31048693 
_citation.unpublished_flag          ? 
# 
loop_
_citation_author.citation_id 
_citation_author.name 
_citation_author.ordinal 
_citation_author.identifier_ORCID 
primary 'Qiu, Q.'   1  0000-0002-0933-4707 
primary 'Mei, H.'   2  ?                   
primary 'Deng, X.'  3  ?                   
primary 'He, K.'    4  ?                   
primary 'Wu, B.'    5  ?                   
primary 'Yao, Q.'   6  ?                   
primary 'Zhang, J.' 7  ?                   
primary 'Lu, F.'    8  0000-0002-8321-4818 
primary 'Ma, J.'    9  0000-0002-0232-1786 
primary 'Cao, X.'   10 0000-0001-9871-0753 
# 
loop_
_entity.id 
_entity.type 
_entity.src_method 
_entity.pdbx_description 
_entity.formula_weight 
_entity.pdbx_number_of_molecules 
_entity.pdbx_ec 
_entity.pdbx_mutation 
_entity.pdbx_fragment 
_entity.details 
1 polymer     man 'Lysine-specific demethylase REF6'                   12026.109 1  1.14.11.- ? ? ? 
2 polymer     syn 
;DNA (5'-D(*TP*TP*CP*TP*CP*TP*GP*TP*TP*TP*TP*G)-3')
;
3625.360  1  ?         ? ? ? 
3 polymer     syn 
;DNA (5'-D(*CP*AP*AP*AP*AP*CP*AP*GP*AP*GP*A)-3')
;
3384.265  1  ?         ? ? ? 
4 non-polymer syn 'ZINC ION'                                           65.409    3  ?         ? ? ? 
5 non-polymer syn 'MAGNESIUM ION'                                      24.305    1  ?         ? ? ? 
6 non-polymer syn GLYCEROL                                             92.094    1  ?         ? ? ? 
7 non-polymer syn "2'-DEOXYADENOSINE-5'-MONOPHOSPHATE"                 331.222   1  ?         ? ? ? 
8 water       nat water                                                18.015    24 ?         ? ? ? 
# 
_entity_name_com.entity_id   1 
_entity_name_com.name        
'Jumonji domain-containing protein 12,Lysine-specific histone demethylase REF6,Protein RELATIVE OF EARLY FLOWERING 6' 
# 
loop_
_entity_poly.entity_id 
_entity_poly.type 
_entity_poly.nstd_linkage 
_entity_poly.nstd_monomer 
_entity_poly.pdbx_seq_one_letter_code 
_entity_poly.pdbx_seq_one_letter_code_can 
_entity_poly.pdbx_strand_id 
_entity_poly.pdbx_target_identifier 
1 'polypeptide(L)'        no no 
;LMLHKRNICPIKGCGKNFFSHKYLVQHQRVHSDDRPLKCPWKGCKMTFKWAWSRTEHIRVHTGARPYVCAEPDCGQTFRF
VSDFSRHKRKTGHSVKKTNKR
;
;LMLHKRNICPIKGCGKNFFSHKYLVQHQRVHSDDRPLKCPWKGCKMTFKWAWSRTEHIRVHTGARPYVCAEPDCGQTFRF
VSDFSRHKRKTGHSVKKTNKR
;
A ? 
2 polydeoxyribonucleotide no no '(DT)(DT)(DC)(DT)(DC)(DT)(DG)(DT)(DT)(DT)(DT)(DG)' TTCTCTGTTTTG D ? 
3 polydeoxyribonucleotide no no '(DC)(DA)(DA)(DA)(DA)(DC)(DA)(DG)(DA)(DG)(DA)' CAAAACAGAGA C ? 
# 
loop_
_pdbx_entity_nonpoly.entity_id 
_pdbx_entity_nonpoly.name 
_pdbx_entity_nonpoly.comp_id 
4 'ZINC ION'                           ZN  
5 'MAGNESIUM ION'                      MG  
6 GLYCEROL                             GOL 
7 "2'-DEOXYADENOSINE-5'-MONOPHOSPHATE" D5M 
8 water                                HOH 
# 
loop_
_entity_poly_seq.entity_id 
_entity_poly_seq.num 
_entity_poly_seq.mon_id 
_entity_poly_seq.hetero 
1 1   LEU n 
1 2   MET n 
1 3   LEU n 
1 4   HIS n 
1 5   LYS n 
1 6   ARG n 
1 7   ASN n 
1 8   ILE n 
1 9   CYS n 
1 10  PRO n 
1 11  ILE n 
1 12  LYS n 
1 13  GLY n 
1 14  CYS n 
1 15  GLY n 
1 16  LYS n 
1 17  ASN n 
1 18  PHE n 
1 19  PHE n 
1 20  SER n 
1 21  HIS n 
1 22  LYS n 
1 23  TYR n 
1 24  LEU n 
1 25  VAL n 
1 26  GLN n 
1 27  HIS n 
1 28  GLN n 
1 29  ARG n 
1 30  VAL n 
1 31  HIS n 
1 32  SER n 
1 33  ASP n 
1 34  ASP n 
1 35  ARG n 
1 36  PRO n 
1 37  LEU n 
1 38  LYS n 
1 39  CYS n 
1 40  PRO n 
1 41  TRP n 
1 42  LYS n 
1 43  GLY n 
1 44  CYS n 
1 45  LYS n 
1 46  MET n 
1 47  THR n 
1 48  PHE n 
1 49  LYS n 
1 50  TRP n 
1 51  ALA n 
1 52  TRP n 
1 53  SER n 
1 54  ARG n 
1 55  THR n 
1 56  GLU n 
1 57  HIS n 
1 58  ILE n 
1 59  ARG n 
1 60  VAL n 
1 61  HIS n 
1 62  THR n 
1 63  GLY n 
1 64  ALA n 
1 65  ARG n 
1 66  PRO n 
1 67  TYR n 
1 68  VAL n 
1 69  CYS n 
1 70  ALA n 
1 71  GLU n 
1 72  PRO n 
1 73  ASP n 
1 74  CYS n 
1 75  GLY n 
1 76  GLN n 
1 77  THR n 
1 78  PHE n 
1 79  ARG n 
1 80  PHE n 
1 81  VAL n 
1 82  SER n 
1 83  ASP n 
1 84  PHE n 
1 85  SER n 
1 86  ARG n 
1 87  HIS n 
1 88  LYS n 
1 89  ARG n 
1 90  LYS n 
1 91  THR n 
1 92  GLY n 
1 93  HIS n 
1 94  SER n 
1 95  VAL n 
1 96  LYS n 
1 97  LYS n 
1 98  THR n 
1 99  ASN n 
1 100 LYS n 
1 101 ARG n 
2 1   DT  n 
2 2   DT  n 
2 3   DC  n 
2 4   DT  n 
2 5   DC  n 
2 6   DT  n 
2 7   DG  n 
2 8   DT  n 
2 9   DT  n 
2 10  DT  n 
2 11  DT  n 
2 12  DG  n 
3 1   DC  n 
3 2   DA  n 
3 3   DA  n 
3 4   DA  n 
3 5   DA  n 
3 6   DC  n 
3 7   DA  n 
3 8   DG  n 
3 9   DA  n 
3 10  DG  n 
3 11  DA  n 
# 
_entity_src_gen.entity_id                          1 
_entity_src_gen.pdbx_src_id                        1 
_entity_src_gen.pdbx_alt_source_flag               sample 
_entity_src_gen.pdbx_seq_type                      'Biological sequence' 
_entity_src_gen.pdbx_beg_seq_num                   1 
_entity_src_gen.pdbx_end_seq_num                   101 
_entity_src_gen.gene_src_common_name               'Mouse-ear cress' 
_entity_src_gen.gene_src_genus                     ? 
_entity_src_gen.pdbx_gene_src_gene                 'REF6, JMJ12, PKDM9A, At3g48430, T29H11_50' 
_entity_src_gen.gene_src_species                   ? 
_entity_src_gen.gene_src_strain                    ? 
_entity_src_gen.gene_src_tissue                    ? 
_entity_src_gen.gene_src_tissue_fraction           ? 
_entity_src_gen.gene_src_details                   ? 
_entity_src_gen.pdbx_gene_src_fragment             ? 
_entity_src_gen.pdbx_gene_src_scientific_name      'Arabidopsis thaliana' 
_entity_src_gen.pdbx_gene_src_ncbi_taxonomy_id     3702 
_entity_src_gen.pdbx_gene_src_variant              ? 
_entity_src_gen.pdbx_gene_src_cell_line            ? 
_entity_src_gen.pdbx_gene_src_atcc                 ? 
_entity_src_gen.pdbx_gene_src_organ                ? 
_entity_src_gen.pdbx_gene_src_organelle            ? 
_entity_src_gen.pdbx_gene_src_cell                 ? 
_entity_src_gen.pdbx_gene_src_cellular_location    ? 
_entity_src_gen.host_org_common_name               ? 
_entity_src_gen.pdbx_host_org_scientific_name      'Escherichia coli' 
_entity_src_gen.pdbx_host_org_ncbi_taxonomy_id     562 
_entity_src_gen.host_org_genus                     ? 
_entity_src_gen.pdbx_host_org_gene                 ? 
_entity_src_gen.pdbx_host_org_organ                ? 
_entity_src_gen.host_org_species                   ? 
_entity_src_gen.pdbx_host_org_tissue               ? 
_entity_src_gen.pdbx_host_org_tissue_fraction      ? 
_entity_src_gen.pdbx_host_org_strain               ? 
_entity_src_gen.pdbx_host_org_variant              ? 
_entity_src_gen.pdbx_host_org_cell_line            ? 
_entity_src_gen.pdbx_host_org_atcc                 ? 
_entity_src_gen.pdbx_host_org_culture_collection   ? 
_entity_src_gen.pdbx_host_org_cell                 ? 
_entity_src_gen.pdbx_host_org_organelle            ? 
_entity_src_gen.pdbx_host_org_cellular_location    ? 
_entity_src_gen.pdbx_host_org_vector_type          ? 
_entity_src_gen.pdbx_host_org_vector               ? 
_entity_src_gen.host_org_details                   ? 
_entity_src_gen.expression_system_id               ? 
_entity_src_gen.plasmid_name                       ? 
_entity_src_gen.plasmid_details                    ? 
_entity_src_gen.pdbx_description                   ? 
# 
loop_
_pdbx_entity_src_syn.entity_id 
_pdbx_entity_src_syn.pdbx_src_id 
_pdbx_entity_src_syn.pdbx_alt_source_flag 
_pdbx_entity_src_syn.pdbx_beg_seq_num 
_pdbx_entity_src_syn.pdbx_end_seq_num 
_pdbx_entity_src_syn.organism_scientific 
_pdbx_entity_src_syn.organism_common_name 
_pdbx_entity_src_syn.ncbi_taxonomy_id 
_pdbx_entity_src_syn.details 
2 1 sample 1 12 'synthetic construct' ? 32630 ? 
3 1 sample 1 11 'synthetic construct' ? 32630 ? 
# 
loop_
_chem_comp.id 
_chem_comp.type 
_chem_comp.mon_nstd_flag 
_chem_comp.name 
_chem_comp.pdbx_synonyms 
_chem_comp.formula 
_chem_comp.formula_weight 
ALA 'L-peptide linking' y ALANINE                              ?                               'C3 H7 N O2'      89.093  
ARG 'L-peptide linking' y ARGININE                             ?                               'C6 H15 N4 O2 1'  175.209 
ASN 'L-peptide linking' y ASPARAGINE                           ?                               'C4 H8 N2 O3'     132.118 
ASP 'L-peptide linking' y 'ASPARTIC ACID'                      ?                               'C4 H7 N O4'      133.103 
CYS 'L-peptide linking' y CYSTEINE                             ?                               'C3 H7 N O2 S'    121.158 
D5M non-polymer         . "2'-DEOXYADENOSINE-5'-MONOPHOSPHATE" ?                               'C10 H14 N5 O6 P' 331.222 
DA  'DNA linking'       y "2'-DEOXYADENOSINE-5'-MONOPHOSPHATE" ?                               'C10 H14 N5 O6 P' 331.222 
DC  'DNA linking'       y "2'-DEOXYCYTIDINE-5'-MONOPHOSPHATE"  ?                               'C9 H14 N3 O7 P'  307.197 
DG  'DNA linking'       y "2'-DEOXYGUANOSINE-5'-MONOPHOSPHATE" ?                               'C10 H14 N5 O7 P' 347.221 
DT  'DNA linking'       y "THYMIDINE-5'-MONOPHOSPHATE"         ?                               'C10 H15 N2 O8 P' 322.208 
GLN 'L-peptide linking' y GLUTAMINE                            ?                               'C5 H10 N2 O3'    146.144 
GLU 'L-peptide linking' y 'GLUTAMIC ACID'                      ?                               'C5 H9 N O4'      147.129 
GLY 'peptide linking'   y GLYCINE                              ?                               'C2 H5 N O2'      75.067  
GOL non-polymer         . GLYCEROL                             'GLYCERIN; PROPANE-1,2,3-TRIOL' 'C3 H8 O3'        92.094  
HIS 'L-peptide linking' y HISTIDINE                            ?                               'C6 H10 N3 O2 1'  156.162 
HOH non-polymer         . WATER                                ?                               'H2 O'            18.015  
ILE 'L-peptide linking' y ISOLEUCINE                           ?                               'C6 H13 N O2'     131.173 
LEU 'L-peptide linking' y LEUCINE                              ?                               'C6 H13 N O2'     131.173 
LYS 'L-peptide linking' y LYSINE                               ?                               'C6 H15 N2 O2 1'  147.195 
MET 'L-peptide linking' y METHIONINE                           ?                               'C5 H11 N O2 S'   149.211 
MG  non-polymer         . 'MAGNESIUM ION'                      ?                               'Mg 2'            24.305  
PHE 'L-peptide linking' y PHENYLALANINE                        ?                               'C9 H11 N O2'     165.189 
PRO 'L-peptide linking' y PROLINE                              ?                               'C5 H9 N O2'      115.130 
SER 'L-peptide linking' y SERINE                               ?                               'C3 H7 N O3'      105.093 
THR 'L-peptide linking' y THREONINE                            ?                               'C4 H9 N O3'      119.119 
TRP 'L-peptide linking' y TRYPTOPHAN                           ?                               'C11 H12 N2 O2'   204.225 
TYR 'L-peptide linking' y TYROSINE                             ?                               'C9 H11 N O3'     181.189 
VAL 'L-peptide linking' y VALINE                               ?                               'C5 H11 N O2'     117.146 
ZN  non-polymer         . 'ZINC ION'                           ?                               'Zn 2'            65.409  
# 
loop_
_pdbx_poly_seq_scheme.asym_id 
_pdbx_poly_seq_scheme.entity_id 
_pdbx_poly_seq_scheme.seq_id 
_pdbx_poly_seq_scheme.mon_id 
_pdbx_poly_seq_scheme.ndb_seq_num 
_pdbx_poly_seq_scheme.pdb_seq_num 
_pdbx_poly_seq_scheme.auth_seq_num 
_pdbx_poly_seq_scheme.pdb_mon_id 
_pdbx_poly_seq_scheme.auth_mon_id 
_pdbx_poly_seq_scheme.pdb_strand_id 
_pdbx_poly_seq_scheme.pdb_ins_code 
_pdbx_poly_seq_scheme.hetero 
A 1 1   LEU 1   1260 ?    ?   ?   A . n 
A 1 2   MET 2   1261 ?    ?   ?   A . n 
A 1 3   LEU 3   1262 ?    ?   ?   A . n 
A 1 4   HIS 4   1263 ?    ?   ?   A . n 
A 1 5   LYS 5   1264 ?    ?   ?   A . n 
A 1 6   ARG 6   1265 1265 ARG ARG A . n 
A 1 7   ASN 7   1266 1266 ASN ASN A . n 
A 1 8   ILE 8   1267 1267 ILE ILE A . n 
A 1 9   CYS 9   1268 1268 CYS CYS A . n 
A 1 10  PRO 10  1269 1269 PRO PRO A . n 
A 1 11  ILE 11  1270 1270 ILE ILE A . n 
A 1 12  LYS 12  1271 1271 LYS LYS A . n 
A 1 13  GLY 13  1272 1272 GLY GLY A . n 
A 1 14  CYS 14  1273 1273 CYS CYS A . n 
A 1 15  GLY 15  1274 1274 GLY GLY A . n 
A 1 16  LYS 16  1275 1275 LYS LYS A . n 
A 1 17  ASN 17  1276 1276 ASN ASN A . n 
A 1 18  PHE 18  1277 1277 PHE PHE A . n 
A 1 19  PHE 19  1278 1278 PHE PHE A . n 
A 1 20  SER 20  1279 1279 SER SER A . n 
A 1 21  HIS 21  1280 1280 HIS HIS A . n 
A 1 22  LYS 22  1281 1281 LYS LYS A . n 
A 1 23  TYR 23  1282 1282 TYR TYR A . n 
A 1 24  LEU 24  1283 1283 LEU LEU A . n 
A 1 25  VAL 25  1284 1284 VAL VAL A . n 
A 1 26  GLN 26  1285 1285 GLN GLN A . n 
A 1 27  HIS 27  1286 1286 HIS HIS A . n 
A 1 28  GLN 28  1287 1287 GLN GLN A . n 
A 1 29  ARG 29  1288 1288 ARG ARG A . n 
A 1 30  VAL 30  1289 1289 VAL VAL A . n 
A 1 31  HIS 31  1290 1290 HIS HIS A . n 
A 1 32  SER 32  1291 1291 SER SER A . n 
A 1 33  ASP 33  1292 1292 ASP ASP A . n 
A 1 34  ASP 34  1293 1293 ASP ASP A . n 
A 1 35  ARG 35  1294 1294 ARG ARG A . n 
A 1 36  PRO 36  1295 1295 PRO PRO A . n 
A 1 37  LEU 37  1296 1296 LEU LEU A . n 
A 1 38  LYS 38  1297 1297 LYS LYS A . n 
A 1 39  CYS 39  1298 1298 CYS CYS A . n 
A 1 40  PRO 40  1299 1299 PRO PRO A . n 
A 1 41  TRP 41  1300 1300 TRP TRP A . n 
A 1 42  LYS 42  1301 1301 LYS LYS A . n 
A 1 43  GLY 43  1302 1302 GLY GLY A . n 
A 1 44  CYS 44  1303 1303 CYS CYS A . n 
A 1 45  LYS 45  1304 1304 LYS LYS A . n 
A 1 46  MET 46  1305 1305 MET MET A . n 
A 1 47  THR 47  1306 1306 THR THR A . n 
A 1 48  PHE 48  1307 1307 PHE PHE A . n 
A 1 49  LYS 49  1308 1308 LYS LYS A . n 
A 1 50  TRP 50  1309 1309 TRP TRP A . n 
A 1 51  ALA 51  1310 1310 ALA ALA A . n 
A 1 52  TRP 52  1311 1311 TRP TRP A . n 
A 1 53  SER 53  1312 1312 SER SER A . n 
A 1 54  ARG 54  1313 1313 ARG ARG A . n 
A 1 55  THR 55  1314 1314 THR THR A . n 
A 1 56  GLU 56  1315 1315 GLU GLU A . n 
A 1 57  HIS 57  1316 1316 HIS HIS A . n 
A 1 58  ILE 58  1317 1317 ILE ILE A . n 
A 1 59  ARG 59  1318 1318 ARG ARG A . n 
A 1 60  VAL 60  1319 1319 VAL VAL A . n 
A 1 61  HIS 61  1320 1320 HIS HIS A . n 
A 1 62  THR 62  1321 1321 THR THR A . n 
A 1 63  GLY 63  1322 1322 GLY GLY A . n 
A 1 64  ALA 64  1323 1323 ALA ALA A . n 
A 1 65  ARG 65  1324 1324 ARG ARG A . n 
A 1 66  PRO 66  1325 1325 PRO PRO A . n 
A 1 67  TYR 67  1326 1326 TYR TYR A . n 
A 1 68  VAL 68  1327 1327 VAL VAL A . n 
A 1 69  CYS 69  1328 1328 CYS CYS A . n 
A 1 70  ALA 70  1329 1329 ALA ALA A . n 
A 1 71  GLU 71  1330 1330 GLU GLU A . n 
A 1 72  PRO 72  1331 1331 PRO PRO A . n 
A 1 73  ASP 73  1332 1332 ASP ASP A . n 
A 1 74  CYS 74  1333 1333 CYS CYS A . n 
A 1 75  GLY 75  1334 1334 GLY GLY A . n 
A 1 76  GLN 76  1335 1335 GLN GLN A . n 
A 1 77  THR 77  1336 1336 THR THR A . n 
A 1 78  PHE 78  1337 1337 PHE PHE A . n 
A 1 79  ARG 79  1338 1338 ARG ARG A . n 
A 1 80  PHE 80  1339 1339 PHE PHE A . n 
A 1 81  VAL 81  1340 1340 VAL VAL A . n 
A 1 82  SER 82  1341 1341 SER SER A . n 
A 1 83  ASP 83  1342 1342 ASP ASP A . n 
A 1 84  PHE 84  1343 1343 PHE PHE A . n 
A 1 85  SER 85  1344 1344 SER SER A . n 
A 1 86  ARG 86  1345 1345 ARG ARG A . n 
A 1 87  HIS 87  1346 1346 HIS HIS A . n 
A 1 88  LYS 88  1347 1347 LYS LYS A . n 
A 1 89  ARG 89  1348 1348 ARG ARG A . n 
A 1 90  LYS 90  1349 1349 LYS LYS A . n 
A 1 91  THR 91  1350 1350 THR THR A . n 
A 1 92  GLY 92  1351 1351 GLY GLY A . n 
A 1 93  HIS 93  1352 1352 HIS HIS A . n 
A 1 94  SER 94  1353 1353 SER SER A . n 
A 1 95  VAL 95  1354 ?    ?   ?   A . n 
A 1 96  LYS 96  1355 ?    ?   ?   A . n 
A 1 97  LYS 97  1356 ?    ?   ?   A . n 
A 1 98  THR 98  1357 ?    ?   ?   A . n 
A 1 99  ASN 99  1358 ?    ?   ?   A . n 
A 1 100 LYS 100 1359 ?    ?   ?   A . n 
A 1 101 ARG 101 1360 ?    ?   ?   A . n 
B 2 1   DT  1   1    1    DT  DT  D . n 
B 2 2   DT  2   2    2    DT  DT  D . n 
B 2 3   DC  3   3    3    DC  DC  D . n 
B 2 4   DT  4   4    4    DT  DT  D . n 
B 2 5   DC  5   5    5    DC  DC  D . n 
B 2 6   DT  6   6    6    DT  DT  D . n 
B 2 7   DG  7   7    7    DG  DG  D . n 
B 2 8   DT  8   8    8    DT  DT  D . n 
B 2 9   DT  9   9    9    DT  DT  D . n 
B 2 10  DT  10  10   10   DT  DT  D . n 
B 2 11  DT  11  11   11   DT  DT  D . n 
B 2 12  DG  12  12   12   DG  DG  D . n 
C 3 1   DC  1   1    1    DC  DC  C . n 
C 3 2   DA  2   2    2    DA  DA  C . n 
C 3 3   DA  3   3    3    DA  DA  C . n 
C 3 4   DA  4   4    4    DA  DA  C . n 
C 3 5   DA  5   5    5    DA  DA  C . n 
C 3 6   DC  6   6    6    DC  DC  C . n 
C 3 7   DA  7   7    7    DA  DA  C . n 
C 3 8   DG  8   8    8    DG  DG  C . n 
C 3 9   DA  9   9    9    DA  DA  C . n 
C 3 10  DG  10  10   10   DG  DG  C . n 
C 3 11  DA  11  11   11   DA  DA  C . n 
# 
loop_
_pdbx_nonpoly_scheme.asym_id 
_pdbx_nonpoly_scheme.entity_id 
_pdbx_nonpoly_scheme.mon_id 
_pdbx_nonpoly_scheme.ndb_seq_num 
_pdbx_nonpoly_scheme.pdb_seq_num 
_pdbx_nonpoly_scheme.auth_seq_num 
_pdbx_nonpoly_scheme.pdb_mon_id 
_pdbx_nonpoly_scheme.auth_mon_id 
_pdbx_nonpoly_scheme.pdb_strand_id 
_pdbx_nonpoly_scheme.pdb_ins_code 
D 4 ZN  1 1401 1  ZN  ZN  A . 
E 4 ZN  1 1402 2  ZN  ZN  A . 
F 4 ZN  1 1403 3  ZN  ZN  A . 
G 5 MG  1 1404 1  MG  MG  A . 
H 6 GOL 1 101  1  GOL GOL D . 
I 7 D5M 1 101  12 D5M DA  C . 
J 8 HOH 1 1501 29 HOH HOH A . 
J 8 HOH 2 1502 33 HOH HOH A . 
J 8 HOH 3 1503 8  HOH HOH A . 
J 8 HOH 4 1504 1  HOH HOH A . 
J 8 HOH 5 1505 3  HOH HOH A . 
J 8 HOH 6 1506 30 HOH HOH A . 
J 8 HOH 7 1507 21 HOH HOH A . 
J 8 HOH 8 1508 14 HOH HOH A . 
J 8 HOH 9 1509 32 HOH HOH A . 
K 8 HOH 1 201  38 HOH HOH D . 
K 8 HOH 2 202  7  HOH HOH D . 
K 8 HOH 3 203  6  HOH HOH D . 
K 8 HOH 4 204  12 HOH HOH D . 
K 8 HOH 5 205  5  HOH HOH D . 
K 8 HOH 6 206  4  HOH HOH D . 
K 8 HOH 7 207  9  HOH HOH D . 
K 8 HOH 8 208  39 HOH HOH D . 
L 8 HOH 1 201  28 HOH HOH C . 
L 8 HOH 2 202  11 HOH HOH C . 
L 8 HOH 3 203  16 HOH HOH C . 
L 8 HOH 4 204  34 HOH HOH C . 
L 8 HOH 5 205  13 HOH HOH C . 
L 8 HOH 6 206  26 HOH HOH C . 
L 8 HOH 7 207  18 HOH HOH C . 
# 
_pdbx_unobs_or_zero_occ_atoms.id               1 
_pdbx_unobs_or_zero_occ_atoms.PDB_model_num    1 
_pdbx_unobs_or_zero_occ_atoms.polymer_flag     N 
_pdbx_unobs_or_zero_occ_atoms.occupancy_flag   1 
_pdbx_unobs_or_zero_occ_atoms.auth_asym_id     C 
_pdbx_unobs_or_zero_occ_atoms.auth_comp_id     D5M 
_pdbx_unobs_or_zero_occ_atoms.auth_seq_id      101 
_pdbx_unobs_or_zero_occ_atoms.PDB_ins_code     ? 
_pdbx_unobs_or_zero_occ_atoms.auth_atom_id     O3P 
_pdbx_unobs_or_zero_occ_atoms.label_alt_id     ? 
_pdbx_unobs_or_zero_occ_atoms.label_asym_id    I 
_pdbx_unobs_or_zero_occ_atoms.label_comp_id    D5M 
_pdbx_unobs_or_zero_occ_atoms.label_seq_id     1 
_pdbx_unobs_or_zero_occ_atoms.label_atom_id    O3P 
# 
loop_
_software.citation_id 
_software.classification 
_software.compiler_name 
_software.compiler_version 
_software.contact_author 
_software.contact_author_email 
_software.date 
_software.description 
_software.dependencies 
_software.hardware 
_software.language 
_software.location 
_software.mods 
_software.name 
_software.os 
_software.os_version 
_software.type 
_software.version 
_software.pdbx_ordinal 
? refinement       ? ? ? ? ? ? ? ? ? ? ? REFMAC   ? ? ? 5.8.0135 1 
? 'data reduction' ? ? ? ? ? ? ? ? ? ? ? HKL-3000 ? ? ? .        2 
? 'data scaling'   ? ? ? ? ? ? ? ? ? ? ? HKL-3000 ? ? ? .        3 
? phasing          ? ? ? ? ? ? ? ? ? ? ? PHASER   ? ? ? .        4 
# 
_cell.angle_alpha                  90.00 
_cell.angle_alpha_esd              ? 
_cell.angle_beta                   90.00 
_cell.angle_beta_esd               ? 
_cell.angle_gamma                  90.00 
_cell.angle_gamma_esd              ? 
_cell.entry_id                     6JNL 
_cell.details                      ? 
_cell.formula_units_Z              ? 
_cell.length_a                     89.160 
_cell.length_a_esd                 ? 
_cell.length_b                     89.160 
_cell.length_b_esd                 ? 
_cell.length_c                     72.603 
_cell.length_c_esd                 ? 
_cell.volume                       ? 
_cell.volume_esd                   ? 
_cell.Z_PDB                        8 
_cell.reciprocal_angle_alpha       ? 
_cell.reciprocal_angle_beta        ? 
_cell.reciprocal_angle_gamma       ? 
_cell.reciprocal_angle_alpha_esd   ? 
_cell.reciprocal_angle_beta_esd    ? 
_cell.reciprocal_angle_gamma_esd   ? 
_cell.reciprocal_length_a          ? 
_cell.reciprocal_length_b          ? 
_cell.reciprocal_length_c          ? 
_cell.reciprocal_length_a_esd      ? 
_cell.reciprocal_length_b_esd      ? 
_cell.reciprocal_length_c_esd      ? 
_cell.pdbx_unique_axis             ? 
# 
_symmetry.entry_id                         6JNL 
_symmetry.cell_setting                     ? 
_symmetry.Int_Tables_number                96 
_symmetry.space_group_name_Hall            ? 
_symmetry.space_group_name_H-M             'P 43 21 2' 
_symmetry.pdbx_full_space_group_name_H-M   ? 
# 
_exptl.absorpt_coefficient_mu     ? 
_exptl.absorpt_correction_T_max   ? 
_exptl.absorpt_correction_T_min   ? 
_exptl.absorpt_correction_type    ? 
_exptl.absorpt_process_details    ? 
_exptl.entry_id                   6JNL 
_exptl.crystals_number            1 
_exptl.details                    ? 
_exptl.method                     'X-RAY DIFFRACTION' 
_exptl.method_details             ? 
# 
_exptl_crystal.colour                      ? 
_exptl_crystal.density_diffrn              ? 
_exptl_crystal.density_Matthews            3.79 
_exptl_crystal.density_method              ? 
_exptl_crystal.density_percent_sol         67.55 
_exptl_crystal.description                 ? 
_exptl_crystal.F_000                       ? 
_exptl_crystal.id                          1 
_exptl_crystal.preparation                 ? 
_exptl_crystal.size_max                    ? 
_exptl_crystal.size_mid                    ? 
_exptl_crystal.size_min                    ? 
_exptl_crystal.size_rad                    ? 
_exptl_crystal.colour_lustre               ? 
_exptl_crystal.colour_modifier             ? 
_exptl_crystal.colour_primary              ? 
_exptl_crystal.density_meas                ? 
_exptl_crystal.density_meas_esd            ? 
_exptl_crystal.density_meas_gt             ? 
_exptl_crystal.density_meas_lt             ? 
_exptl_crystal.density_meas_temp           ? 
_exptl_crystal.density_meas_temp_esd       ? 
_exptl_crystal.density_meas_temp_gt        ? 
_exptl_crystal.density_meas_temp_lt        ? 
_exptl_crystal.pdbx_crystal_image_url      ? 
_exptl_crystal.pdbx_crystal_image_format   ? 
_exptl_crystal.pdbx_mosaicity              ? 
_exptl_crystal.pdbx_mosaicity_esd          ? 
# 
_exptl_crystal_grow.apparatus       ? 
_exptl_crystal_grow.atmosphere      ? 
_exptl_crystal_grow.crystal_id      1 
_exptl_crystal_grow.details         ? 
_exptl_crystal_grow.method          'VAPOR DIFFUSION, HANGING DROP' 
_exptl_crystal_grow.method_ref      ? 
_exptl_crystal_grow.pH              ? 
_exptl_crystal_grow.pressure        ? 
_exptl_crystal_grow.pressure_esd    ? 
_exptl_crystal_grow.seeding         ? 
_exptl_crystal_grow.seeding_ref     ? 
_exptl_crystal_grow.temp            293 
_exptl_crystal_grow.temp_details    ? 
_exptl_crystal_grow.temp_esd        ? 
_exptl_crystal_grow.time            ? 
_exptl_crystal_grow.pdbx_details    '12% PEG 3,350, 0.2 M NH4F' 
_exptl_crystal_grow.pdbx_pH_range   ? 
# 
_diffrn.ambient_environment              ? 
_diffrn.ambient_temp                     100 
_diffrn.ambient_temp_details             ? 
_diffrn.ambient_temp_esd                 ? 
_diffrn.crystal_id                       1 
_diffrn.crystal_support                  ? 
_diffrn.crystal_treatment                ? 
_diffrn.details                          ? 
_diffrn.id                               1 
_diffrn.ambient_pressure                 ? 
_diffrn.ambient_pressure_esd             ? 
_diffrn.ambient_pressure_gt              ? 
_diffrn.ambient_pressure_lt              ? 
_diffrn.ambient_temp_gt                  ? 
_diffrn.ambient_temp_lt                  ? 
_diffrn.pdbx_serial_crystal_experiment   N 
# 
_diffrn_detector.details                      ? 
_diffrn_detector.detector                     PIXEL 
_diffrn_detector.diffrn_id                    1 
_diffrn_detector.type                         'DECTRIS PILATUS3 S 6M' 
_diffrn_detector.area_resol_mean              ? 
_diffrn_detector.dtime                        ? 
_diffrn_detector.pdbx_frames_total            ? 
_diffrn_detector.pdbx_collection_time_total   ? 
_diffrn_detector.pdbx_collection_date         2016-04-18 
_diffrn_detector.pdbx_frequency               ? 
# 
_diffrn_radiation.collimation                      ? 
_diffrn_radiation.diffrn_id                        1 
_diffrn_radiation.filter_edge                      ? 
_diffrn_radiation.inhomogeneity                    ? 
_diffrn_radiation.monochromator                    ? 
_diffrn_radiation.polarisn_norm                    ? 
_diffrn_radiation.polarisn_ratio                   ? 
_diffrn_radiation.probe                            ? 
_diffrn_radiation.type                             ? 
_diffrn_radiation.xray_symbol                      ? 
_diffrn_radiation.wavelength_id                    1 
_diffrn_radiation.pdbx_monochromatic_or_laue_m_l   M 
_diffrn_radiation.pdbx_wavelength_list             ? 
_diffrn_radiation.pdbx_wavelength                  ? 
_diffrn_radiation.pdbx_diffrn_protocol             'SINGLE WAVELENGTH' 
_diffrn_radiation.pdbx_analyzer                    ? 
_diffrn_radiation.pdbx_scattering_type             x-ray 
# 
_diffrn_radiation_wavelength.id           1 
_diffrn_radiation_wavelength.wavelength   0.97853 
_diffrn_radiation_wavelength.wt           1.0 
# 
_diffrn_source.current                     ? 
_diffrn_source.details                     ? 
_diffrn_source.diffrn_id                   1 
_diffrn_source.power                       ? 
_diffrn_source.size                        ? 
_diffrn_source.source                      SYNCHROTRON 
_diffrn_source.target                      ? 
_diffrn_source.type                        'SSRF BEAMLINE BL19U1' 
_diffrn_source.voltage                     ? 
_diffrn_source.take-off_angle              ? 
_diffrn_source.pdbx_wavelength_list        0.97853 
_diffrn_source.pdbx_wavelength             ? 
_diffrn_source.pdbx_synchrotron_beamline   BL19U1 
_diffrn_source.pdbx_synchrotron_site       SSRF 
# 
_reflns.B_iso_Wilson_estimate            ? 
_reflns.entry_id                         6JNL 
_reflns.data_reduction_details           ? 
_reflns.data_reduction_method            ? 
_reflns.d_resolution_high                2.05 
_reflns.d_resolution_low                 30 
_reflns.details                          ? 
_reflns.limit_h_max                      ? 
_reflns.limit_h_min                      ? 
_reflns.limit_k_max                      ? 
_reflns.limit_k_min                      ? 
_reflns.limit_l_max                      ? 
_reflns.limit_l_min                      ? 
_reflns.number_all                       ? 
_reflns.number_obs                       18924 
_reflns.observed_criterion               ? 
_reflns.observed_criterion_F_max         ? 
_reflns.observed_criterion_F_min         ? 
_reflns.observed_criterion_I_max         ? 
_reflns.observed_criterion_I_min         ? 
_reflns.observed_criterion_sigma_F       ? 
_reflns.observed_criterion_sigma_I       ? 
_reflns.percent_possible_obs             99.9 
_reflns.R_free_details                   ? 
_reflns.Rmerge_F_all                     ? 
_reflns.Rmerge_F_obs                     ? 
_reflns.Friedel_coverage                 ? 
_reflns.number_gt                        ? 
_reflns.threshold_expression             ? 
_reflns.pdbx_redundancy                  17.7 
_reflns.pdbx_Rmerge_I_obs                0.053 
_reflns.pdbx_Rmerge_I_all                ? 
_reflns.pdbx_Rsym_value                  ? 
_reflns.pdbx_netI_over_av_sigmaI         ? 
_reflns.pdbx_netI_over_sigmaI            52.16 
_reflns.pdbx_res_netI_over_av_sigmaI_2   ? 
_reflns.pdbx_res_netI_over_sigmaI_2      ? 
_reflns.pdbx_chi_squared                 ? 
_reflns.pdbx_scaling_rejects             ? 
_reflns.pdbx_d_res_high_opt              ? 
_reflns.pdbx_d_res_low_opt               ? 
_reflns.pdbx_d_res_opt_method            ? 
_reflns.phase_calculation_details        ? 
_reflns.pdbx_Rrim_I_all                  ? 
_reflns.pdbx_Rpim_I_all                  ? 
_reflns.pdbx_d_opt                       ? 
_reflns.pdbx_number_measured_all         ? 
_reflns.pdbx_diffrn_id                   1 
_reflns.pdbx_ordinal                     1 
_reflns.pdbx_CC_half                     ? 
_reflns.pdbx_R_split                     ? 
# 
_reflns_shell.d_res_high                  2.05 
_reflns_shell.d_res_low                   2.12 
_reflns_shell.meanI_over_sigI_all         ? 
_reflns_shell.meanI_over_sigI_obs         ? 
_reflns_shell.number_measured_all         ? 
_reflns_shell.number_measured_obs         ? 
_reflns_shell.number_possible             ? 
_reflns_shell.number_unique_all           ? 
_reflns_shell.number_unique_obs           1211 
_reflns_shell.percent_possible_all        ? 
_reflns_shell.percent_possible_obs        ? 
_reflns_shell.Rmerge_F_all                ? 
_reflns_shell.Rmerge_F_obs                ? 
_reflns_shell.Rmerge_I_all                ? 
_reflns_shell.Rmerge_I_obs                0.59 
_reflns_shell.meanI_over_sigI_gt          ? 
_reflns_shell.meanI_over_uI_all           ? 
_reflns_shell.meanI_over_uI_gt            ? 
_reflns_shell.number_measured_gt          ? 
_reflns_shell.number_unique_gt            ? 
_reflns_shell.percent_possible_gt         ? 
_reflns_shell.Rmerge_F_gt                 ? 
_reflns_shell.Rmerge_I_gt                 ? 
_reflns_shell.pdbx_redundancy             ? 
_reflns_shell.pdbx_Rsym_value             ? 
_reflns_shell.pdbx_chi_squared            ? 
_reflns_shell.pdbx_netI_over_sigmaI_all   ? 
_reflns_shell.pdbx_netI_over_sigmaI_obs   ? 
_reflns_shell.pdbx_Rrim_I_all             ? 
_reflns_shell.pdbx_Rpim_I_all             ? 
_reflns_shell.pdbx_rejects                ? 
_reflns_shell.pdbx_ordinal                1 
_reflns_shell.pdbx_diffrn_id              1 
_reflns_shell.pdbx_CC_half                ? 
_reflns_shell.pdbx_R_split                ? 
# 
_refine.aniso_B[1][1]                            0.53 
_refine.aniso_B[1][2]                            0.00 
_refine.aniso_B[1][3]                            0.00 
_refine.aniso_B[2][2]                            0.53 
_refine.aniso_B[2][3]                            0.00 
_refine.aniso_B[3][3]                            -1.06 
_refine.B_iso_max                                ? 
_refine.B_iso_mean                               65.583 
_refine.B_iso_min                                ? 
_refine.correlation_coeff_Fo_to_Fc               0.966 
_refine.correlation_coeff_Fo_to_Fc_free          0.953 
_refine.details                                  'HYDROGENS HAVE BEEN ADDED IN THE RIDING POSITIONS' 
_refine.diff_density_max                         ? 
_refine.diff_density_max_esd                     ? 
_refine.diff_density_min                         ? 
_refine.diff_density_min_esd                     ? 
_refine.diff_density_rms                         ? 
_refine.diff_density_rms_esd                     ? 
_refine.entry_id                                 6JNL 
_refine.pdbx_refine_id                           'X-RAY DIFFRACTION' 
_refine.ls_abs_structure_details                 ? 
_refine.ls_abs_structure_Flack                   ? 
_refine.ls_abs_structure_Flack_esd               ? 
_refine.ls_abs_structure_Rogers                  ? 
_refine.ls_abs_structure_Rogers_esd              ? 
_refine.ls_d_res_high                            2.15 
_refine.ls_d_res_low                             30.00 
_refine.ls_extinction_coef                       ? 
_refine.ls_extinction_coef_esd                   ? 
_refine.ls_extinction_expression                 ? 
_refine.ls_extinction_method                     ? 
_refine.ls_goodness_of_fit_all                   ? 
_refine.ls_goodness_of_fit_all_esd               ? 
_refine.ls_goodness_of_fit_obs                   ? 
_refine.ls_goodness_of_fit_obs_esd               ? 
_refine.ls_hydrogen_treatment                    ? 
_refine.ls_matrix_type                           ? 
_refine.ls_number_constraints                    ? 
_refine.ls_number_parameters                     ? 
_refine.ls_number_reflns_all                     ? 
_refine.ls_number_reflns_obs                     15643 
_refine.ls_number_reflns_R_free                  810 
_refine.ls_number_reflns_R_work                  ? 
_refine.ls_number_restraints                     ? 
_refine.ls_percent_reflns_obs                    99.84 
_refine.ls_percent_reflns_R_free                 4.9 
_refine.ls_R_factor_all                          ? 
_refine.ls_R_factor_obs                          0.20701 
_refine.ls_R_factor_R_free                       0.24923 
_refine.ls_R_factor_R_free_error                 ? 
_refine.ls_R_factor_R_free_error_details         ? 
_refine.ls_R_factor_R_work                       0.20488 
_refine.ls_R_Fsqd_factor_obs                     ? 
_refine.ls_R_I_factor_obs                        ? 
_refine.ls_redundancy_reflns_all                 ? 
_refine.ls_redundancy_reflns_obs                 ? 
_refine.ls_restrained_S_all                      ? 
_refine.ls_restrained_S_obs                      ? 
_refine.ls_shift_over_esd_max                    ? 
_refine.ls_shift_over_esd_mean                   ? 
_refine.ls_structure_factor_coef                 ? 
_refine.ls_weighting_details                     ? 
_refine.ls_weighting_scheme                      ? 
_refine.ls_wR_factor_all                         ? 
_refine.ls_wR_factor_obs                         ? 
_refine.ls_wR_factor_R_free                      ? 
_refine.ls_wR_factor_R_work                      ? 
_refine.occupancy_max                            ? 
_refine.occupancy_min                            ? 
_refine.solvent_model_details                    ? 
_refine.solvent_model_param_bsol                 ? 
_refine.solvent_model_param_ksol                 ? 
_refine.ls_R_factor_gt                           ? 
_refine.ls_goodness_of_fit_gt                    ? 
_refine.ls_goodness_of_fit_ref                   ? 
_refine.ls_shift_over_su_max                     ? 
_refine.ls_shift_over_su_max_lt                  ? 
_refine.ls_shift_over_su_mean                    ? 
_refine.ls_shift_over_su_mean_lt                 ? 
_refine.pdbx_ls_sigma_I                          ? 
_refine.pdbx_ls_sigma_F                          ? 
_refine.pdbx_ls_sigma_Fsqd                       ? 
_refine.pdbx_data_cutoff_high_absF               ? 
_refine.pdbx_data_cutoff_high_rms_absF           ? 
_refine.pdbx_data_cutoff_low_absF                ? 
_refine.pdbx_isotropic_thermal_model             ? 
_refine.pdbx_ls_cross_valid_method               THROUGHOUT 
_refine.pdbx_method_to_determine_struct          'MOLECULAR REPLACEMENT' 
_refine.pdbx_starting_model                      4R2S 
_refine.pdbx_stereochemistry_target_values       ? 
_refine.pdbx_R_Free_selection_details            RANDOM 
_refine.pdbx_stereochem_target_val_spec_case     ? 
_refine.pdbx_overall_ESU_R                       0.155 
_refine.pdbx_overall_ESU_R_Free                  0.155 
_refine.pdbx_solvent_vdw_probe_radii             1.20 
_refine.pdbx_solvent_ion_probe_radii             0.80 
_refine.pdbx_solvent_shrinkage_radii             0.80 
_refine.pdbx_real_space_R                        ? 
_refine.pdbx_density_correlation                 ? 
_refine.pdbx_pd_number_of_powder_patterns        ? 
_refine.pdbx_pd_number_of_points                 ? 
_refine.pdbx_pd_meas_number_of_points            ? 
_refine.pdbx_pd_proc_ls_prof_R_factor            ? 
_refine.pdbx_pd_proc_ls_prof_wR_factor           ? 
_refine.pdbx_pd_Marquardt_correlation_coeff      ? 
_refine.pdbx_pd_Fsqrd_R_factor                   ? 
_refine.pdbx_pd_ls_matrix_band_width             ? 
_refine.pdbx_overall_phase_error                 ? 
_refine.pdbx_overall_SU_R_free_Cruickshank_DPI   ? 
_refine.pdbx_overall_SU_R_free_Blow_DPI          ? 
_refine.pdbx_overall_SU_R_Blow_DPI               ? 
_refine.pdbx_TLS_residual_ADP_flag               ? 
_refine.pdbx_diffrn_id                           1 
_refine.overall_SU_B                             5.888 
_refine.overall_SU_ML                            0.140 
_refine.overall_SU_R_Cruickshank_DPI             ? 
_refine.overall_SU_R_free                        ? 
_refine.overall_FOM_free_R_set                   ? 
_refine.overall_FOM_work_R_set                   ? 
_refine.pdbx_average_fsc_overall                 ? 
_refine.pdbx_average_fsc_work                    ? 
_refine.pdbx_average_fsc_free                    ? 
# 
_refine_hist.pdbx_refine_id                   'X-RAY DIFFRACTION' 
_refine_hist.cycle_id                         1 
_refine_hist.pdbx_number_atoms_protein        739 
_refine_hist.pdbx_number_atoms_nucleic_acid   465 
_refine_hist.pdbx_number_atoms_ligand         31 
_refine_hist.number_atoms_solvent             24 
_refine_hist.number_atoms_total               1259 
_refine_hist.d_res_high                       2.15 
_refine_hist.d_res_low                        30.00 
# 
loop_
_refine_ls_restr.pdbx_refine_id 
_refine_ls_restr.criterion 
_refine_ls_restr.dev_ideal 
_refine_ls_restr.dev_ideal_target 
_refine_ls_restr.number 
_refine_ls_restr.rejects 
_refine_ls_restr.type 
_refine_ls_restr.weight 
_refine_ls_restr.pdbx_restraint_function 
'X-RAY DIFFRACTION' ? 0.015  0.016  1312 ? r_bond_refined_d             ? ? 
'X-RAY DIFFRACTION' ? 0.003  0.020  991  ? r_bond_other_d               ? ? 
'X-RAY DIFFRACTION' ? 1.963  1.576  1863 ? r_angle_refined_deg          ? ? 
'X-RAY DIFFRACTION' ? 1.468  3.000  2298 ? r_angle_other_deg            ? ? 
'X-RAY DIFFRACTION' ? 7.388  5.000  88   ? r_dihedral_angle_1_deg       ? ? 
'X-RAY DIFFRACTION' ? 35.889 20.526 38   ? r_dihedral_angle_2_deg       ? ? 
'X-RAY DIFFRACTION' ? 19.334 15.000 132  ? r_dihedral_angle_3_deg       ? ? 
'X-RAY DIFFRACTION' ? 24.087 15.000 9    ? r_dihedral_angle_4_deg       ? ? 
'X-RAY DIFFRACTION' ? 0.102  0.200  171  ? r_chiral_restr               ? ? 
'X-RAY DIFFRACTION' ? 0.014  0.021  1132 ? r_gen_planes_refined         ? ? 
'X-RAY DIFFRACTION' ? 0.002  0.020  323  ? r_gen_planes_other           ? ? 
'X-RAY DIFFRACTION' ? ?      ?      ?    ? r_nbd_refined                ? ? 
'X-RAY DIFFRACTION' ? ?      ?      ?    ? r_nbd_other                  ? ? 
'X-RAY DIFFRACTION' ? ?      ?      ?    ? r_nbtor_refined              ? ? 
'X-RAY DIFFRACTION' ? ?      ?      ?    ? r_nbtor_other                ? ? 
'X-RAY DIFFRACTION' ? ?      ?      ?    ? r_xyhbond_nbd_refined        ? ? 
'X-RAY DIFFRACTION' ? ?      ?      ?    ? r_xyhbond_nbd_other          ? ? 
'X-RAY DIFFRACTION' ? ?      ?      ?    ? r_metal_ion_refined          ? ? 
'X-RAY DIFFRACTION' ? ?      ?      ?    ? r_metal_ion_other            ? ? 
'X-RAY DIFFRACTION' ? ?      ?      ?    ? r_symmetry_vdw_refined       ? ? 
'X-RAY DIFFRACTION' ? ?      ?      ?    ? r_symmetry_vdw_other         ? ? 
'X-RAY DIFFRACTION' ? ?      ?      ?    ? r_symmetry_hbond_refined     ? ? 
'X-RAY DIFFRACTION' ? ?      ?      ?    ? r_symmetry_hbond_other       ? ? 
'X-RAY DIFFRACTION' ? ?      ?      ?    ? r_symmetry_metal_ion_refined ? ? 
'X-RAY DIFFRACTION' ? ?      ?      ?    ? r_symmetry_metal_ion_other   ? ? 
'X-RAY DIFFRACTION' ? 5.633  6.716  355  ? r_mcbond_it                  ? ? 
'X-RAY DIFFRACTION' ? 5.632  6.711  354  ? r_mcbond_other               ? ? 
'X-RAY DIFFRACTION' ? 7.172  10.038 442  ? r_mcangle_it                 ? ? 
'X-RAY DIFFRACTION' ? 7.168  10.045 443  ? r_mcangle_other              ? ? 
'X-RAY DIFFRACTION' ? 6.142  6.446  957  ? r_scbond_it                  ? ? 
'X-RAY DIFFRACTION' ? 6.122  6.447  957  ? r_scbond_other               ? ? 
'X-RAY DIFFRACTION' ? ?      ?      ?    ? r_scangle_it                 ? ? 
'X-RAY DIFFRACTION' ? 7.871  9.559  1422 ? r_scangle_other              ? ? 
'X-RAY DIFFRACTION' ? 9.529  56.078 1716 ? r_long_range_B_refined       ? ? 
'X-RAY DIFFRACTION' ? 9.536  56.078 1717 ? r_long_range_B_other         ? ? 
'X-RAY DIFFRACTION' ? ?      ?      ?    ? r_rigid_bond_restr           ? ? 
'X-RAY DIFFRACTION' ? ?      ?      ?    ? r_sphericity_free            ? ? 
'X-RAY DIFFRACTION' ? ?      ?      ?    ? r_sphericity_bonded          ? ? 
# 
_refine_ls_shell.pdbx_refine_id                   'X-RAY DIFFRACTION' 
_refine_ls_shell.d_res_high                       2.150 
_refine_ls_shell.d_res_low                        2.206 
_refine_ls_shell.number_reflns_all                ? 
_refine_ls_shell.number_reflns_obs                ? 
_refine_ls_shell.number_reflns_R_free             67 
_refine_ls_shell.number_reflns_R_work             1131 
_refine_ls_shell.percent_reflns_obs               99.92 
_refine_ls_shell.percent_reflns_R_free            ? 
_refine_ls_shell.R_factor_all                     ? 
_refine_ls_shell.R_factor_obs                     ? 
_refine_ls_shell.R_factor_R_free                  0.359 
_refine_ls_shell.R_factor_R_free_error            ? 
_refine_ls_shell.R_factor_R_work                  0.353 
_refine_ls_shell.redundancy_reflns_all            ? 
_refine_ls_shell.redundancy_reflns_obs            ? 
_refine_ls_shell.wR_factor_all                    ? 
_refine_ls_shell.wR_factor_obs                    ? 
_refine_ls_shell.wR_factor_R_free                 ? 
_refine_ls_shell.wR_factor_R_work                 ? 
_refine_ls_shell.pdbx_total_number_of_bins_used   20 
_refine_ls_shell.pdbx_phase_error                 ? 
_refine_ls_shell.pdbx_fsc_work                    ? 
_refine_ls_shell.pdbx_fsc_free                    ? 
# 
_struct.entry_id                     6JNL 
_struct.title                        'REF6 ZnF2-4-NAC004 complex' 
_struct.pdbx_model_details           ? 
_struct.pdbx_formula_weight          ? 
_struct.pdbx_formula_weight_method   ? 
_struct.pdbx_model_type_details      ? 
_struct.pdbx_CASP_flag               N 
# 
_struct_keywords.entry_id        6JNL 
_struct_keywords.text            'REF6, zinc finger, 5mC, DNA complex, DNA BINDING PROTEIN-DNA complex' 
_struct_keywords.pdbx_keywords   'DNA BINDING PROTEIN/DNA' 
# 
loop_
_struct_asym.id 
_struct_asym.pdbx_blank_PDB_chainid_flag 
_struct_asym.pdbx_modified 
_struct_asym.entity_id 
_struct_asym.details 
A N N 1 ? 
B N N 2 ? 
C N N 3 ? 
D N N 4 ? 
E N N 4 ? 
F N N 4 ? 
G N N 5 ? 
H N N 6 ? 
I N N 7 ? 
J N N 8 ? 
K N N 8 ? 
L N N 8 ? 
# 
loop_
_struct_ref.id 
_struct_ref.db_name 
_struct_ref.db_code 
_struct_ref.pdbx_db_accession 
_struct_ref.pdbx_db_isoform 
_struct_ref.entity_id 
_struct_ref.pdbx_seq_one_letter_code 
_struct_ref.pdbx_align_begin 
1 UNP REF6_ARATH Q9STM3 ? 1 
;LMLHKRNICPIKGCGKNFFSHKYLVQHQRVHSDDRPLKCPWKGCKMTFKWAWSRTEHIRVHTGARPYVCAEPDCGQTFRF
VSDFSRHKRKTGHSVKKTNKR
;
1260 
2 PDB 6JNL       6JNL   ? 2 ? 1    
3 PDB 6JNL       6JNL   ? 3 ? 1    
# 
loop_
_struct_ref_seq.align_id 
_struct_ref_seq.ref_id 
_struct_ref_seq.pdbx_PDB_id_code 
_struct_ref_seq.pdbx_strand_id 
_struct_ref_seq.seq_align_beg 
_struct_ref_seq.pdbx_seq_align_beg_ins_code 
_struct_ref_seq.seq_align_end 
_struct_ref_seq.pdbx_seq_align_end_ins_code 
_struct_ref_seq.pdbx_db_accession 
_struct_ref_seq.db_align_beg 
_struct_ref_seq.pdbx_db_align_beg_ins_code 
_struct_ref_seq.db_align_end 
_struct_ref_seq.pdbx_db_align_end_ins_code 
_struct_ref_seq.pdbx_auth_seq_align_beg 
_struct_ref_seq.pdbx_auth_seq_align_end 
1 1 6JNL A 1 ? 101 ? Q9STM3 1260 ? 1360 ? 1260 1360 
2 2 6JNL D 1 ? 12  ? 6JNL   1    ? 12   ? 1    12   
3 3 6JNL C 1 ? 11  ? 6JNL   1    ? 11   ? 1    11   
# 
_pdbx_struct_assembly.id                   1 
_pdbx_struct_assembly.details              author_and_software_defined_assembly 
_pdbx_struct_assembly.method_details       PISA 
_pdbx_struct_assembly.oligomeric_details   trimeric 
_pdbx_struct_assembly.oligomeric_count     3 
# 
loop_
_pdbx_struct_assembly_prop.biol_id 
_pdbx_struct_assembly_prop.type 
_pdbx_struct_assembly_prop.value 
_pdbx_struct_assembly_prop.details 
1 'ABSA (A^2)' 3750 ? 
1 MORE         -39  ? 
1 'SSA (A^2)'  8930 ? 
# 
_pdbx_struct_assembly_gen.assembly_id       1 
_pdbx_struct_assembly_gen.oper_expression   1 
_pdbx_struct_assembly_gen.asym_id_list      A,B,C,D,E,F,G,H,I,J,K,L 
# 
_pdbx_struct_assembly_auth_evidence.id                     1 
_pdbx_struct_assembly_auth_evidence.assembly_id            1 
_pdbx_struct_assembly_auth_evidence.experimental_support   'gel filtration' 
_pdbx_struct_assembly_auth_evidence.details                ? 
# 
_pdbx_struct_oper_list.id                   1 
_pdbx_struct_oper_list.type                 'identity operation' 
_pdbx_struct_oper_list.name                 1_555 
_pdbx_struct_oper_list.symmetry_operation   x,y,z 
_pdbx_struct_oper_list.matrix[1][1]         1.0000000000 
_pdbx_struct_oper_list.matrix[1][2]         0.0000000000 
_pdbx_struct_oper_list.matrix[1][3]         0.0000000000 
_pdbx_struct_oper_list.vector[1]            0.0000000000 
_pdbx_struct_oper_list.matrix[2][1]         0.0000000000 
_pdbx_struct_oper_list.matrix[2][2]         1.0000000000 
_pdbx_struct_oper_list.matrix[2][3]         0.0000000000 
_pdbx_struct_oper_list.vector[2]            0.0000000000 
_pdbx_struct_oper_list.matrix[3][1]         0.0000000000 
_pdbx_struct_oper_list.matrix[3][2]         0.0000000000 
_pdbx_struct_oper_list.matrix[3][3]         1.0000000000 
_pdbx_struct_oper_list.vector[3]            0.0000000000 
# 
loop_
_struct_conf.conf_type_id 
_struct_conf.id 
_struct_conf.pdbx_PDB_helix_id 
_struct_conf.beg_label_comp_id 
_struct_conf.beg_label_asym_id 
_struct_conf.beg_label_seq_id 
_struct_conf.pdbx_beg_PDB_ins_code 
_struct_conf.end_label_comp_id 
_struct_conf.end_label_asym_id 
_struct_conf.end_label_seq_id 
_struct_conf.pdbx_end_PDB_ins_code 
_struct_conf.beg_auth_comp_id 
_struct_conf.beg_auth_asym_id 
_struct_conf.beg_auth_seq_id 
_struct_conf.end_auth_comp_id 
_struct_conf.end_auth_asym_id 
_struct_conf.end_auth_seq_id 
_struct_conf.pdbx_PDB_helix_class 
_struct_conf.details 
_struct_conf.pdbx_PDB_helix_length 
HELX_P HELX_P1 AA1 SER A 20 ? GLN A 28 ? SER A 1279 GLN A 1287 1 ? 9  
HELX_P HELX_P2 AA2 ARG A 29 ? SER A 32 ? ARG A 1288 SER A 1291 5 ? 4  
HELX_P HELX_P3 AA3 TRP A 50 ? GLY A 63 ? TRP A 1309 GLY A 1322 1 ? 14 
HELX_P HELX_P4 AA4 PHE A 80 ? GLY A 92 ? PHE A 1339 GLY A 1351 1 ? 13 
# 
_struct_conf_type.id          HELX_P 
_struct_conf_type.criteria    ? 
_struct_conf_type.reference   ? 
# 
loop_
_struct_conn.id 
_struct_conn.conn_type_id 
_struct_conn.pdbx_leaving_atom_flag 
_struct_conn.pdbx_PDB_id 
_struct_conn.ptnr1_label_asym_id 
_struct_conn.ptnr1_label_comp_id 
_struct_conn.ptnr1_label_seq_id 
_struct_conn.ptnr1_label_atom_id 
_struct_conn.pdbx_ptnr1_label_alt_id 
_struct_conn.pdbx_ptnr1_PDB_ins_code 
_struct_conn.pdbx_ptnr1_standard_comp_id 
_struct_conn.ptnr1_symmetry 
_struct_conn.ptnr2_label_asym_id 
_struct_conn.ptnr2_label_comp_id 
_struct_conn.ptnr2_label_seq_id 
_struct_conn.ptnr2_label_atom_id 
_struct_conn.pdbx_ptnr2_label_alt_id 
_struct_conn.pdbx_ptnr2_PDB_ins_code 
_struct_conn.ptnr1_auth_asym_id 
_struct_conn.ptnr1_auth_comp_id 
_struct_conn.ptnr1_auth_seq_id 
_struct_conn.ptnr2_auth_asym_id 
_struct_conn.ptnr2_auth_comp_id 
_struct_conn.ptnr2_auth_seq_id 
_struct_conn.ptnr2_symmetry 
_struct_conn.pdbx_ptnr3_label_atom_id 
_struct_conn.pdbx_ptnr3_label_seq_id 
_struct_conn.pdbx_ptnr3_label_comp_id 
_struct_conn.pdbx_ptnr3_label_asym_id 
_struct_conn.pdbx_ptnr3_label_alt_id 
_struct_conn.pdbx_ptnr3_PDB_ins_code 
_struct_conn.details 
_struct_conn.pdbx_dist_value 
_struct_conn.pdbx_value_order 
_struct_conn.pdbx_role 
metalc1  metalc ? ? A CYS 9  SG  ? ? ? 1_555 D ZN .  ZN ? ? A CYS 1268 A ZN 1401 1_555 ? ? ? ? ? ? ?            2.379 ? ? 
metalc2  metalc ? ? A CYS 14 SG  ? ? ? 1_555 D ZN .  ZN ? ? A CYS 1273 A ZN 1401 1_555 ? ? ? ? ? ? ?            2.366 ? ? 
metalc3  metalc ? ? A HIS 27 NE2 ? ? ? 1_555 D ZN .  ZN ? ? A HIS 1286 A ZN 1401 1_555 ? ? ? ? ? ? ?            2.266 ? ? 
metalc4  metalc ? ? A HIS 31 NE2 ? ? ? 1_555 D ZN .  ZN ? ? A HIS 1290 A ZN 1401 1_555 ? ? ? ? ? ? ?            2.052 ? ? 
metalc5  metalc ? ? A CYS 39 SG  ? ? ? 1_555 F ZN .  ZN ? ? A CYS 1298 A ZN 1403 1_555 ? ? ? ? ? ? ?            2.214 ? ? 
metalc6  metalc ? ? A CYS 39 O   ? ? ? 1_555 G MG .  MG ? ? A CYS 1298 A MG 1404 1_555 ? ? ? ? ? ? ?            2.570 ? ? 
metalc7  metalc ? ? A TRP 41 O   ? ? ? 1_555 G MG .  MG ? ? A TRP 1300 A MG 1404 1_555 ? ? ? ? ? ? ?            2.436 ? ? 
metalc8  metalc ? ? A CYS 44 SG  ? ? ? 1_555 F ZN .  ZN ? ? A CYS 1303 A ZN 1403 1_555 ? ? ? ? ? ? ?            2.277 ? ? 
metalc9  metalc ? ? A CYS 44 O   ? ? ? 1_555 G MG .  MG ? ? A CYS 1303 A MG 1404 1_555 ? ? ? ? ? ? ?            2.838 ? ? 
metalc10 metalc ? ? A HIS 57 NE2 ? ? ? 1_555 F ZN .  ZN ? ? A HIS 1316 A ZN 1403 1_555 ? ? ? ? ? ? ?            2.038 ? ? 
metalc11 metalc ? ? A HIS 61 NE2 ? ? ? 1_555 F ZN .  ZN ? ? A HIS 1320 A ZN 1403 1_555 ? ? ? ? ? ? ?            2.053 ? ? 
metalc12 metalc ? ? A CYS 69 SG  ? ? ? 1_555 E ZN .  ZN ? ? A CYS 1328 A ZN 1402 1_555 ? ? ? ? ? ? ?            2.282 ? ? 
metalc13 metalc ? ? A CYS 74 SG  ? ? ? 1_555 E ZN .  ZN ? ? A CYS 1333 A ZN 1402 1_555 ? ? ? ? ? ? ?            2.319 ? ? 
metalc14 metalc ? ? A HIS 87 NE2 ? ? ? 1_555 E ZN .  ZN ? ? A HIS 1346 A ZN 1402 1_555 ? ? ? ? ? ? ?            2.174 ? ? 
metalc15 metalc ? ? A HIS 93 ND1 ? ? ? 1_555 E ZN .  ZN ? ? A HIS 1352 A ZN 1402 1_555 ? ? ? ? ? ? ?            2.194 ? ? 
hydrog1  hydrog ? ? B DT  2  N3  ? ? ? 1_555 C DA 11 N1 ? ? D DT  2    C DA 11   1_555 ? ? ? ? ? ? WATSON-CRICK ?     ? ? 
hydrog2  hydrog ? ? B DT  2  O4  ? ? ? 1_555 C DA 11 N6 ? ? D DT  2    C DA 11   1_555 ? ? ? ? ? ? WATSON-CRICK ?     ? ? 
hydrog3  hydrog ? ? B DC  3  N3  ? ? ? 1_555 C DG 10 N1 ? ? D DC  3    C DG 10   1_555 ? ? ? ? ? ? WATSON-CRICK ?     ? ? 
hydrog4  hydrog ? ? B DC  3  N4  ? ? ? 1_555 C DG 10 O6 ? ? D DC  3    C DG 10   1_555 ? ? ? ? ? ? WATSON-CRICK ?     ? ? 
hydrog5  hydrog ? ? B DC  3  O2  ? ? ? 1_555 C DG 10 N2 ? ? D DC  3    C DG 10   1_555 ? ? ? ? ? ? WATSON-CRICK ?     ? ? 
hydrog6  hydrog ? ? B DT  4  N3  ? ? ? 1_555 C DA 9  N1 ? ? D DT  4    C DA 9    1_555 ? ? ? ? ? ? WATSON-CRICK ?     ? ? 
hydrog7  hydrog ? ? B DT  4  O4  ? ? ? 1_555 C DA 9  N6 ? ? D DT  4    C DA 9    1_555 ? ? ? ? ? ? WATSON-CRICK ?     ? ? 
hydrog8  hydrog ? ? B DC  5  N3  ? ? ? 1_555 C DG 8  N1 ? ? D DC  5    C DG 8    1_555 ? ? ? ? ? ? WATSON-CRICK ?     ? ? 
hydrog9  hydrog ? ? B DC  5  N4  ? ? ? 1_555 C DG 8  O6 ? ? D DC  5    C DG 8    1_555 ? ? ? ? ? ? WATSON-CRICK ?     ? ? 
hydrog10 hydrog ? ? B DC  5  O2  ? ? ? 1_555 C DG 8  N2 ? ? D DC  5    C DG 8    1_555 ? ? ? ? ? ? WATSON-CRICK ?     ? ? 
hydrog11 hydrog ? ? B DT  6  N3  ? ? ? 1_555 C DA 7  N1 ? ? D DT  6    C DA 7    1_555 ? ? ? ? ? ? WATSON-CRICK ?     ? ? 
hydrog12 hydrog ? ? B DT  6  O4  ? ? ? 1_555 C DA 7  N6 ? ? D DT  6    C DA 7    1_555 ? ? ? ? ? ? WATSON-CRICK ?     ? ? 
hydrog13 hydrog ? ? B DG  7  N1  ? ? ? 1_555 C DC 6  N3 ? ? D DG  7    C DC 6    1_555 ? ? ? ? ? ? WATSON-CRICK ?     ? ? 
hydrog14 hydrog ? ? B DG  7  N2  ? ? ? 1_555 C DC 6  O2 ? ? D DG  7    C DC 6    1_555 ? ? ? ? ? ? WATSON-CRICK ?     ? ? 
hydrog15 hydrog ? ? B DG  7  O6  ? ? ? 1_555 C DC 6  N4 ? ? D DG  7    C DC 6    1_555 ? ? ? ? ? ? WATSON-CRICK ?     ? ? 
hydrog16 hydrog ? ? B DT  8  N3  ? ? ? 1_555 C DA 5  N1 ? ? D DT  8    C DA 5    1_555 ? ? ? ? ? ? WATSON-CRICK ?     ? ? 
hydrog17 hydrog ? ? B DT  8  O4  ? ? ? 1_555 C DA 5  N6 ? ? D DT  8    C DA 5    1_555 ? ? ? ? ? ? WATSON-CRICK ?     ? ? 
hydrog18 hydrog ? ? B DT  9  N3  ? ? ? 1_555 C DA 4  N1 ? ? D DT  9    C DA 4    1_555 ? ? ? ? ? ? WATSON-CRICK ?     ? ? 
hydrog19 hydrog ? ? B DT  9  O4  ? ? ? 1_555 C DA 4  N6 ? ? D DT  9    C DA 4    1_555 ? ? ? ? ? ? WATSON-CRICK ?     ? ? 
hydrog20 hydrog ? ? B DT  10 N3  ? ? ? 1_555 C DA 3  N1 ? ? D DT  10   C DA 3    1_555 ? ? ? ? ? ? WATSON-CRICK ?     ? ? 
hydrog21 hydrog ? ? B DT  10 O4  ? ? ? 1_555 C DA 3  N6 ? ? D DT  10   C DA 3    1_555 ? ? ? ? ? ? WATSON-CRICK ?     ? ? 
hydrog22 hydrog ? ? B DT  11 N3  ? ? ? 1_555 C DA 2  N1 ? ? D DT  11   C DA 2    1_555 ? ? ? ? ? ? WATSON-CRICK ?     ? ? 
hydrog23 hydrog ? ? B DT  11 O4  ? ? ? 1_555 C DA 2  N6 ? ? D DT  11   C DA 2    1_555 ? ? ? ? ? ? WATSON-CRICK ?     ? ? 
hydrog24 hydrog ? ? B DG  12 N1  ? ? ? 1_555 C DC 1  N3 ? ? D DG  12   C DC 1    1_555 ? ? ? ? ? ? WATSON-CRICK ?     ? ? 
hydrog25 hydrog ? ? B DG  12 N2  ? ? ? 1_555 C DC 1  O2 ? ? D DG  12   C DC 1    1_555 ? ? ? ? ? ? WATSON-CRICK ?     ? ? 
hydrog26 hydrog ? ? B DG  12 O6  ? ? ? 1_555 C DC 1  N4 ? ? D DG  12   C DC 1    1_555 ? ? ? ? ? ? WATSON-CRICK ?     ? ? 
# 
loop_
_struct_conn_type.id 
_struct_conn_type.criteria 
_struct_conn_type.reference 
metalc ? ? 
hydrog ? ? 
# 
loop_
_pdbx_struct_conn_angle.id 
_pdbx_struct_conn_angle.ptnr1_label_atom_id 
_pdbx_struct_conn_angle.ptnr1_label_alt_id 
_pdbx_struct_conn_angle.ptnr1_label_asym_id 
_pdbx_struct_conn_angle.ptnr1_label_comp_id 
_pdbx_struct_conn_angle.ptnr1_label_seq_id 
_pdbx_struct_conn_angle.ptnr1_auth_atom_id 
_pdbx_struct_conn_angle.ptnr1_auth_asym_id 
_pdbx_struct_conn_angle.ptnr1_auth_comp_id 
_pdbx_struct_conn_angle.ptnr1_auth_seq_id 
_pdbx_struct_conn_angle.ptnr1_PDB_ins_code 
_pdbx_struct_conn_angle.ptnr1_symmetry 
_pdbx_struct_conn_angle.ptnr2_label_atom_id 
_pdbx_struct_conn_angle.ptnr2_label_alt_id 
_pdbx_struct_conn_angle.ptnr2_label_asym_id 
_pdbx_struct_conn_angle.ptnr2_label_comp_id 
_pdbx_struct_conn_angle.ptnr2_label_seq_id 
_pdbx_struct_conn_angle.ptnr2_auth_atom_id 
_pdbx_struct_conn_angle.ptnr2_auth_asym_id 
_pdbx_struct_conn_angle.ptnr2_auth_comp_id 
_pdbx_struct_conn_angle.ptnr2_auth_seq_id 
_pdbx_struct_conn_angle.ptnr2_PDB_ins_code 
_pdbx_struct_conn_angle.ptnr2_symmetry 
_pdbx_struct_conn_angle.ptnr3_label_atom_id 
_pdbx_struct_conn_angle.ptnr3_label_alt_id 
_pdbx_struct_conn_angle.ptnr3_label_asym_id 
_pdbx_struct_conn_angle.ptnr3_label_comp_id 
_pdbx_struct_conn_angle.ptnr3_label_seq_id 
_pdbx_struct_conn_angle.ptnr3_auth_atom_id 
_pdbx_struct_conn_angle.ptnr3_auth_asym_id 
_pdbx_struct_conn_angle.ptnr3_auth_comp_id 
_pdbx_struct_conn_angle.ptnr3_auth_seq_id 
_pdbx_struct_conn_angle.ptnr3_PDB_ins_code 
_pdbx_struct_conn_angle.ptnr3_symmetry 
_pdbx_struct_conn_angle.value 
_pdbx_struct_conn_angle.value_esd 
1  SG  ? A CYS 9  ? A CYS 1268 ? 1_555 ZN ? D ZN . ? A ZN 1401 ? 1_555 SG  ? A CYS 14 ? A CYS 1273 ? 1_555 119.2 ? 
2  SG  ? A CYS 9  ? A CYS 1268 ? 1_555 ZN ? D ZN . ? A ZN 1401 ? 1_555 NE2 ? A HIS 27 ? A HIS 1286 ? 1_555 114.4 ? 
3  SG  ? A CYS 14 ? A CYS 1273 ? 1_555 ZN ? D ZN . ? A ZN 1401 ? 1_555 NE2 ? A HIS 27 ? A HIS 1286 ? 1_555 108.1 ? 
4  SG  ? A CYS 9  ? A CYS 1268 ? 1_555 ZN ? D ZN . ? A ZN 1401 ? 1_555 NE2 ? A HIS 31 ? A HIS 1290 ? 1_555 93.2  ? 
5  SG  ? A CYS 14 ? A CYS 1273 ? 1_555 ZN ? D ZN . ? A ZN 1401 ? 1_555 NE2 ? A HIS 31 ? A HIS 1290 ? 1_555 128.3 ? 
6  NE2 ? A HIS 27 ? A HIS 1286 ? 1_555 ZN ? D ZN . ? A ZN 1401 ? 1_555 NE2 ? A HIS 31 ? A HIS 1290 ? 1_555 90.5  ? 
7  SG  ? A CYS 39 ? A CYS 1298 ? 1_555 ZN ? F ZN . ? A ZN 1403 ? 1_555 SG  ? A CYS 44 ? A CYS 1303 ? 1_555 111.8 ? 
8  SG  ? A CYS 39 ? A CYS 1298 ? 1_555 ZN ? F ZN . ? A ZN 1403 ? 1_555 NE2 ? A HIS 57 ? A HIS 1316 ? 1_555 102.0 ? 
9  SG  ? A CYS 44 ? A CYS 1303 ? 1_555 ZN ? F ZN . ? A ZN 1403 ? 1_555 NE2 ? A HIS 57 ? A HIS 1316 ? 1_555 118.4 ? 
10 SG  ? A CYS 39 ? A CYS 1298 ? 1_555 ZN ? F ZN . ? A ZN 1403 ? 1_555 NE2 ? A HIS 61 ? A HIS 1320 ? 1_555 111.4 ? 
11 SG  ? A CYS 44 ? A CYS 1303 ? 1_555 ZN ? F ZN . ? A ZN 1403 ? 1_555 NE2 ? A HIS 61 ? A HIS 1320 ? 1_555 103.9 ? 
12 NE2 ? A HIS 57 ? A HIS 1316 ? 1_555 ZN ? F ZN . ? A ZN 1403 ? 1_555 NE2 ? A HIS 61 ? A HIS 1320 ? 1_555 109.6 ? 
13 O   ? A CYS 39 ? A CYS 1298 ? 1_555 MG ? G MG . ? A MG 1404 ? 1_555 O   ? A TRP 41 ? A TRP 1300 ? 1_555 98.2  ? 
14 O   ? A CYS 39 ? A CYS 1298 ? 1_555 MG ? G MG . ? A MG 1404 ? 1_555 O   ? A CYS 44 ? A CYS 1303 ? 1_555 97.2  ? 
15 O   ? A TRP 41 ? A TRP 1300 ? 1_555 MG ? G MG . ? A MG 1404 ? 1_555 O   ? A CYS 44 ? A CYS 1303 ? 1_555 94.7  ? 
16 SG  ? A CYS 69 ? A CYS 1328 ? 1_555 ZN ? E ZN . ? A ZN 1402 ? 1_555 SG  ? A CYS 74 ? A CYS 1333 ? 1_555 107.2 ? 
17 SG  ? A CYS 69 ? A CYS 1328 ? 1_555 ZN ? E ZN . ? A ZN 1402 ? 1_555 NE2 ? A HIS 87 ? A HIS 1346 ? 1_555 106.7 ? 
18 SG  ? A CYS 74 ? A CYS 1333 ? 1_555 ZN ? E ZN . ? A ZN 1402 ? 1_555 NE2 ? A HIS 87 ? A HIS 1346 ? 1_555 106.2 ? 
19 SG  ? A CYS 69 ? A CYS 1328 ? 1_555 ZN ? E ZN . ? A ZN 1402 ? 1_555 ND1 ? A HIS 93 ? A HIS 1352 ? 1_555 105.3 ? 
20 SG  ? A CYS 74 ? A CYS 1333 ? 1_555 ZN ? E ZN . ? A ZN 1402 ? 1_555 ND1 ? A HIS 93 ? A HIS 1352 ? 1_555 112.7 ? 
21 NE2 ? A HIS 87 ? A HIS 1346 ? 1_555 ZN ? E ZN . ? A ZN 1402 ? 1_555 ND1 ? A HIS 93 ? A HIS 1352 ? 1_555 118.1 ? 
# 
loop_
_struct_sheet.id 
_struct_sheet.type 
_struct_sheet.number_strands 
_struct_sheet.details 
AA1 ? 2 ? 
AA2 ? 2 ? 
AA3 ? 2 ? 
# 
loop_
_struct_sheet_order.sheet_id 
_struct_sheet_order.range_id_1 
_struct_sheet_order.range_id_2 
_struct_sheet_order.offset 
_struct_sheet_order.sense 
AA1 1 2 ? anti-parallel 
AA2 1 2 ? anti-parallel 
AA3 1 2 ? anti-parallel 
# 
loop_
_struct_sheet_range.sheet_id 
_struct_sheet_range.id 
_struct_sheet_range.beg_label_comp_id 
_struct_sheet_range.beg_label_asym_id 
_struct_sheet_range.beg_label_seq_id 
_struct_sheet_range.pdbx_beg_PDB_ins_code 
_struct_sheet_range.end_label_comp_id 
_struct_sheet_range.end_label_asym_id 
_struct_sheet_range.end_label_seq_id 
_struct_sheet_range.pdbx_end_PDB_ins_code 
_struct_sheet_range.beg_auth_comp_id 
_struct_sheet_range.beg_auth_asym_id 
_struct_sheet_range.beg_auth_seq_id 
_struct_sheet_range.end_auth_comp_id 
_struct_sheet_range.end_auth_asym_id 
_struct_sheet_range.end_auth_seq_id 
AA1 1 ASN A 7  ? ILE A 8  ? ASN A 1266 ILE A 1267 
AA1 2 ASN A 17 ? PHE A 18 ? ASN A 1276 PHE A 1277 
AA2 1 LEU A 37 ? LYS A 38 ? LEU A 1296 LYS A 1297 
AA2 2 THR A 47 ? PHE A 48 ? THR A 1306 PHE A 1307 
AA3 1 TYR A 67 ? VAL A 68 ? TYR A 1326 VAL A 1327 
AA3 2 THR A 77 ? PHE A 78 ? THR A 1336 PHE A 1337 
# 
loop_
_pdbx_struct_sheet_hbond.sheet_id 
_pdbx_struct_sheet_hbond.range_id_1 
_pdbx_struct_sheet_hbond.range_id_2 
_pdbx_struct_sheet_hbond.range_1_label_atom_id 
_pdbx_struct_sheet_hbond.range_1_label_comp_id 
_pdbx_struct_sheet_hbond.range_1_label_asym_id 
_pdbx_struct_sheet_hbond.range_1_label_seq_id 
_pdbx_struct_sheet_hbond.range_1_PDB_ins_code 
_pdbx_struct_sheet_hbond.range_1_auth_atom_id 
_pdbx_struct_sheet_hbond.range_1_auth_comp_id 
_pdbx_struct_sheet_hbond.range_1_auth_asym_id 
_pdbx_struct_sheet_hbond.range_1_auth_seq_id 
_pdbx_struct_sheet_hbond.range_2_label_atom_id 
_pdbx_struct_sheet_hbond.range_2_label_comp_id 
_pdbx_struct_sheet_hbond.range_2_label_asym_id 
_pdbx_struct_sheet_hbond.range_2_label_seq_id 
_pdbx_struct_sheet_hbond.range_2_PDB_ins_code 
_pdbx_struct_sheet_hbond.range_2_auth_atom_id 
_pdbx_struct_sheet_hbond.range_2_auth_comp_id 
_pdbx_struct_sheet_hbond.range_2_auth_asym_id 
_pdbx_struct_sheet_hbond.range_2_auth_seq_id 
AA1 1 2 N ASN A 7  ? N ASN A 1266 O PHE A 18 ? O PHE A 1277 
AA2 1 2 N LEU A 37 ? N LEU A 1296 O PHE A 48 ? O PHE A 1307 
AA3 1 2 N TYR A 67 ? N TYR A 1326 O PHE A 78 ? O PHE A 1337 
# 
loop_
_struct_site.id 
_struct_site.pdbx_evidence_code 
_struct_site.pdbx_auth_asym_id 
_struct_site.pdbx_auth_comp_id 
_struct_site.pdbx_auth_seq_id 
_struct_site.pdbx_auth_ins_code 
_struct_site.pdbx_num_residues 
_struct_site.details 
AC1 Software A ZN  1401 ? 4 'binding site for residue ZN A 1401' 
AC2 Software A ZN  1402 ? 4 'binding site for residue ZN A 1402' 
AC3 Software A ZN  1403 ? 4 'binding site for residue ZN A 1403' 
AC4 Software A MG  1404 ? 3 'binding site for residue MG A 1404' 
AC5 Software D GOL 101  ? 5 'binding site for residue GOL D 101' 
AC6 Software C D5M 101  ? 6 'binding site for residue D5M C 101' 
# 
loop_
_struct_site_gen.id 
_struct_site_gen.site_id 
_struct_site_gen.pdbx_num_res 
_struct_site_gen.label_comp_id 
_struct_site_gen.label_asym_id 
_struct_site_gen.label_seq_id 
_struct_site_gen.pdbx_auth_ins_code 
_struct_site_gen.auth_comp_id 
_struct_site_gen.auth_asym_id 
_struct_site_gen.auth_seq_id 
_struct_site_gen.label_atom_id 
_struct_site_gen.label_alt_id 
_struct_site_gen.symmetry 
_struct_site_gen.details 
1  AC1 4 CYS A 9  ? CYS A 1268 . ? 1_555 ? 
2  AC1 4 CYS A 14 ? CYS A 1273 . ? 1_555 ? 
3  AC1 4 HIS A 27 ? HIS A 1286 . ? 1_555 ? 
4  AC1 4 HIS A 31 ? HIS A 1290 . ? 1_555 ? 
5  AC2 4 CYS A 69 ? CYS A 1328 . ? 1_555 ? 
6  AC2 4 CYS A 74 ? CYS A 1333 . ? 1_555 ? 
7  AC2 4 HIS A 87 ? HIS A 1346 . ? 1_555 ? 
8  AC2 4 HIS A 93 ? HIS A 1352 . ? 1_555 ? 
9  AC3 4 CYS A 39 ? CYS A 1298 . ? 1_555 ? 
10 AC3 4 CYS A 44 ? CYS A 1303 . ? 1_555 ? 
11 AC3 4 HIS A 57 ? HIS A 1316 . ? 1_555 ? 
12 AC3 4 HIS A 61 ? HIS A 1320 . ? 1_555 ? 
13 AC4 3 CYS A 39 ? CYS A 1298 . ? 1_555 ? 
14 AC4 3 TRP A 41 ? TRP A 1300 . ? 1_555 ? 
15 AC4 3 CYS A 44 ? CYS A 1303 . ? 1_555 ? 
16 AC5 5 DG  C 10 ? DG  C 10   . ? 1_555 ? 
17 AC5 5 DA  C 11 ? DA  C 11   . ? 1_555 ? 
18 AC5 5 DT  B 4  ? DT  D 4    . ? 1_555 ? 
19 AC5 5 DC  B 5  ? DC  D 5    . ? 1_555 ? 
20 AC5 5 HOH K .  ? HOH D 201  . ? 1_555 ? 
21 AC6 6 PRO A 40 ? PRO A 1299 . ? 3_544 ? 
22 AC6 6 TRP A 41 ? TRP A 1300 . ? 3_544 ? 
23 AC6 6 LYS A 42 ? LYS A 1301 . ? 3_544 ? 
24 AC6 6 DA  C 11 ? DA  C 11   . ? 1_555 ? 
25 AC6 6 DT  B 1  ? DT  D 1    . ? 1_555 ? 
26 AC6 6 DT  B 2  ? DT  D 2    . ? 1_555 ? 
# 
_pdbx_validate_close_contact.id               1 
_pdbx_validate_close_contact.PDB_model_num    1 
_pdbx_validate_close_contact.auth_atom_id_1   "O3'" 
_pdbx_validate_close_contact.auth_asym_id_1   C 
_pdbx_validate_close_contact.auth_comp_id_1   DA 
_pdbx_validate_close_contact.auth_seq_id_1    11 
_pdbx_validate_close_contact.PDB_ins_code_1   ? 
_pdbx_validate_close_contact.label_alt_id_1   ? 
_pdbx_validate_close_contact.auth_atom_id_2   P 
_pdbx_validate_close_contact.auth_asym_id_2   C 
_pdbx_validate_close_contact.auth_comp_id_2   D5M 
_pdbx_validate_close_contact.auth_seq_id_2    101 
_pdbx_validate_close_contact.PDB_ins_code_2   ? 
_pdbx_validate_close_contact.label_alt_id_2   ? 
_pdbx_validate_close_contact.dist             1.62 
# 
loop_
_pdbx_validate_rmsd_angle.id 
_pdbx_validate_rmsd_angle.PDB_model_num 
_pdbx_validate_rmsd_angle.auth_atom_id_1 
_pdbx_validate_rmsd_angle.auth_asym_id_1 
_pdbx_validate_rmsd_angle.auth_comp_id_1 
_pdbx_validate_rmsd_angle.auth_seq_id_1 
_pdbx_validate_rmsd_angle.PDB_ins_code_1 
_pdbx_validate_rmsd_angle.label_alt_id_1 
_pdbx_validate_rmsd_angle.auth_atom_id_2 
_pdbx_validate_rmsd_angle.auth_asym_id_2 
_pdbx_validate_rmsd_angle.auth_comp_id_2 
_pdbx_validate_rmsd_angle.auth_seq_id_2 
_pdbx_validate_rmsd_angle.PDB_ins_code_2 
_pdbx_validate_rmsd_angle.label_alt_id_2 
_pdbx_validate_rmsd_angle.auth_atom_id_3 
_pdbx_validate_rmsd_angle.auth_asym_id_3 
_pdbx_validate_rmsd_angle.auth_comp_id_3 
_pdbx_validate_rmsd_angle.auth_seq_id_3 
_pdbx_validate_rmsd_angle.PDB_ins_code_3 
_pdbx_validate_rmsd_angle.label_alt_id_3 
_pdbx_validate_rmsd_angle.angle_value 
_pdbx_validate_rmsd_angle.angle_target_value 
_pdbx_validate_rmsd_angle.angle_deviation 
_pdbx_validate_rmsd_angle.angle_standard_deviation 
_pdbx_validate_rmsd_angle.linker_flag 
1 1 "O5'" D DT 2 ? ? "C5'" D DT 2 ? ? "C4'" D DT 2 ? ? 103.45 109.40 -5.95 0.80 N 
2 1 "O5'" C DA 9 ? ? P     C DA 9 ? ? OP2   C DA 9 ? ? 99.69  105.70 -6.01 0.90 N 
# 
loop_
_pdbx_validate_torsion.id 
_pdbx_validate_torsion.PDB_model_num 
_pdbx_validate_torsion.auth_comp_id 
_pdbx_validate_torsion.auth_asym_id 
_pdbx_validate_torsion.auth_seq_id 
_pdbx_validate_torsion.PDB_ins_code 
_pdbx_validate_torsion.label_alt_id 
_pdbx_validate_torsion.phi 
_pdbx_validate_torsion.psi 
1 1 LYS A 1271 ? ? 35.91  -125.90 
2 1 CYS A 1273 ? ? -96.87 -81.04  
3 1 ASP A 1332 ? ? 73.37  -1.08   
# 
_pdbx_struct_special_symmetry.id              1 
_pdbx_struct_special_symmetry.PDB_model_num   1 
_pdbx_struct_special_symmetry.auth_asym_id    D 
_pdbx_struct_special_symmetry.auth_comp_id    HOH 
_pdbx_struct_special_symmetry.auth_seq_id     207 
_pdbx_struct_special_symmetry.PDB_ins_code    ? 
_pdbx_struct_special_symmetry.label_asym_id   K 
_pdbx_struct_special_symmetry.label_comp_id   HOH 
_pdbx_struct_special_symmetry.label_seq_id    . 
# 
loop_
_pdbx_unobs_or_zero_occ_residues.id 
_pdbx_unobs_or_zero_occ_residues.PDB_model_num 
_pdbx_unobs_or_zero_occ_residues.polymer_flag 
_pdbx_unobs_or_zero_occ_residues.occupancy_flag 
_pdbx_unobs_or_zero_occ_residues.auth_asym_id 
_pdbx_unobs_or_zero_occ_residues.auth_comp_id 
_pdbx_unobs_or_zero_occ_residues.auth_seq_id 
_pdbx_unobs_or_zero_occ_residues.PDB_ins_code 
_pdbx_unobs_or_zero_occ_residues.label_asym_id 
_pdbx_unobs_or_zero_occ_residues.label_comp_id 
_pdbx_unobs_or_zero_occ_residues.label_seq_id 
1  1 Y 1 A LEU 1260 ? A LEU 1   
2  1 Y 1 A MET 1261 ? A MET 2   
3  1 Y 1 A LEU 1262 ? A LEU 3   
4  1 Y 1 A HIS 1263 ? A HIS 4   
5  1 Y 1 A LYS 1264 ? A LYS 5   
6  1 Y 1 A VAL 1354 ? A VAL 95  
7  1 Y 1 A LYS 1355 ? A LYS 96  
8  1 Y 1 A LYS 1356 ? A LYS 97  
9  1 Y 1 A THR 1357 ? A THR 98  
10 1 Y 1 A ASN 1358 ? A ASN 99  
11 1 Y 1 A LYS 1359 ? A LYS 100 
12 1 Y 1 A ARG 1360 ? A ARG 101 
# 
loop_
_chem_comp_atom.comp_id 
_chem_comp_atom.atom_id 
_chem_comp_atom.type_symbol 
_chem_comp_atom.pdbx_aromatic_flag 
_chem_comp_atom.pdbx_stereo_config 
_chem_comp_atom.pdbx_ordinal 
ALA N      N  N N 1   
ALA CA     C  N S 2   
ALA C      C  N N 3   
ALA O      O  N N 4   
ALA CB     C  N N 5   
ALA OXT    O  N N 6   
ALA H      H  N N 7   
ALA H2     H  N N 8   
ALA HA     H  N N 9   
ALA HB1    H  N N 10  
ALA HB2    H  N N 11  
ALA HB3    H  N N 12  
ALA HXT    H  N N 13  
ARG N      N  N N 14  
ARG CA     C  N S 15  
ARG C      C  N N 16  
ARG O      O  N N 17  
ARG CB     C  N N 18  
ARG CG     C  N N 19  
ARG CD     C  N N 20  
ARG NE     N  N N 21  
ARG CZ     C  N N 22  
ARG NH1    N  N N 23  
ARG NH2    N  N N 24  
ARG OXT    O  N N 25  
ARG H      H  N N 26  
ARG H2     H  N N 27  
ARG HA     H  N N 28  
ARG HB2    H  N N 29  
ARG HB3    H  N N 30  
ARG HG2    H  N N 31  
ARG HG3    H  N N 32  
ARG HD2    H  N N 33  
ARG HD3    H  N N 34  
ARG HE     H  N N 35  
ARG HH11   H  N N 36  
ARG HH12   H  N N 37  
ARG HH21   H  N N 38  
ARG HH22   H  N N 39  
ARG HXT    H  N N 40  
ASN N      N  N N 41  
ASN CA     C  N S 42  
ASN C      C  N N 43  
ASN O      O  N N 44  
ASN CB     C  N N 45  
ASN CG     C  N N 46  
ASN OD1    O  N N 47  
ASN ND2    N  N N 48  
ASN OXT    O  N N 49  
ASN H      H  N N 50  
ASN H2     H  N N 51  
ASN HA     H  N N 52  
ASN HB2    H  N N 53  
ASN HB3    H  N N 54  
ASN HD21   H  N N 55  
ASN HD22   H  N N 56  
ASN HXT    H  N N 57  
ASP N      N  N N 58  
ASP CA     C  N S 59  
ASP C      C  N N 60  
ASP O      O  N N 61  
ASP CB     C  N N 62  
ASP CG     C  N N 63  
ASP OD1    O  N N 64  
ASP OD2    O  N N 65  
ASP OXT    O  N N 66  
ASP H      H  N N 67  
ASP H2     H  N N 68  
ASP HA     H  N N 69  
ASP HB2    H  N N 70  
ASP HB3    H  N N 71  
ASP HD2    H  N N 72  
ASP HXT    H  N N 73  
CYS N      N  N N 74  
CYS CA     C  N R 75  
CYS C      C  N N 76  
CYS O      O  N N 77  
CYS CB     C  N N 78  
CYS SG     S  N N 79  
CYS OXT    O  N N 80  
CYS H      H  N N 81  
CYS H2     H  N N 82  
CYS HA     H  N N 83  
CYS HB2    H  N N 84  
CYS HB3    H  N N 85  
CYS HG     H  N N 86  
CYS HXT    H  N N 87  
D5M "O5'"  O  N N 88  
D5M "C5'"  C  N N 89  
D5M "C4'"  C  N R 90  
D5M "O4'"  O  N N 91  
D5M "C3'"  C  N S 92  
D5M "O3'"  O  N N 93  
D5M "C2'"  C  N N 94  
D5M "C1'"  C  N R 95  
D5M N9     N  Y N 96  
D5M C8     C  Y N 97  
D5M N7     N  Y N 98  
D5M C5     C  Y N 99  
D5M C6     C  Y N 100 
D5M N6     N  N N 101 
D5M N1     N  Y N 102 
D5M C2     C  Y N 103 
D5M N3     N  Y N 104 
D5M C4     C  Y N 105 
D5M P      P  N N 106 
D5M O1P    O  N N 107 
D5M O3P    O  N N 108 
D5M O2P    O  N N 109 
D5M "H5'1" H  N N 110 
D5M "H5'2" H  N N 111 
D5M "H4'"  H  N N 112 
D5M H1     H  N N 113 
D5M "H3'"  H  N N 114 
D5M "H2'1" H  N N 115 
D5M "H2'2" H  N N 116 
D5M "H1'"  H  N N 117 
D5M H8     H  N N 118 
D5M HN61   H  N N 119 
D5M HN62   H  N N 120 
D5M H2     H  N N 121 
D5M H3P    H  N N 122 
D5M H2P    H  N N 123 
DA  OP3    O  N N 124 
DA  P      P  N N 125 
DA  OP1    O  N N 126 
DA  OP2    O  N N 127 
DA  "O5'"  O  N N 128 
DA  "C5'"  C  N N 129 
DA  "C4'"  C  N R 130 
DA  "O4'"  O  N N 131 
DA  "C3'"  C  N S 132 
DA  "O3'"  O  N N 133 
DA  "C2'"  C  N N 134 
DA  "C1'"  C  N R 135 
DA  N9     N  Y N 136 
DA  C8     C  Y N 137 
DA  N7     N  Y N 138 
DA  C5     C  Y N 139 
DA  C6     C  Y N 140 
DA  N6     N  N N 141 
DA  N1     N  Y N 142 
DA  C2     C  Y N 143 
DA  N3     N  Y N 144 
DA  C4     C  Y N 145 
DA  HOP3   H  N N 146 
DA  HOP2   H  N N 147 
DA  "H5'"  H  N N 148 
DA  "H5''" H  N N 149 
DA  "H4'"  H  N N 150 
DA  "H3'"  H  N N 151 
DA  "HO3'" H  N N 152 
DA  "H2'"  H  N N 153 
DA  "H2''" H  N N 154 
DA  "H1'"  H  N N 155 
DA  H8     H  N N 156 
DA  H61    H  N N 157 
DA  H62    H  N N 158 
DA  H2     H  N N 159 
DC  OP3    O  N N 160 
DC  P      P  N N 161 
DC  OP1    O  N N 162 
DC  OP2    O  N N 163 
DC  "O5'"  O  N N 164 
DC  "C5'"  C  N N 165 
DC  "C4'"  C  N R 166 
DC  "O4'"  O  N N 167 
DC  "C3'"  C  N S 168 
DC  "O3'"  O  N N 169 
DC  "C2'"  C  N N 170 
DC  "C1'"  C  N R 171 
DC  N1     N  N N 172 
DC  C2     C  N N 173 
DC  O2     O  N N 174 
DC  N3     N  N N 175 
DC  C4     C  N N 176 
DC  N4     N  N N 177 
DC  C5     C  N N 178 
DC  C6     C  N N 179 
DC  HOP3   H  N N 180 
DC  HOP2   H  N N 181 
DC  "H5'"  H  N N 182 
DC  "H5''" H  N N 183 
DC  "H4'"  H  N N 184 
DC  "H3'"  H  N N 185 
DC  "HO3'" H  N N 186 
DC  "H2'"  H  N N 187 
DC  "H2''" H  N N 188 
DC  "H1'"  H  N N 189 
DC  H41    H  N N 190 
DC  H42    H  N N 191 
DC  H5     H  N N 192 
DC  H6     H  N N 193 
DG  OP3    O  N N 194 
DG  P      P  N N 195 
DG  OP1    O  N N 196 
DG  OP2    O  N N 197 
DG  "O5'"  O  N N 198 
DG  "C5'"  C  N N 199 
DG  "C4'"  C  N R 200 
DG  "O4'"  O  N N 201 
DG  "C3'"  C  N S 202 
DG  "O3'"  O  N N 203 
DG  "C2'"  C  N N 204 
DG  "C1'"  C  N R 205 
DG  N9     N  Y N 206 
DG  C8     C  Y N 207 
DG  N7     N  Y N 208 
DG  C5     C  Y N 209 
DG  C6     C  N N 210 
DG  O6     O  N N 211 
DG  N1     N  N N 212 
DG  C2     C  N N 213 
DG  N2     N  N N 214 
DG  N3     N  N N 215 
DG  C4     C  Y N 216 
DG  HOP3   H  N N 217 
DG  HOP2   H  N N 218 
DG  "H5'"  H  N N 219 
DG  "H5''" H  N N 220 
DG  "H4'"  H  N N 221 
DG  "H3'"  H  N N 222 
DG  "HO3'" H  N N 223 
DG  "H2'"  H  N N 224 
DG  "H2''" H  N N 225 
DG  "H1'"  H  N N 226 
DG  H8     H  N N 227 
DG  H1     H  N N 228 
DG  H21    H  N N 229 
DG  H22    H  N N 230 
DT  OP3    O  N N 231 
DT  P      P  N N 232 
DT  OP1    O  N N 233 
DT  OP2    O  N N 234 
DT  "O5'"  O  N N 235 
DT  "C5'"  C  N N 236 
DT  "C4'"  C  N R 237 
DT  "O4'"  O  N N 238 
DT  "C3'"  C  N S 239 
DT  "O3'"  O  N N 240 
DT  "C2'"  C  N N 241 
DT  "C1'"  C  N R 242 
DT  N1     N  N N 243 
DT  C2     C  N N 244 
DT  O2     O  N N 245 
DT  N3     N  N N 246 
DT  C4     C  N N 247 
DT  O4     O  N N 248 
DT  C5     C  N N 249 
DT  C7     C  N N 250 
DT  C6     C  N N 251 
DT  HOP3   H  N N 252 
DT  HOP2   H  N N 253 
DT  "H5'"  H  N N 254 
DT  "H5''" H  N N 255 
DT  "H4'"  H  N N 256 
DT  "H3'"  H  N N 257 
DT  "HO3'" H  N N 258 
DT  "H2'"  H  N N 259 
DT  "H2''" H  N N 260 
DT  "H1'"  H  N N 261 
DT  H3     H  N N 262 
DT  H71    H  N N 263 
DT  H72    H  N N 264 
DT  H73    H  N N 265 
DT  H6     H  N N 266 
GLN N      N  N N 267 
GLN CA     C  N S 268 
GLN C      C  N N 269 
GLN O      O  N N 270 
GLN CB     C  N N 271 
GLN CG     C  N N 272 
GLN CD     C  N N 273 
GLN OE1    O  N N 274 
GLN NE2    N  N N 275 
GLN OXT    O  N N 276 
GLN H      H  N N 277 
GLN H2     H  N N 278 
GLN HA     H  N N 279 
GLN HB2    H  N N 280 
GLN HB3    H  N N 281 
GLN HG2    H  N N 282 
GLN HG3    H  N N 283 
GLN HE21   H  N N 284 
GLN HE22   H  N N 285 
GLN HXT    H  N N 286 
GLU N      N  N N 287 
GLU CA     C  N S 288 
GLU C      C  N N 289 
GLU O      O  N N 290 
GLU CB     C  N N 291 
GLU CG     C  N N 292 
GLU CD     C  N N 293 
GLU OE1    O  N N 294 
GLU OE2    O  N N 295 
GLU OXT    O  N N 296 
GLU H      H  N N 297 
GLU H2     H  N N 298 
GLU HA     H  N N 299 
GLU HB2    H  N N 300 
GLU HB3    H  N N 301 
GLU HG2    H  N N 302 
GLU HG3    H  N N 303 
GLU HE2    H  N N 304 
GLU HXT    H  N N 305 
GLY N      N  N N 306 
GLY CA     C  N N 307 
GLY C      C  N N 308 
GLY O      O  N N 309 
GLY OXT    O  N N 310 
GLY H      H  N N 311 
GLY H2     H  N N 312 
GLY HA2    H  N N 313 
GLY HA3    H  N N 314 
GLY HXT    H  N N 315 
GOL C1     C  N N 316 
GOL O1     O  N N 317 
GOL C2     C  N N 318 
GOL O2     O  N N 319 
GOL C3     C  N N 320 
GOL O3     O  N N 321 
GOL H11    H  N N 322 
GOL H12    H  N N 323 
GOL HO1    H  N N 324 
GOL H2     H  N N 325 
GOL HO2    H  N N 326 
GOL H31    H  N N 327 
GOL H32    H  N N 328 
GOL HO3    H  N N 329 
HIS N      N  N N 330 
HIS CA     C  N S 331 
HIS C      C  N N 332 
HIS O      O  N N 333 
HIS CB     C  N N 334 
HIS CG     C  Y N 335 
HIS ND1    N  Y N 336 
HIS CD2    C  Y N 337 
HIS CE1    C  Y N 338 
HIS NE2    N  Y N 339 
HIS OXT    O  N N 340 
HIS H      H  N N 341 
HIS H2     H  N N 342 
HIS HA     H  N N 343 
HIS HB2    H  N N 344 
HIS HB3    H  N N 345 
HIS HD1    H  N N 346 
HIS HD2    H  N N 347 
HIS HE1    H  N N 348 
HIS HE2    H  N N 349 
HIS HXT    H  N N 350 
HOH O      O  N N 351 
HOH H1     H  N N 352 
HOH H2     H  N N 353 
ILE N      N  N N 354 
ILE CA     C  N S 355 
ILE C      C  N N 356 
ILE O      O  N N 357 
ILE CB     C  N S 358 
ILE CG1    C  N N 359 
ILE CG2    C  N N 360 
ILE CD1    C  N N 361 
ILE OXT    O  N N 362 
ILE H      H  N N 363 
ILE H2     H  N N 364 
ILE HA     H  N N 365 
ILE HB     H  N N 366 
ILE HG12   H  N N 367 
ILE HG13   H  N N 368 
ILE HG21   H  N N 369 
ILE HG22   H  N N 370 
ILE HG23   H  N N 371 
ILE HD11   H  N N 372 
ILE HD12   H  N N 373 
ILE HD13   H  N N 374 
ILE HXT    H  N N 375 
LEU N      N  N N 376 
LEU CA     C  N S 377 
LEU C      C  N N 378 
LEU O      O  N N 379 
LEU CB     C  N N 380 
LEU CG     C  N N 381 
LEU CD1    C  N N 382 
LEU CD2    C  N N 383 
LEU OXT    O  N N 384 
LEU H      H  N N 385 
LEU H2     H  N N 386 
LEU HA     H  N N 387 
LEU HB2    H  N N 388 
LEU HB3    H  N N 389 
LEU HG     H  N N 390 
LEU HD11   H  N N 391 
LEU HD12   H  N N 392 
LEU HD13   H  N N 393 
LEU HD21   H  N N 394 
LEU HD22   H  N N 395 
LEU HD23   H  N N 396 
LEU HXT    H  N N 397 
LYS N      N  N N 398 
LYS CA     C  N S 399 
LYS C      C  N N 400 
LYS O      O  N N 401 
LYS CB     C  N N 402 
LYS CG     C  N N 403 
LYS CD     C  N N 404 
LYS CE     C  N N 405 
LYS NZ     N  N N 406 
LYS OXT    O  N N 407 
LYS H      H  N N 408 
LYS H2     H  N N 409 
LYS HA     H  N N 410 
LYS HB2    H  N N 411 
LYS HB3    H  N N 412 
LYS HG2    H  N N 413 
LYS HG3    H  N N 414 
LYS HD2    H  N N 415 
LYS HD3    H  N N 416 
LYS HE2    H  N N 417 
LYS HE3    H  N N 418 
LYS HZ1    H  N N 419 
LYS HZ2    H  N N 420 
LYS HZ3    H  N N 421 
LYS HXT    H  N N 422 
MET N      N  N N 423 
MET CA     C  N S 424 
MET C      C  N N 425 
MET O      O  N N 426 
MET CB     C  N N 427 
MET CG     C  N N 428 
MET SD     S  N N 429 
MET CE     C  N N 430 
MET OXT    O  N N 431 
MET H      H  N N 432 
MET H2     H  N N 433 
MET HA     H  N N 434 
MET HB2    H  N N 435 
MET HB3    H  N N 436 
MET HG2    H  N N 437 
MET HG3    H  N N 438 
MET HE1    H  N N 439 
MET HE2    H  N N 440 
MET HE3    H  N N 441 
MET HXT    H  N N 442 
MG  MG     MG N N 443 
PHE N      N  N N 444 
PHE CA     C  N S 445 
PHE C      C  N N 446 
PHE O      O  N N 447 
PHE CB     C  N N 448 
PHE CG     C  Y N 449 
PHE CD1    C  Y N 450 
PHE CD2    C  Y N 451 
PHE CE1    C  Y N 452 
PHE CE2    C  Y N 453 
PHE CZ     C  Y N 454 
PHE OXT    O  N N 455 
PHE H      H  N N 456 
PHE H2     H  N N 457 
PHE HA     H  N N 458 
PHE HB2    H  N N 459 
PHE HB3    H  N N 460 
PHE HD1    H  N N 461 
PHE HD2    H  N N 462 
PHE HE1    H  N N 463 
PHE HE2    H  N N 464 
PHE HZ     H  N N 465 
PHE HXT    H  N N 466 
PRO N      N  N N 467 
PRO CA     C  N S 468 
PRO C      C  N N 469 
PRO O      O  N N 470 
PRO CB     C  N N 471 
PRO CG     C  N N 472 
PRO CD     C  N N 473 
PRO OXT    O  N N 474 
PRO H      H  N N 475 
PRO HA     H  N N 476 
PRO HB2    H  N N 477 
PRO HB3    H  N N 478 
PRO HG2    H  N N 479 
PRO HG3    H  N N 480 
PRO HD2    H  N N 481 
PRO HD3    H  N N 482 
PRO HXT    H  N N 483 
SER N      N  N N 484 
SER CA     C  N S 485 
SER C      C  N N 486 
SER O      O  N N 487 
SER CB     C  N N 488 
SER OG     O  N N 489 
SER OXT    O  N N 490 
SER H      H  N N 491 
SER H2     H  N N 492 
SER HA     H  N N 493 
SER HB2    H  N N 494 
SER HB3    H  N N 495 
SER HG     H  N N 496 
SER HXT    H  N N 497 
THR N      N  N N 498 
THR CA     C  N S 499 
THR C      C  N N 500 
THR O      O  N N 501 
THR CB     C  N R 502 
THR OG1    O  N N 503 
THR CG2    C  N N 504 
THR OXT    O  N N 505 
THR H      H  N N 506 
THR H2     H  N N 507 
THR HA     H  N N 508 
THR HB     H  N N 509 
THR HG1    H  N N 510 
THR HG21   H  N N 511 
THR HG22   H  N N 512 
THR HG23   H  N N 513 
THR HXT    H  N N 514 
TRP N      N  N N 515 
TRP CA     C  N S 516 
TRP C      C  N N 517 
TRP O      O  N N 518 
TRP CB     C  N N 519 
TRP CG     C  Y N 520 
TRP CD1    C  Y N 521 
TRP CD2    C  Y N 522 
TRP NE1    N  Y N 523 
TRP CE2    C  Y N 524 
TRP CE3    C  Y N 525 
TRP CZ2    C  Y N 526 
TRP CZ3    C  Y N 527 
TRP CH2    C  Y N 528 
TRP OXT    O  N N 529 
TRP H      H  N N 530 
TRP H2     H  N N 531 
TRP HA     H  N N 532 
TRP HB2    H  N N 533 
TRP HB3    H  N N 534 
TRP HD1    H  N N 535 
TRP HE1    H  N N 536 
TRP HE3    H  N N 537 
TRP HZ2    H  N N 538 
TRP HZ3    H  N N 539 
TRP HH2    H  N N 540 
TRP HXT    H  N N 541 
TYR N      N  N N 542 
TYR CA     C  N S 543 
TYR C      C  N N 544 
TYR O      O  N N 545 
TYR CB     C  N N 546 
TYR CG     C  Y N 547 
TYR CD1    C  Y N 548 
TYR CD2    C  Y N 549 
TYR CE1    C  Y N 550 
TYR CE2    C  Y N 551 
TYR CZ     C  Y N 552 
TYR OH     O  N N 553 
TYR OXT    O  N N 554 
TYR H      H  N N 555 
TYR H2     H  N N 556 
TYR HA     H  N N 557 
TYR HB2    H  N N 558 
TYR HB3    H  N N 559 
TYR HD1    H  N N 560 
TYR HD2    H  N N 561 
TYR HE1    H  N N 562 
TYR HE2    H  N N 563 
TYR HH     H  N N 564 
TYR HXT    H  N N 565 
VAL N      N  N N 566 
VAL CA     C  N S 567 
VAL C      C  N N 568 
VAL O      O  N N 569 
VAL CB     C  N N 570 
VAL CG1    C  N N 571 
VAL CG2    C  N N 572 
VAL OXT    O  N N 573 
VAL H      H  N N 574 
VAL H2     H  N N 575 
VAL HA     H  N N 576 
VAL HB     H  N N 577 
VAL HG11   H  N N 578 
VAL HG12   H  N N 579 
VAL HG13   H  N N 580 
VAL HG21   H  N N 581 
VAL HG22   H  N N 582 
VAL HG23   H  N N 583 
VAL HXT    H  N N 584 
ZN  ZN     ZN N N 585 
# 
loop_
_chem_comp_bond.comp_id 
_chem_comp_bond.atom_id_1 
_chem_comp_bond.atom_id_2 
_chem_comp_bond.value_order 
_chem_comp_bond.pdbx_aromatic_flag 
_chem_comp_bond.pdbx_stereo_config 
_chem_comp_bond.pdbx_ordinal 
ALA N     CA     sing N N 1   
ALA N     H      sing N N 2   
ALA N     H2     sing N N 3   
ALA CA    C      sing N N 4   
ALA CA    CB     sing N N 5   
ALA CA    HA     sing N N 6   
ALA C     O      doub N N 7   
ALA C     OXT    sing N N 8   
ALA CB    HB1    sing N N 9   
ALA CB    HB2    sing N N 10  
ALA CB    HB3    sing N N 11  
ALA OXT   HXT    sing N N 12  
ARG N     CA     sing N N 13  
ARG N     H      sing N N 14  
ARG N     H2     sing N N 15  
ARG CA    C      sing N N 16  
ARG CA    CB     sing N N 17  
ARG CA    HA     sing N N 18  
ARG C     O      doub N N 19  
ARG C     OXT    sing N N 20  
ARG CB    CG     sing N N 21  
ARG CB    HB2    sing N N 22  
ARG CB    HB3    sing N N 23  
ARG CG    CD     sing N N 24  
ARG CG    HG2    sing N N 25  
ARG CG    HG3    sing N N 26  
ARG CD    NE     sing N N 27  
ARG CD    HD2    sing N N 28  
ARG CD    HD3    sing N N 29  
ARG NE    CZ     sing N N 30  
ARG NE    HE     sing N N 31  
ARG CZ    NH1    sing N N 32  
ARG CZ    NH2    doub N N 33  
ARG NH1   HH11   sing N N 34  
ARG NH1   HH12   sing N N 35  
ARG NH2   HH21   sing N N 36  
ARG NH2   HH22   sing N N 37  
ARG OXT   HXT    sing N N 38  
ASN N     CA     sing N N 39  
ASN N     H      sing N N 40  
ASN N     H2     sing N N 41  
ASN CA    C      sing N N 42  
ASN CA    CB     sing N N 43  
ASN CA    HA     sing N N 44  
ASN C     O      doub N N 45  
ASN C     OXT    sing N N 46  
ASN CB    CG     sing N N 47  
ASN CB    HB2    sing N N 48  
ASN CB    HB3    sing N N 49  
ASN CG    OD1    doub N N 50  
ASN CG    ND2    sing N N 51  
ASN ND2   HD21   sing N N 52  
ASN ND2   HD22   sing N N 53  
ASN OXT   HXT    sing N N 54  
ASP N     CA     sing N N 55  
ASP N     H      sing N N 56  
ASP N     H2     sing N N 57  
ASP CA    C      sing N N 58  
ASP CA    CB     sing N N 59  
ASP CA    HA     sing N N 60  
ASP C     O      doub N N 61  
ASP C     OXT    sing N N 62  
ASP CB    CG     sing N N 63  
ASP CB    HB2    sing N N 64  
ASP CB    HB3    sing N N 65  
ASP CG    OD1    doub N N 66  
ASP CG    OD2    sing N N 67  
ASP OD2   HD2    sing N N 68  
ASP OXT   HXT    sing N N 69  
CYS N     CA     sing N N 70  
CYS N     H      sing N N 71  
CYS N     H2     sing N N 72  
CYS CA    C      sing N N 73  
CYS CA    CB     sing N N 74  
CYS CA    HA     sing N N 75  
CYS C     O      doub N N 76  
CYS C     OXT    sing N N 77  
CYS CB    SG     sing N N 78  
CYS CB    HB2    sing N N 79  
CYS CB    HB3    sing N N 80  
CYS SG    HG     sing N N 81  
CYS OXT   HXT    sing N N 82  
D5M "O5'" "C5'"  sing N N 83  
D5M "O5'" P      sing N N 84  
D5M "C5'" "C4'"  sing N N 85  
D5M "C5'" "H5'1" sing N N 86  
D5M "C5'" "H5'2" sing N N 87  
D5M "C4'" "O4'"  sing N N 88  
D5M "C4'" "C3'"  sing N N 89  
D5M "C4'" "H4'"  sing N N 90  
D5M "O4'" "C1'"  sing N N 91  
D5M "C3'" "O3'"  sing N N 92  
D5M "C3'" "C2'"  sing N N 93  
D5M "C3'" H1     sing N N 94  
D5M "O3'" "H3'"  sing N N 95  
D5M "C2'" "C1'"  sing N N 96  
D5M "C2'" "H2'1" sing N N 97  
D5M "C2'" "H2'2" sing N N 98  
D5M "C1'" N9     sing N N 99  
D5M "C1'" "H1'"  sing N N 100 
D5M N9    C8     sing Y N 101 
D5M N9    C4     sing Y N 102 
D5M C8    N7     doub Y N 103 
D5M C8    H8     sing N N 104 
D5M N7    C5     sing Y N 105 
D5M C5    C6     sing Y N 106 
D5M C5    C4     doub Y N 107 
D5M C6    N6     sing N N 108 
D5M C6    N1     doub Y N 109 
D5M N6    HN61   sing N N 110 
D5M N6    HN62   sing N N 111 
D5M N1    C2     sing Y N 112 
D5M C2    N3     doub Y N 113 
D5M C2    H2     sing N N 114 
D5M N3    C4     sing Y N 115 
D5M P     O1P    doub N N 116 
D5M P     O3P    sing N N 117 
D5M P     O2P    sing N N 118 
D5M O3P   H3P    sing N N 119 
D5M O2P   H2P    sing N N 120 
DA  OP3   P      sing N N 121 
DA  OP3   HOP3   sing N N 122 
DA  P     OP1    doub N N 123 
DA  P     OP2    sing N N 124 
DA  P     "O5'"  sing N N 125 
DA  OP2   HOP2   sing N N 126 
DA  "O5'" "C5'"  sing N N 127 
DA  "C5'" "C4'"  sing N N 128 
DA  "C5'" "H5'"  sing N N 129 
DA  "C5'" "H5''" sing N N 130 
DA  "C4'" "O4'"  sing N N 131 
DA  "C4'" "C3'"  sing N N 132 
DA  "C4'" "H4'"  sing N N 133 
DA  "O4'" "C1'"  sing N N 134 
DA  "C3'" "O3'"  sing N N 135 
DA  "C3'" "C2'"  sing N N 136 
DA  "C3'" "H3'"  sing N N 137 
DA  "O3'" "HO3'" sing N N 138 
DA  "C2'" "C1'"  sing N N 139 
DA  "C2'" "H2'"  sing N N 140 
DA  "C2'" "H2''" sing N N 141 
DA  "C1'" N9     sing N N 142 
DA  "C1'" "H1'"  sing N N 143 
DA  N9    C8     sing Y N 144 
DA  N9    C4     sing Y N 145 
DA  C8    N7     doub Y N 146 
DA  C8    H8     sing N N 147 
DA  N7    C5     sing Y N 148 
DA  C5    C6     sing Y N 149 
DA  C5    C4     doub Y N 150 
DA  C6    N6     sing N N 151 
DA  C6    N1     doub Y N 152 
DA  N6    H61    sing N N 153 
DA  N6    H62    sing N N 154 
DA  N1    C2     sing Y N 155 
DA  C2    N3     doub Y N 156 
DA  C2    H2     sing N N 157 
DA  N3    C4     sing Y N 158 
DC  OP3   P      sing N N 159 
DC  OP3   HOP3   sing N N 160 
DC  P     OP1    doub N N 161 
DC  P     OP2    sing N N 162 
DC  P     "O5'"  sing N N 163 
DC  OP2   HOP2   sing N N 164 
DC  "O5'" "C5'"  sing N N 165 
DC  "C5'" "C4'"  sing N N 166 
DC  "C5'" "H5'"  sing N N 167 
DC  "C5'" "H5''" sing N N 168 
DC  "C4'" "O4'"  sing N N 169 
DC  "C4'" "C3'"  sing N N 170 
DC  "C4'" "H4'"  sing N N 171 
DC  "O4'" "C1'"  sing N N 172 
DC  "C3'" "O3'"  sing N N 173 
DC  "C3'" "C2'"  sing N N 174 
DC  "C3'" "H3'"  sing N N 175 
DC  "O3'" "HO3'" sing N N 176 
DC  "C2'" "C1'"  sing N N 177 
DC  "C2'" "H2'"  sing N N 178 
DC  "C2'" "H2''" sing N N 179 
DC  "C1'" N1     sing N N 180 
DC  "C1'" "H1'"  sing N N 181 
DC  N1    C2     sing N N 182 
DC  N1    C6     sing N N 183 
DC  C2    O2     doub N N 184 
DC  C2    N3     sing N N 185 
DC  N3    C4     doub N N 186 
DC  C4    N4     sing N N 187 
DC  C4    C5     sing N N 188 
DC  N4    H41    sing N N 189 
DC  N4    H42    sing N N 190 
DC  C5    C6     doub N N 191 
DC  C5    H5     sing N N 192 
DC  C6    H6     sing N N 193 
DG  OP3   P      sing N N 194 
DG  OP3   HOP3   sing N N 195 
DG  P     OP1    doub N N 196 
DG  P     OP2    sing N N 197 
DG  P     "O5'"  sing N N 198 
DG  OP2   HOP2   sing N N 199 
DG  "O5'" "C5'"  sing N N 200 
DG  "C5'" "C4'"  sing N N 201 
DG  "C5'" "H5'"  sing N N 202 
DG  "C5'" "H5''" sing N N 203 
DG  "C4'" "O4'"  sing N N 204 
DG  "C4'" "C3'"  sing N N 205 
DG  "C4'" "H4'"  sing N N 206 
DG  "O4'" "C1'"  sing N N 207 
DG  "C3'" "O3'"  sing N N 208 
DG  "C3'" "C2'"  sing N N 209 
DG  "C3'" "H3'"  sing N N 210 
DG  "O3'" "HO3'" sing N N 211 
DG  "C2'" "C1'"  sing N N 212 
DG  "C2'" "H2'"  sing N N 213 
DG  "C2'" "H2''" sing N N 214 
DG  "C1'" N9     sing N N 215 
DG  "C1'" "H1'"  sing N N 216 
DG  N9    C8     sing Y N 217 
DG  N9    C4     sing Y N 218 
DG  C8    N7     doub Y N 219 
DG  C8    H8     sing N N 220 
DG  N7    C5     sing Y N 221 
DG  C5    C6     sing N N 222 
DG  C5    C4     doub Y N 223 
DG  C6    O6     doub N N 224 
DG  C6    N1     sing N N 225 
DG  N1    C2     sing N N 226 
DG  N1    H1     sing N N 227 
DG  C2    N2     sing N N 228 
DG  C2    N3     doub N N 229 
DG  N2    H21    sing N N 230 
DG  N2    H22    sing N N 231 
DG  N3    C4     sing N N 232 
DT  OP3   P      sing N N 233 
DT  OP3   HOP3   sing N N 234 
DT  P     OP1    doub N N 235 
DT  P     OP2    sing N N 236 
DT  P     "O5'"  sing N N 237 
DT  OP2   HOP2   sing N N 238 
DT  "O5'" "C5'"  sing N N 239 
DT  "C5'" "C4'"  sing N N 240 
DT  "C5'" "H5'"  sing N N 241 
DT  "C5'" "H5''" sing N N 242 
DT  "C4'" "O4'"  sing N N 243 
DT  "C4'" "C3'"  sing N N 244 
DT  "C4'" "H4'"  sing N N 245 
DT  "O4'" "C1'"  sing N N 246 
DT  "C3'" "O3'"  sing N N 247 
DT  "C3'" "C2'"  sing N N 248 
DT  "C3'" "H3'"  sing N N 249 
DT  "O3'" "HO3'" sing N N 250 
DT  "C2'" "C1'"  sing N N 251 
DT  "C2'" "H2'"  sing N N 252 
DT  "C2'" "H2''" sing N N 253 
DT  "C1'" N1     sing N N 254 
DT  "C1'" "H1'"  sing N N 255 
DT  N1    C2     sing N N 256 
DT  N1    C6     sing N N 257 
DT  C2    O2     doub N N 258 
DT  C2    N3     sing N N 259 
DT  N3    C4     sing N N 260 
DT  N3    H3     sing N N 261 
DT  C4    O4     doub N N 262 
DT  C4    C5     sing N N 263 
DT  C5    C7     sing N N 264 
DT  C5    C6     doub N N 265 
DT  C7    H71    sing N N 266 
DT  C7    H72    sing N N 267 
DT  C7    H73    sing N N 268 
DT  C6    H6     sing N N 269 
GLN N     CA     sing N N 270 
GLN N     H      sing N N 271 
GLN N     H2     sing N N 272 
GLN CA    C      sing N N 273 
GLN CA    CB     sing N N 274 
GLN CA    HA     sing N N 275 
GLN C     O      doub N N 276 
GLN C     OXT    sing N N 277 
GLN CB    CG     sing N N 278 
GLN CB    HB2    sing N N 279 
GLN CB    HB3    sing N N 280 
GLN CG    CD     sing N N 281 
GLN CG    HG2    sing N N 282 
GLN CG    HG3    sing N N 283 
GLN CD    OE1    doub N N 284 
GLN CD    NE2    sing N N 285 
GLN NE2   HE21   sing N N 286 
GLN NE2   HE22   sing N N 287 
GLN OXT   HXT    sing N N 288 
GLU N     CA     sing N N 289 
GLU N     H      sing N N 290 
GLU N     H2     sing N N 291 
GLU CA    C      sing N N 292 
GLU CA    CB     sing N N 293 
GLU CA    HA     sing N N 294 
GLU C     O      doub N N 295 
GLU C     OXT    sing N N 296 
GLU CB    CG     sing N N 297 
GLU CB    HB2    sing N N 298 
GLU CB    HB3    sing N N 299 
GLU CG    CD     sing N N 300 
GLU CG    HG2    sing N N 301 
GLU CG    HG3    sing N N 302 
GLU CD    OE1    doub N N 303 
GLU CD    OE2    sing N N 304 
GLU OE2   HE2    sing N N 305 
GLU OXT   HXT    sing N N 306 
GLY N     CA     sing N N 307 
GLY N     H      sing N N 308 
GLY N     H2     sing N N 309 
GLY CA    C      sing N N 310 
GLY CA    HA2    sing N N 311 
GLY CA    HA3    sing N N 312 
GLY C     O      doub N N 313 
GLY C     OXT    sing N N 314 
GLY OXT   HXT    sing N N 315 
GOL C1    O1     sing N N 316 
GOL C1    C2     sing N N 317 
GOL C1    H11    sing N N 318 
GOL C1    H12    sing N N 319 
GOL O1    HO1    sing N N 320 
GOL C2    O2     sing N N 321 
GOL C2    C3     sing N N 322 
GOL C2    H2     sing N N 323 
GOL O2    HO2    sing N N 324 
GOL C3    O3     sing N N 325 
GOL C3    H31    sing N N 326 
GOL C3    H32    sing N N 327 
GOL O3    HO3    sing N N 328 
HIS N     CA     sing N N 329 
HIS N     H      sing N N 330 
HIS N     H2     sing N N 331 
HIS CA    C      sing N N 332 
HIS CA    CB     sing N N 333 
HIS CA    HA     sing N N 334 
HIS C     O      doub N N 335 
HIS C     OXT    sing N N 336 
HIS CB    CG     sing N N 337 
HIS CB    HB2    sing N N 338 
HIS CB    HB3    sing N N 339 
HIS CG    ND1    sing Y N 340 
HIS CG    CD2    doub Y N 341 
HIS ND1   CE1    doub Y N 342 
HIS ND1   HD1    sing N N 343 
HIS CD2   NE2    sing Y N 344 
HIS CD2   HD2    sing N N 345 
HIS CE1   NE2    sing Y N 346 
HIS CE1   HE1    sing N N 347 
HIS NE2   HE2    sing N N 348 
HIS OXT   HXT    sing N N 349 
HOH O     H1     sing N N 350 
HOH O     H2     sing N N 351 
ILE N     CA     sing N N 352 
ILE N     H      sing N N 353 
ILE N     H2     sing N N 354 
ILE CA    C      sing N N 355 
ILE CA    CB     sing N N 356 
ILE CA    HA     sing N N 357 
ILE C     O      doub N N 358 
ILE C     OXT    sing N N 359 
ILE CB    CG1    sing N N 360 
ILE CB    CG2    sing N N 361 
ILE CB    HB     sing N N 362 
ILE CG1   CD1    sing N N 363 
ILE CG1   HG12   sing N N 364 
ILE CG1   HG13   sing N N 365 
ILE CG2   HG21   sing N N 366 
ILE CG2   HG22   sing N N 367 
ILE CG2   HG23   sing N N 368 
ILE CD1   HD11   sing N N 369 
ILE CD1   HD12   sing N N 370 
ILE CD1   HD13   sing N N 371 
ILE OXT   HXT    sing N N 372 
LEU N     CA     sing N N 373 
LEU N     H      sing N N 374 
LEU N     H2     sing N N 375 
LEU CA    C      sing N N 376 
LEU CA    CB     sing N N 377 
LEU CA    HA     sing N N 378 
LEU C     O      doub N N 379 
LEU C     OXT    sing N N 380 
LEU CB    CG     sing N N 381 
LEU CB    HB2    sing N N 382 
LEU CB    HB3    sing N N 383 
LEU CG    CD1    sing N N 384 
LEU CG    CD2    sing N N 385 
LEU CG    HG     sing N N 386 
LEU CD1   HD11   sing N N 387 
LEU CD1   HD12   sing N N 388 
LEU CD1   HD13   sing N N 389 
LEU CD2   HD21   sing N N 390 
LEU CD2   HD22   sing N N 391 
LEU CD2   HD23   sing N N 392 
LEU OXT   HXT    sing N N 393 
LYS N     CA     sing N N 394 
LYS N     H      sing N N 395 
LYS N     H2     sing N N 396 
LYS CA    C      sing N N 397 
LYS CA    CB     sing N N 398 
LYS CA    HA     sing N N 399 
LYS C     O      doub N N 400 
LYS C     OXT    sing N N 401 
LYS CB    CG     sing N N 402 
LYS CB    HB2    sing N N 403 
LYS CB    HB3    sing N N 404 
LYS CG    CD     sing N N 405 
LYS CG    HG2    sing N N 406 
LYS CG    HG3    sing N N 407 
LYS CD    CE     sing N N 408 
LYS CD    HD2    sing N N 409 
LYS CD    HD3    sing N N 410 
LYS CE    NZ     sing N N 411 
LYS CE    HE2    sing N N 412 
LYS CE    HE3    sing N N 413 
LYS NZ    HZ1    sing N N 414 
LYS NZ    HZ2    sing N N 415 
LYS NZ    HZ3    sing N N 416 
LYS OXT   HXT    sing N N 417 
MET N     CA     sing N N 418 
MET N     H      sing N N 419 
MET N     H2     sing N N 420 
MET CA    C      sing N N 421 
MET CA    CB     sing N N 422 
MET CA    HA     sing N N 423 
MET C     O      doub N N 424 
MET C     OXT    sing N N 425 
MET CB    CG     sing N N 426 
MET CB    HB2    sing N N 427 
MET CB    HB3    sing N N 428 
MET CG    SD     sing N N 429 
MET CG    HG2    sing N N 430 
MET CG    HG3    sing N N 431 
MET SD    CE     sing N N 432 
MET CE    HE1    sing N N 433 
MET CE    HE2    sing N N 434 
MET CE    HE3    sing N N 435 
MET OXT   HXT    sing N N 436 
PHE N     CA     sing N N 437 
PHE N     H      sing N N 438 
PHE N     H2     sing N N 439 
PHE CA    C      sing N N 440 
PHE CA    CB     sing N N 441 
PHE CA    HA     sing N N 442 
PHE C     O      doub N N 443 
PHE C     OXT    sing N N 444 
PHE CB    CG     sing N N 445 
PHE CB    HB2    sing N N 446 
PHE CB    HB3    sing N N 447 
PHE CG    CD1    doub Y N 448 
PHE CG    CD2    sing Y N 449 
PHE CD1   CE1    sing Y N 450 
PHE CD1   HD1    sing N N 451 
PHE CD2   CE2    doub Y N 452 
PHE CD2   HD2    sing N N 453 
PHE CE1   CZ     doub Y N 454 
PHE CE1   HE1    sing N N 455 
PHE CE2   CZ     sing Y N 456 
PHE CE2   HE2    sing N N 457 
PHE CZ    HZ     sing N N 458 
PHE OXT   HXT    sing N N 459 
PRO N     CA     sing N N 460 
PRO N     CD     sing N N 461 
PRO N     H      sing N N 462 
PRO CA    C      sing N N 463 
PRO CA    CB     sing N N 464 
PRO CA    HA     sing N N 465 
PRO C     O      doub N N 466 
PRO C     OXT    sing N N 467 
PRO CB    CG     sing N N 468 
PRO CB    HB2    sing N N 469 
PRO CB    HB3    sing N N 470 
PRO CG    CD     sing N N 471 
PRO CG    HG2    sing N N 472 
PRO CG    HG3    sing N N 473 
PRO CD    HD2    sing N N 474 
PRO CD    HD3    sing N N 475 
PRO OXT   HXT    sing N N 476 
SER N     CA     sing N N 477 
SER N     H      sing N N 478 
SER N     H2     sing N N 479 
SER CA    C      sing N N 480 
SER CA    CB     sing N N 481 
SER CA    HA     sing N N 482 
SER C     O      doub N N 483 
SER C     OXT    sing N N 484 
SER CB    OG     sing N N 485 
SER CB    HB2    sing N N 486 
SER CB    HB3    sing N N 487 
SER OG    HG     sing N N 488 
SER OXT   HXT    sing N N 489 
THR N     CA     sing N N 490 
THR N     H      sing N N 491 
THR N     H2     sing N N 492 
THR CA    C      sing N N 493 
THR CA    CB     sing N N 494 
THR CA    HA     sing N N 495 
THR C     O      doub N N 496 
THR C     OXT    sing N N 497 
THR CB    OG1    sing N N 498 
THR CB    CG2    sing N N 499 
THR CB    HB     sing N N 500 
THR OG1   HG1    sing N N 501 
THR CG2   HG21   sing N N 502 
THR CG2   HG22   sing N N 503 
THR CG2   HG23   sing N N 504 
THR OXT   HXT    sing N N 505 
TRP N     CA     sing N N 506 
TRP N     H      sing N N 507 
TRP N     H2     sing N N 508 
TRP CA    C      sing N N 509 
TRP CA    CB     sing N N 510 
TRP CA    HA     sing N N 511 
TRP C     O      doub N N 512 
TRP C     OXT    sing N N 513 
TRP CB    CG     sing N N 514 
TRP CB    HB2    sing N N 515 
TRP CB    HB3    sing N N 516 
TRP CG    CD1    doub Y N 517 
TRP CG    CD2    sing Y N 518 
TRP CD1   NE1    sing Y N 519 
TRP CD1   HD1    sing N N 520 
TRP CD2   CE2    doub Y N 521 
TRP CD2   CE3    sing Y N 522 
TRP NE1   CE2    sing Y N 523 
TRP NE1   HE1    sing N N 524 
TRP CE2   CZ2    sing Y N 525 
TRP CE3   CZ3    doub Y N 526 
TRP CE3   HE3    sing N N 527 
TRP CZ2   CH2    doub Y N 528 
TRP CZ2   HZ2    sing N N 529 
TRP CZ3   CH2    sing Y N 530 
TRP CZ3   HZ3    sing N N 531 
TRP CH2   HH2    sing N N 532 
TRP OXT   HXT    sing N N 533 
TYR N     CA     sing N N 534 
TYR N     H      sing N N 535 
TYR N     H2     sing N N 536 
TYR CA    C      sing N N 537 
TYR CA    CB     sing N N 538 
TYR CA    HA     sing N N 539 
TYR C     O      doub N N 540 
TYR C     OXT    sing N N 541 
TYR CB    CG     sing N N 542 
TYR CB    HB2    sing N N 543 
TYR CB    HB3    sing N N 544 
TYR CG    CD1    doub Y N 545 
TYR CG    CD2    sing Y N 546 
TYR CD1   CE1    sing Y N 547 
TYR CD1   HD1    sing N N 548 
TYR CD2   CE2    doub Y N 549 
TYR CD2   HD2    sing N N 550 
TYR CE1   CZ     doub Y N 551 
TYR CE1   HE1    sing N N 552 
TYR CE2   CZ     sing Y N 553 
TYR CE2   HE2    sing N N 554 
TYR CZ    OH     sing N N 555 
TYR OH    HH     sing N N 556 
TYR OXT   HXT    sing N N 557 
VAL N     CA     sing N N 558 
VAL N     H      sing N N 559 
VAL N     H2     sing N N 560 
VAL CA    C      sing N N 561 
VAL CA    CB     sing N N 562 
VAL CA    HA     sing N N 563 
VAL C     O      doub N N 564 
VAL C     OXT    sing N N 565 
VAL CB    CG1    sing N N 566 
VAL CB    CG2    sing N N 567 
VAL CB    HB     sing N N 568 
VAL CG1   HG11   sing N N 569 
VAL CG1   HG12   sing N N 570 
VAL CG1   HG13   sing N N 571 
VAL CG2   HG21   sing N N 572 
VAL CG2   HG22   sing N N 573 
VAL CG2   HG23   sing N N 574 
VAL OXT   HXT    sing N N 575 
# 
loop_
_ndb_struct_conf_na.entry_id 
_ndb_struct_conf_na.feature 
6JNL 'double helix'        
6JNL 'b-form double helix' 
# 
loop_
_ndb_struct_na_base_pair.model_number 
_ndb_struct_na_base_pair.i_label_asym_id 
_ndb_struct_na_base_pair.i_label_comp_id 
_ndb_struct_na_base_pair.i_label_seq_id 
_ndb_struct_na_base_pair.i_symmetry 
_ndb_struct_na_base_pair.j_label_asym_id 
_ndb_struct_na_base_pair.j_label_comp_id 
_ndb_struct_na_base_pair.j_label_seq_id 
_ndb_struct_na_base_pair.j_symmetry 
_ndb_struct_na_base_pair.shear 
_ndb_struct_na_base_pair.stretch 
_ndb_struct_na_base_pair.stagger 
_ndb_struct_na_base_pair.buckle 
_ndb_struct_na_base_pair.propeller 
_ndb_struct_na_base_pair.opening 
_ndb_struct_na_base_pair.pair_number 
_ndb_struct_na_base_pair.pair_name 
_ndb_struct_na_base_pair.i_auth_asym_id 
_ndb_struct_na_base_pair.i_auth_seq_id 
_ndb_struct_na_base_pair.i_PDB_ins_code 
_ndb_struct_na_base_pair.j_auth_asym_id 
_ndb_struct_na_base_pair.j_auth_seq_id 
_ndb_struct_na_base_pair.j_PDB_ins_code 
_ndb_struct_na_base_pair.hbond_type_28 
_ndb_struct_na_base_pair.hbond_type_12 
1 B DT 2  1_555 C DA 11 1_555 0.032  -0.204 -0.173 -4.229 -10.908 0.593  1  D_DT2:DA11_C D 2  ? C 11 ? 20 1 
1 B DC 3  1_555 C DG 10 1_555 0.117  -0.140 -0.014 -8.460 -9.915  1.511  2  D_DC3:DG10_C D 3  ? C 10 ? 19 1 
1 B DT 4  1_555 C DA 9  1_555 0.004  -0.108 0.319  -5.534 -10.387 -6.002 3  D_DT4:DA9_C  D 4  ? C 9  ? 20 1 
1 B DC 5  1_555 C DG 8  1_555 0.221  -0.144 0.321  -4.033 -11.967 1.228  4  D_DC5:DG8_C  D 5  ? C 8  ? 19 1 
1 B DT 6  1_555 C DA 7  1_555 -0.097 -0.183 0.203  -0.379 -7.630  0.042  5  D_DT6:DA7_C  D 6  ? C 7  ? 20 1 
1 B DG 7  1_555 C DC 6  1_555 0.081  -0.097 0.107  1.422  -14.204 -0.723 6  D_DG7:DC6_C  D 7  ? C 6  ? 19 1 
1 B DT 8  1_555 C DA 5  1_555 -0.058 -0.200 0.414  -0.899 -13.720 -4.226 7  D_DT8:DA5_C  D 8  ? C 5  ? 20 1 
1 B DT 9  1_555 C DA 4  1_555 -0.023 -0.165 0.180  -4.805 -15.593 -1.286 8  D_DT9:DA4_C  D 9  ? C 4  ? 20 1 
1 B DT 10 1_555 C DA 3  1_555 0.237  -0.042 0.025  -8.572 -14.201 -0.864 9  D_DT10:DA3_C D 10 ? C 3  ? 20 1 
1 B DT 11 1_555 C DA 2  1_555 -0.097 -0.085 -0.095 -7.357 -10.389 -1.135 10 D_DT11:DA2_C D 11 ? C 2  ? 20 1 
1 B DG 12 1_555 C DC 1  1_555 -0.053 -0.067 0.159  4.137  -11.358 -1.297 11 D_DG12:DC1_C D 12 ? C 1  ? 19 1 
# 
loop_
_ndb_struct_na_base_pair_step.model_number 
_ndb_struct_na_base_pair_step.i_label_asym_id_1 
_ndb_struct_na_base_pair_step.i_label_comp_id_1 
_ndb_struct_na_base_pair_step.i_label_seq_id_1 
_ndb_struct_na_base_pair_step.i_symmetry_1 
_ndb_struct_na_base_pair_step.j_label_asym_id_1 
_ndb_struct_na_base_pair_step.j_label_comp_id_1 
_ndb_struct_na_base_pair_step.j_label_seq_id_1 
_ndb_struct_na_base_pair_step.j_symmetry_1 
_ndb_struct_na_base_pair_step.i_label_asym_id_2 
_ndb_struct_na_base_pair_step.i_label_comp_id_2 
_ndb_struct_na_base_pair_step.i_label_seq_id_2 
_ndb_struct_na_base_pair_step.i_symmetry_2 
_ndb_struct_na_base_pair_step.j_label_asym_id_2 
_ndb_struct_na_base_pair_step.j_label_comp_id_2 
_ndb_struct_na_base_pair_step.j_label_seq_id_2 
_ndb_struct_na_base_pair_step.j_symmetry_2 
_ndb_struct_na_base_pair_step.shift 
_ndb_struct_na_base_pair_step.slide 
_ndb_struct_na_base_pair_step.rise 
_ndb_struct_na_base_pair_step.tilt 
_ndb_struct_na_base_pair_step.roll 
_ndb_struct_na_base_pair_step.twist 
_ndb_struct_na_base_pair_step.x_displacement 
_ndb_struct_na_base_pair_step.y_displacement 
_ndb_struct_na_base_pair_step.helical_rise 
_ndb_struct_na_base_pair_step.inclination 
_ndb_struct_na_base_pair_step.tip 
_ndb_struct_na_base_pair_step.helical_twist 
_ndb_struct_na_base_pair_step.step_number 
_ndb_struct_na_base_pair_step.step_name 
_ndb_struct_na_base_pair_step.i_auth_asym_id_1 
_ndb_struct_na_base_pair_step.i_auth_seq_id_1 
_ndb_struct_na_base_pair_step.i_PDB_ins_code_1 
_ndb_struct_na_base_pair_step.j_auth_asym_id_1 
_ndb_struct_na_base_pair_step.j_auth_seq_id_1 
_ndb_struct_na_base_pair_step.j_PDB_ins_code_1 
_ndb_struct_na_base_pair_step.i_auth_asym_id_2 
_ndb_struct_na_base_pair_step.i_auth_seq_id_2 
_ndb_struct_na_base_pair_step.i_PDB_ins_code_2 
_ndb_struct_na_base_pair_step.j_auth_asym_id_2 
_ndb_struct_na_base_pair_step.j_auth_seq_id_2 
_ndb_struct_na_base_pair_step.j_PDB_ins_code_2 
1 B DT 2  1_555 C DA 11 1_555 B DC 3  1_555 C DG 10 1_555 1.477  0.155  3.298 3.129  -1.385 38.994 0.401  -1.821 3.394 -2.071 
-4.677 39.138 1  DD_DT2DC3:DG10DA11_CC D 2  ? C 11 ? D 3  ? C 10 ? 
1 B DC 3  1_555 C DG 10 1_555 B DT 4  1_555 C DA 9  1_555 -1.233 -0.239 3.480 -1.542 2.905  30.486 -1.065 2.006  3.499 5.504  
2.922  30.658 2  DD_DC3DT4:DA9DG10_CC  D 3  ? C 10 ? D 4  ? C 9  ? 
1 B DT 4  1_555 C DA 9  1_555 B DC 5  1_555 C DG 8  1_555 -0.147 -0.390 3.171 -2.448 6.215  35.962 -1.445 -0.090 3.067 9.961  
3.923  36.557 3  DD_DT4DC5:DG8DA9_CC   D 4  ? C 9  ? D 5  ? C 8  ? 
1 B DC 5  1_555 C DG 8  1_555 B DT 6  1_555 C DA 7  1_555 -0.067 -0.300 3.206 2.045  3.994  25.814 -1.713 0.687  3.110 8.854  
-4.534 26.194 4  DD_DC5DT6:DA7DG8_CC   D 5  ? C 8  ? D 6  ? C 7  ? 
1 B DT 6  1_555 C DA 7  1_555 B DG 7  1_555 C DC 6  1_555 -0.736 1.005  3.315 -4.783 4.076  41.213 0.965  0.509  3.455 5.750  
6.747  41.669 5  DD_DT6DG7:DC6DA7_CC   D 6  ? C 7  ? D 7  ? C 6  ? 
1 B DG 7  1_555 C DC 6  1_555 B DT 8  1_555 C DA 5  1_555 -0.154 -0.656 3.368 -3.704 -4.061 35.282 -0.457 -0.307 3.418 -6.650 
6.066  35.695 6  DD_DG7DT8:DA5DC6_CC   D 7  ? C 6  ? D 8  ? C 5  ? 
1 B DT 8  1_555 C DA 5  1_555 B DT 9  1_555 C DA 4  1_555 -0.398 -0.668 3.252 0.394  -5.389 36.088 -0.315 0.690  3.309 -8.638 
-0.632 36.477 7  DD_DT8DT9:DA4DA5_CC   D 8  ? C 5  ? D 9  ? C 4  ? 
1 B DT 9  1_555 C DA 4  1_555 B DT 10 1_555 C DA 3  1_555 -0.167 -0.334 3.225 -0.430 -1.907 39.318 -0.272 0.198  3.239 -2.832 
0.638  39.365 8  DD_DT9DT10:DA3DA4_CC  D 9  ? C 4  ? D 10 ? C 3  ? 
1 B DT 10 1_555 C DA 3  1_555 B DT 11 1_555 C DA 2  1_555 -0.110 -0.089 3.241 -0.827 -3.569 34.795 0.386  0.060  3.236 -5.948 
1.379  34.982 9  DD_DT10DT11:DA2DA3_CC D 10 ? C 3  ? D 11 ? C 2  ? 
1 B DT 11 1_555 C DA 2  1_555 B DG 12 1_555 C DC 1  1_555 0.200  0.375  3.112 -5.583 7.401  36.008 -0.359 -1.029 3.063 11.735 
8.852  37.144 10 DD_DT11DG12:DC1DA2_CC D 11 ? C 2  ? D 12 ? C 1  ? 
# 
_pdbx_initial_refinement_model.id               1 
_pdbx_initial_refinement_model.entity_id_list   ? 
_pdbx_initial_refinement_model.type             'experimental model' 
_pdbx_initial_refinement_model.source_name      PDB 
_pdbx_initial_refinement_model.accession_code   4R2S 
_pdbx_initial_refinement_model.details          ? 
# 
_atom_sites.entry_id                    6JNL 
_atom_sites.fract_transf_matrix[1][1]   0.00509796 
_atom_sites.fract_transf_matrix[1][2]   -0.00713717 
_atom_sites.fract_transf_matrix[1][3]   -0.00699072 
_atom_sites.fract_transf_matrix[2][1]   0.00446706 
_atom_sites.fract_transf_matrix[2][2]   0.00864848 
_atom_sites.fract_transf_matrix[2][3]   -0.00557207 
_atom_sites.fract_transf_matrix[3][1]   0.01097420 
_atom_sites.fract_transf_matrix[3][2]   -0.00030896 
_atom_sites.fract_transf_matrix[3][3]   0.00831833 
_atom_sites.fract_transf_vector[1]      0.346715 
_atom_sites.fract_transf_vector[2]      -0.164197 
_atom_sites.fract_transf_vector[3]      -0.004471 
# 
loop_
_atom_type.symbol 
C  
MG 
N  
O  
P  
S  
ZN 
# 
loop_
_atom_site.group_PDB 
_atom_site.id 
_atom_site.type_symbol 
_atom_site.label_atom_id 
_atom_site.label_alt_id 
_atom_site.label_comp_id 
_atom_site.label_asym_id 
_atom_site.label_entity_id 
_atom_site.label_seq_id 
_atom_site.pdbx_PDB_ins_code 
_atom_site.Cartn_x 
_atom_site.Cartn_y 
_atom_site.Cartn_z 
_atom_site.occupancy 
_atom_site.B_iso_or_equiv 
_atom_site.pdbx_formal_charge 
_atom_site.auth_seq_id 
_atom_site.auth_comp_id 
_atom_site.auth_asym_id 
_atom_site.auth_atom_id 
_atom_site.pdbx_PDB_model_num 
ATOM   1    N  N     . ARG A 1 6  ? -14.015 -6.652  19.753  1.00 104.37 ?  1265 ARG A N     1 
ATOM   2    C  CA    . ARG A 1 6  ? -14.704 -6.364  18.441  1.00 106.60 ?  1265 ARG A CA    1 
ATOM   3    C  C     . ARG A 1 6  ? -14.843 -4.851  18.313  1.00 104.66 ?  1265 ARG A C     1 
ATOM   4    O  O     . ARG A 1 6  ? -15.528 -4.234  19.123  1.00 99.25  ?  1265 ARG A O     1 
ATOM   5    C  CB    . ARG A 1 6  ? -16.132 -6.977  18.327  1.00 110.53 ?  1265 ARG A CB    1 
ATOM   6    C  CG    . ARG A 1 6  ? -16.354 -8.435  18.693  1.00 115.73 ?  1265 ARG A CG    1 
ATOM   7    C  CD    . ARG A 1 6  ? -15.851 -9.392  17.638  1.00 124.51 ?  1265 ARG A CD    1 
ATOM   8    N  NE    . ARG A 1 6  ? -14.432 -9.666  17.852  1.00 130.87 ?  1265 ARG A NE    1 
ATOM   9    C  CZ    . ARG A 1 6  ? -13.764 -10.711 17.370  1.00 132.58 ?  1265 ARG A CZ    1 
ATOM   10   N  NH1   . ARG A 1 6  ? -14.361 -11.629 16.617  1.00 139.62 ?  1265 ARG A NH1   1 
ATOM   11   N  NH2   . ARG A 1 6  ? -12.471 -10.843 17.645  1.00 130.71 ?  1265 ARG A NH2   1 
ATOM   12   N  N     . ASN A 1 7  ? -14.205 -4.252  17.306  1.00 96.35  ?  1266 ASN A N     1 
ATOM   13   C  CA    . ASN A 1 7  ? -14.379 -2.817  17.018  1.00 93.44  ?  1266 ASN A CA    1 
ATOM   14   C  C     . ASN A 1 7  ? -15.009 -2.668  15.647  1.00 94.18  ?  1266 ASN A C     1 
ATOM   15   O  O     . ASN A 1 7  ? -14.353 -2.849  14.625  1.00 100.33 ?  1266 ASN A O     1 
ATOM   16   C  CB    . ASN A 1 7  ? -13.058 -2.084  17.037  1.00 88.83  ?  1266 ASN A CB    1 
ATOM   17   C  CG    . ASN A 1 7  ? -12.290 -2.296  18.307  1.00 86.90  ?  1266 ASN A CG    1 
ATOM   18   O  OD1   . ASN A 1 7  ? -12.344 -1.483  19.204  1.00 95.47  ?  1266 ASN A OD1   1 
ATOM   19   N  ND2   . ASN A 1 7  ? -11.560 -3.378  18.378  1.00 90.85  ?  1266 ASN A ND2   1 
ATOM   20   N  N     . ILE A 1 8  ? -16.285 -2.335  15.624  1.00 92.47  ?  1267 ILE A N     1 
ATOM   21   C  CA    . ILE A 1 8  ? -17.084 -2.429  14.415  1.00 97.37  ?  1267 ILE A CA    1 
ATOM   22   C  C     . ILE A 1 8  ? -17.289 -1.030  13.874  1.00 97.52  ?  1267 ILE A C     1 
ATOM   23   O  O     . ILE A 1 8  ? -17.524 -0.104  14.641  1.00 89.37  ?  1267 ILE A O     1 
ATOM   24   C  CB    . ILE A 1 8  ? -18.456 -3.074  14.704  1.00 99.11  ?  1267 ILE A CB    1 
ATOM   25   C  CG1   . ILE A 1 8  ? -18.264 -4.530  15.153  1.00 105.43 ?  1267 ILE A CG1   1 
ATOM   26   C  CG2   . ILE A 1 8  ? -19.364 -3.004  13.469  1.00 96.17  ?  1267 ILE A CG2   1 
ATOM   27   C  CD1   . ILE A 1 8  ? -17.712 -4.710  16.556  1.00 105.04 ?  1267 ILE A CD1   1 
ATOM   28   N  N     . CYS A 1 9  ? -17.212 -0.864  12.556  1.00 90.91  ?  1268 CYS A N     1 
ATOM   29   C  CA    . CYS A 1 9  ? -17.453 0.452   11.977  1.00 88.35  ?  1268 CYS A CA    1 
ATOM   30   C  C     . CYS A 1 9  ? -18.958 0.760   11.940  1.00 91.04  ?  1268 CYS A C     1 
ATOM   31   O  O     . CYS A 1 9  ? -19.720 -0.025  11.365  1.00 87.92  ?  1268 CYS A O     1 
ATOM   32   C  CB    . CYS A 1 9  ? -16.886 0.579   10.548  1.00 74.32  ?  1268 CYS A CB    1 
ATOM   33   S  SG    . CYS A 1 9  ? -16.854 2.312   9.945   1.00 79.43  ?  1268 CYS A SG    1 
ATOM   34   N  N     . PRO A 1 10 ? -19.374 1.921   12.492  1.00 94.83  ?  1269 PRO A N     1 
ATOM   35   C  CA    . PRO A 1 10 ? -20.787 2.322   12.379  1.00 98.63  ?  1269 PRO A CA    1 
ATOM   36   C  C     . PRO A 1 10 ? -21.349 2.496   10.958  1.00 95.09  ?  1269 PRO A C     1 
ATOM   37   O  O     . PRO A 1 10 ? -22.464 2.086   10.706  1.00 93.44  ?  1269 PRO A O     1 
ATOM   38   C  CB    . PRO A 1 10 ? -20.825 3.686   13.103  1.00 99.82  ?  1269 PRO A CB    1 
ATOM   39   C  CG    . PRO A 1 10 ? -19.425 4.215   13.024  1.00 105.31 ?  1269 PRO A CG    1 
ATOM   40   C  CD    . PRO A 1 10 ? -18.562 2.982   13.142  1.00 100.24 ?  1269 PRO A CD    1 
ATOM   41   N  N     . ILE A 1 11 ? -20.569 3.042   10.037  1.00 91.84  ?  1270 ILE A N     1 
ATOM   42   C  CA    . ILE A 1 11 ? -21.108 3.811   8.911   1.00 83.43  ?  1270 ILE A CA    1 
ATOM   43   C  C     . ILE A 1 11 ? -21.803 2.921   7.913   1.00 92.30  ?  1270 ILE A C     1 
ATOM   44   O  O     . ILE A 1 11 ? -21.499 1.724   7.810   1.00 77.67  ?  1270 ILE A O     1 
ATOM   45   C  CB    . ILE A 1 11 ? -19.993 4.618   8.180   1.00 85.20  ?  1270 ILE A CB    1 
ATOM   46   C  CG1   . ILE A 1 11 ? -19.170 5.458   9.163   1.00 81.82  ?  1270 ILE A CG1   1 
ATOM   47   C  CG2   . ILE A 1 11 ? -20.564 5.567   7.129   1.00 89.63  ?  1270 ILE A CG2   1 
ATOM   48   C  CD1   . ILE A 1 11 ? -19.969 6.418   10.025  1.00 87.72  ?  1270 ILE A CD1   1 
ATOM   49   N  N     . LYS A 1 12 ? -22.777 3.531   7.231   1.00 103.56 ?  1271 LYS A N     1 
ATOM   50   C  CA    . LYS A 1 12 ? -23.370 3.053   5.972   1.00 104.22 ?  1271 LYS A CA    1 
ATOM   51   C  C     . LYS A 1 12 ? -23.487 1.527   5.891   1.00 102.52 ?  1271 LYS A C     1 
ATOM   52   O  O     . LYS A 1 12 ? -24.040 0.932   6.798   1.00 115.73 ?  1271 LYS A O     1 
ATOM   53   C  CB    . LYS A 1 12 ? -22.647 3.701   4.757   1.00 104.34 ?  1271 LYS A CB    1 
ATOM   54   C  CG    . LYS A 1 12 ? -23.204 3.301   3.389   1.00 113.45 ?  1271 LYS A CG    1 
ATOM   55   C  CD    . LYS A 1 12 ? -23.738 4.422   2.531   1.00 113.12 ?  1271 LYS A CD    1 
ATOM   56   C  CE    . LYS A 1 12 ? -24.802 3.851   1.598   1.00 104.27 ?  1271 LYS A CE    1 
ATOM   57   N  NZ    . LYS A 1 12 ? -25.561 4.933   0.920   1.00 103.40 ?  1271 LYS A NZ    1 
ATOM   58   N  N     . GLY A 1 13 ? -22.953 0.900   4.846   1.00 98.21  ?  1272 GLY A N     1 
ATOM   59   C  CA    . GLY A 1 13 ? -23.102 -0.519  4.607   1.00 92.63  ?  1272 GLY A CA    1 
ATOM   60   C  C     . GLY A 1 13 ? -21.664 -0.940  4.671   1.00 87.00  ?  1272 GLY A C     1 
ATOM   61   O  O     . GLY A 1 13 ? -21.188 -1.630  3.790   1.00 96.27  ?  1272 GLY A O     1 
ATOM   62   N  N     . CYS A 1 14 ? -20.962 -0.451  5.696   1.00 88.77  ?  1273 CYS A N     1 
ATOM   63   C  CA    . CYS A 1 14 ? -19.605 -0.843  5.938   1.00 90.92  ?  1273 CYS A CA    1 
ATOM   64   C  C     . CYS A 1 14 ? -19.624 -1.943  6.983   1.00 90.73  ?  1273 CYS A C     1 
ATOM   65   O  O     . CYS A 1 14 ? -19.516 -3.108  6.633   1.00 83.18  ?  1273 CYS A O     1 
ATOM   66   C  CB    . CYS A 1 14 ? -18.715 0.323   6.379   1.00 89.38  ?  1273 CYS A CB    1 
ATOM   67   S  SG    . CYS A 1 14 ? -17.085 -0.332  6.830   1.00 82.28  ?  1273 CYS A SG    1 
ATOM   68   N  N     . GLY A 1 15 ? -19.736 -1.578  8.262   1.00 93.95  ?  1274 GLY A N     1 
ATOM   69   C  CA    . GLY A 1 15 ? -19.763 -2.545  9.349   1.00 90.93  ?  1274 GLY A CA    1 
ATOM   70   C  C     . GLY A 1 15 ? -18.723 -3.656  9.473   1.00 96.42  ?  1274 GLY A C     1 
ATOM   71   O  O     . GLY A 1 15 ? -19.001 -4.668  10.146  1.00 91.46  ?  1274 GLY A O     1 
ATOM   72   N  N     . LYS A 1 16 ? -17.528 -3.515  8.892   1.00 89.84  ?  1275 LYS A N     1 
ATOM   73   C  CA    . LYS A 1 16 ? -16.526 -4.567  9.146   1.00 92.09  ?  1275 LYS A CA    1 
ATOM   74   C  C     . LYS A 1 16 ? -15.820 -4.226  10.432  1.00 82.98  ?  1275 LYS A C     1 
ATOM   75   O  O     . LYS A 1 16 ? -15.872 -3.078  10.876  1.00 77.36  ?  1275 LYS A O     1 
ATOM   76   C  CB    . LYS A 1 16 ? -15.567 -4.811  8.000   1.00 96.72  ?  1275 LYS A CB    1 
ATOM   77   C  CG    . LYS A 1 16 ? -15.011 -3.579  7.336   1.00 99.47  ?  1275 LYS A CG    1 
ATOM   78   C  CD    . LYS A 1 16 ? -13.900 -4.021  6.389   1.00 109.18 ?  1275 LYS A CD    1 
ATOM   79   C  CE    . LYS A 1 16 ? -13.667 -3.028  5.273   1.00 97.72  ?  1275 LYS A CE    1 
ATOM   80   N  NZ    . LYS A 1 16 ? -14.737 -3.095  4.253   1.00 86.87  ?  1275 LYS A NZ    1 
ATOM   81   N  N     . ASN A 1 17 ? -15.235 -5.237  11.063  1.00 79.13  ?  1276 ASN A N     1 
ATOM   82   C  CA    . ASN A 1 17 ? -14.641 -5.043  12.389  1.00 100.67 ?  1276 ASN A CA    1 
ATOM   83   C  C     . ASN A 1 17 ? -13.126 -5.086  12.262  1.00 91.68  ?  1276 ASN A C     1 
ATOM   84   O  O     . ASN A 1 17 ? -12.621 -5.532  11.260  1.00 91.80  ?  1276 ASN A O     1 
ATOM   85   C  CB    . ASN A 1 17 ? -15.241 -6.011  13.461  1.00 94.42  ?  1276 ASN A CB    1 
ATOM   86   C  CG    . ASN A 1 17 ? -14.291 -7.108  13.907  1.00 103.17 ?  1276 ASN A CG    1 
ATOM   87   O  OD1   . ASN A 1 17 ? -13.942 -7.231  15.104  1.00 109.83 ?  1276 ASN A OD1   1 
ATOM   88   N  ND2   . ASN A 1 17 ? -13.876 -7.923  12.959  1.00 107.06 ?  1276 ASN A ND2   1 
ATOM   89   N  N     . PHE A 1 18 ? -12.416 -4.604  13.274  1.00 86.37  ?  1277 PHE A N     1 
ATOM   90   C  CA    . PHE A 1 18 ? -10.982 -4.469  13.199  1.00 84.22  ?  1277 PHE A CA    1 
ATOM   91   C  C     . PHE A 1 18 ? -10.327 -5.049  14.399  1.00 84.58  ?  1277 PHE A C     1 
ATOM   92   O  O     . PHE A 1 18 ? -10.896 -5.042  15.473  1.00 87.91  ?  1277 PHE A O     1 
ATOM   93   C  CB    . PHE A 1 18 ? -10.640 -3.003  13.039  1.00 82.75  ?  1277 PHE A CB    1 
ATOM   94   C  CG    . PHE A 1 18 ? -11.328 -2.417  11.864  1.00 76.22  ?  1277 PHE A CG    1 
ATOM   95   C  CD1   . PHE A 1 18 ? -10.946 -2.794  10.587  1.00 77.38  ?  1277 PHE A CD1   1 
ATOM   96   C  CD2   . PHE A 1 18 ? -12.427 -1.615  12.019  1.00 74.96  ?  1277 PHE A CD2   1 
ATOM   97   C  CE1   . PHE A 1 18 ? -11.624 -2.303  9.480   1.00 78.29  ?  1277 PHE A CE1   1 
ATOM   98   C  CE2   . PHE A 1 18 ? -13.108 -1.116  10.925  1.00 78.45  ?  1277 PHE A CE2   1 
ATOM   99   C  CZ    . PHE A 1 18 ? -12.708 -1.457  9.655   1.00 82.37  ?  1277 PHE A CZ    1 
ATOM   100  N  N     . PHE A 1 19 ? -9.124  -5.568  14.197  1.00 89.30  ?  1278 PHE A N     1 
ATOM   101  C  CA    . PHE A 1 19 ? -8.322  -6.081  15.291  1.00 94.98  ?  1278 PHE A CA    1 
ATOM   102  C  C     . PHE A 1 19 ? -8.191  -5.027  16.426  1.00 87.50  ?  1278 PHE A C     1 
ATOM   103  O  O     . PHE A 1 19 ? -7.852  -5.388  17.530  1.00 83.19  ?  1278 PHE A O     1 
ATOM   104  C  CB    . PHE A 1 19 ? -6.921  -6.528  14.775  1.00 103.16 ?  1278 PHE A CB    1 
ATOM   105  C  CG    . PHE A 1 19 ? -5.951  -5.375  14.581  1.00 101.87 ?  1278 PHE A CG    1 
ATOM   106  C  CD1   . PHE A 1 19 ? -6.111  -4.469  13.509  1.00 110.17 ?  1278 PHE A CD1   1 
ATOM   107  C  CD2   . PHE A 1 19 ? -4.905  -5.154  15.499  1.00 94.88  ?  1278 PHE A CD2   1 
ATOM   108  C  CE1   . PHE A 1 19 ? -5.243  -3.390  13.350  1.00 99.94  ?  1278 PHE A CE1   1 
ATOM   109  C  CE2   . PHE A 1 19 ? -4.033  -4.071  15.348  1.00 87.89  ?  1278 PHE A CE2   1 
ATOM   110  C  CZ    . PHE A 1 19 ? -4.208  -3.186  14.277  1.00 96.96  ?  1278 PHE A CZ    1 
ATOM   111  N  N     . SER A 1 20 ? -8.437  -3.741  16.154  1.00 82.54  ?  1279 SER A N     1 
ATOM   112  C  CA    . SER A 1 20 ? -8.122  -2.685  17.099  1.00 79.35  ?  1279 SER A CA    1 
ATOM   113  C  C     . SER A 1 20 ? -8.999  -1.460  16.961  1.00 85.03  ?  1279 SER A C     1 
ATOM   114  O  O     . SER A 1 20 ? -9.519  -1.147  15.887  1.00 76.93  ?  1279 SER A O     1 
ATOM   115  C  CB    . SER A 1 20 ? -6.655  -2.253  16.922  1.00 77.75  ?  1279 SER A CB    1 
ATOM   116  O  OG    . SER A 1 20 ? -6.521  -0.866  16.628  1.00 83.24  ?  1279 SER A OG    1 
ATOM   117  N  N     . HIS A 1 21 ? -9.072  -0.734  18.068  1.00 87.67  ?  1280 HIS A N     1 
ATOM   118  C  CA    . HIS A 1 21 ? -9.826  0.503   18.166  1.00 89.72  ?  1280 HIS A CA    1 
ATOM   119  C  C     . HIS A 1 21 ? -9.036  1.637   17.510  1.00 73.95  ?  1280 HIS A C     1 
ATOM   120  O  O     . HIS A 1 21 ? -9.605  2.415   16.748  1.00 72.98  ?  1280 HIS A O     1 
ATOM   121  C  CB    . HIS A 1 21 ? -10.137 0.801   19.656  1.00 96.73  ?  1280 HIS A CB    1 
ATOM   122  C  CG    . HIS A 1 21 ? -11.265 1.771   19.900  1.00 96.73  ?  1280 HIS A CG    1 
ATOM   123  N  ND1   . HIS A 1 21 ? -11.709 2.691   18.963  1.00 87.56  ?  1280 HIS A ND1   1 
ATOM   124  C  CD2   . HIS A 1 21 ? -11.984 2.010   21.025  1.00 95.93  ?  1280 HIS A CD2   1 
ATOM   125  C  CE1   . HIS A 1 21 ? -12.674 3.421   19.487  1.00 92.82  ?  1280 HIS A CE1   1 
ATOM   126  N  NE2   . HIS A 1 21 ? -12.859 3.029   20.736  1.00 98.26  ?  1280 HIS A NE2   1 
ATOM   127  N  N     . LYS A 1 22 ? -7.739  1.754   17.779  1.00 73.65  ?  1281 LYS A N     1 
ATOM   128  C  CA    . LYS A 1 22 ? -6.943  2.796   17.080  1.00 72.94  ?  1281 LYS A CA    1 
ATOM   129  C  C     . LYS A 1 22 ? -7.094  2.732   15.525  1.00 67.98  ?  1281 LYS A C     1 
ATOM   130  O  O     . LYS A 1 22 ? -7.193  3.765   14.857  1.00 63.96  ?  1281 LYS A O     1 
ATOM   131  C  CB    . LYS A 1 22 ? -5.475  2.711   17.480  1.00 75.50  ?  1281 LYS A CB    1 
ATOM   132  C  CG    . LYS A 1 22 ? -4.715  4.016   17.278  1.00 95.73  ?  1281 LYS A CG    1 
ATOM   133  C  CD    . LYS A 1 22 ? -5.079  5.132   18.268  1.00 106.66 ?  1281 LYS A CD    1 
ATOM   134  C  CE    . LYS A 1 22 ? -4.970  4.725   19.734  1.00 108.28 ?  1281 LYS A CE    1 
ATOM   135  N  NZ    . LYS A 1 22 ? -3.733  3.955   20.035  1.00 116.17 ?  1281 LYS A NZ    1 
ATOM   136  N  N     . TYR A 1 23 ? -7.162  1.515   14.965  1.00 65.85  ?  1282 TYR A N     1 
ATOM   137  C  CA    . TYR A 1 23 ? -7.293  1.375   13.510  1.00 72.80  ?  1282 TYR A CA    1 
ATOM   138  C  C     . TYR A 1 23 ? -8.691  1.678   13.026  1.00 62.66  ?  1282 TYR A C     1 
ATOM   139  O  O     . TYR A 1 23 ? -8.880  2.232   11.934  1.00 67.14  ?  1282 TYR A O     1 
ATOM   140  C  CB    . TYR A 1 23 ? -6.820  0.002   12.923  1.00 76.98  ?  1282 TYR A CB    1 
ATOM   141  C  CG    . TYR A 1 23 ? -6.950  0.056   11.394  1.00 74.45  ?  1282 TYR A CG    1 
ATOM   142  C  CD1   . TYR A 1 23 ? -6.108  0.884   10.639  1.00 73.76  ?  1282 TYR A CD1   1 
ATOM   143  C  CD2   . TYR A 1 23 ? -8.008  -0.585  10.726  1.00 69.84  ?  1282 TYR A CD2   1 
ATOM   144  C  CE1   . TYR A 1 23 ? -6.274  1.024   9.266   1.00 74.45  ?  1282 TYR A CE1   1 
ATOM   145  C  CE2   . TYR A 1 23 ? -8.162  -0.452  9.350   1.00 70.72  ?  1282 TYR A CE2   1 
ATOM   146  C  CZ    . TYR A 1 23 ? -7.297  0.353   8.637   1.00 70.54  ?  1282 TYR A CZ    1 
ATOM   147  O  OH    . TYR A 1 23 ? -7.461  0.508   7.305   1.00 68.03  ?  1282 TYR A OH    1 
ATOM   148  N  N     . LEU A 1 24 ? -9.682  1.286   13.803  1.00 74.22  ?  1283 LEU A N     1 
ATOM   149  C  CA    . LEU A 1 24 ? -11.038 1.726   13.526  1.00 72.39  ?  1283 LEU A CA    1 
ATOM   150  C  C     . LEU A 1 24 ? -11.085 3.244   13.353  1.00 60.13  ?  1283 LEU A C     1 
ATOM   151  O  O     . LEU A 1 24 ? -11.710 3.741   12.428  1.00 64.97  ?  1283 LEU A O     1 
ATOM   152  C  CB    . LEU A 1 24 ? -11.966 1.274   14.648  1.00 87.54  ?  1283 LEU A CB    1 
ATOM   153  C  CG    . LEU A 1 24 ? -13.421 1.772   14.620  1.00 84.97  ?  1283 LEU A CG    1 
ATOM   154  C  CD1   . LEU A 1 24 ? -14.108 1.565   13.270  1.00 81.95  ?  1283 LEU A CD1   1 
ATOM   155  C  CD2   . LEU A 1 24 ? -14.191 1.049   15.737  1.00 94.30  ?  1283 LEU A CD2   1 
ATOM   156  N  N     . VAL A 1 25 ? -10.366 3.985   14.188  1.00 60.70  ?  1284 VAL A N     1 
ATOM   157  C  CA    . VAL A 1 25 ? -10.390 5.453   14.040  1.00 70.67  ?  1284 VAL A CA    1 
ATOM   158  C  C     . VAL A 1 25 ? -9.726  5.852   12.730  1.00 73.38  ?  1284 VAL A C     1 
ATOM   159  O  O     . VAL A 1 25 ? -10.267 6.671   11.997  1.00 78.00  ?  1284 VAL A O     1 
ATOM   160  C  CB    . VAL A 1 25 ? -9.920  6.324   15.310  1.00 78.17  ?  1284 VAL A CB    1 
ATOM   161  C  CG1   . VAL A 1 25 ? -8.818  5.729   16.173  1.00 89.61  ?  1284 VAL A CG1   1 
ATOM   162  C  CG2   . VAL A 1 25 ? -9.477  7.732   14.898  1.00 74.57  ?  1284 VAL A CG2   1 
ATOM   163  N  N     . GLN A 1 26 ? -8.580  5.258   12.418  1.00 71.40  ?  1285 GLN A N     1 
ATOM   164  C  CA    . GLN A 1 26 ? -7.884  5.606   11.157  1.00 75.70  ?  1285 GLN A CA    1 
ATOM   165  C  C     . GLN A 1 26 ? -8.623  5.134   9.919   1.00 61.00  ?  1285 GLN A C     1 
ATOM   166  O  O     . GLN A 1 26 ? -8.639  5.809   8.920   1.00 58.36  ?  1285 GLN A O     1 
ATOM   167  C  CB    . GLN A 1 26 ? -6.522  4.998   11.173  1.00 80.78  ?  1285 GLN A CB    1 
ATOM   168  C  CG    . GLN A 1 26 ? -5.653  5.673   12.181  1.00 83.91  ?  1285 GLN A CG    1 
ATOM   169  C  CD    . GLN A 1 26 ? -4.399  4.906   12.383  1.00 91.93  ?  1285 GLN A CD    1 
ATOM   170  O  OE1   . GLN A 1 26 ? -3.308  5.422   12.172  1.00 94.09  ?  1285 GLN A OE1   1 
ATOM   171  N  NE2   . GLN A 1 26 ? -4.538  3.655   12.779  1.00 103.47 ?  1285 GLN A NE2   1 
ATOM   172  N  N     . HIS A 1 27 ? -9.292  3.988   10.042  1.00 58.28  ?  1286 HIS A N     1 
ATOM   173  C  CA    . HIS A 1 27 ? -10.194 3.493   9.008   1.00 61.97  ?  1286 HIS A CA    1 
ATOM   174  C  C     . HIS A 1 27 ? -11.207 4.507   8.469   1.00 67.69  ?  1286 HIS A C     1 
ATOM   175  O  O     . HIS A 1 27 ? -11.597 4.460   7.294   1.00 62.32  ?  1286 HIS A O     1 
ATOM   176  C  CB    . HIS A 1 27 ? -10.930 2.280   9.533   1.00 69.71  ?  1286 HIS A CB    1 
ATOM   177  C  CG    . HIS A 1 27 ? -12.046 1.837   8.647   1.00 82.30  ?  1286 HIS A CG    1 
ATOM   178  N  ND1   . HIS A 1 27 ? -11.872 0.865   7.695   1.00 73.16  ?  1286 HIS A ND1   1 
ATOM   179  C  CD2   . HIS A 1 27 ? -13.327 2.255   8.532   1.00 81.37  ?  1286 HIS A CD2   1 
ATOM   180  C  CE1   . HIS A 1 27 ? -12.997 0.685   7.040   1.00 73.28  ?  1286 HIS A CE1   1 
ATOM   181  N  NE2   . HIS A 1 27 ? -13.893 1.513   7.528   1.00 92.24  ?  1286 HIS A NE2   1 
ATOM   182  N  N     . GLN A 1 28 ? -11.642 5.421   9.327   1.00 69.02  ?  1287 GLN A N     1 
ATOM   183  C  CA    . GLN A 1 28 ? -12.672 6.374   8.933   1.00 67.11  ?  1287 GLN A CA    1 
ATOM   184  C  C     . GLN A 1 28 ? -12.266 7.241   7.747   1.00 67.77  ?  1287 GLN A C     1 
ATOM   185  O  O     . GLN A 1 28 ? -13.128 7.788   7.042   1.00 69.66  ?  1287 GLN A O     1 
ATOM   186  C  CB    . GLN A 1 28 ? -13.104 7.260   10.126  1.00 75.02  ?  1287 GLN A CB    1 
ATOM   187  C  CG    . GLN A 1 28 ? -13.628 6.527   11.402  1.00 71.77  ?  1287 GLN A CG    1 
ATOM   188  C  CD    . GLN A 1 28 ? -14.601 5.375   11.153  1.00 68.09  ?  1287 GLN A CD    1 
ATOM   189  O  OE1   . GLN A 1 28 ? -14.424 4.287   11.680  1.00 81.06  ?  1287 GLN A OE1   1 
ATOM   190  N  NE2   . GLN A 1 28 ? -15.615 5.595   10.334  1.00 76.67  ?  1287 GLN A NE2   1 
ATOM   191  N  N     . ARG A 1 29 ? -10.972 7.348   7.450   1.00 69.06  ?  1288 ARG A N     1 
ATOM   192  C  CA    . ARG A 1 29 ? -10.600 8.157   6.293   1.00 54.54  ?  1288 ARG A CA    1 
ATOM   193  C  C     . ARG A 1 29 ? -11.119 7.517   4.981   1.00 56.09  ?  1288 ARG A C     1 
ATOM   194  O  O     . ARG A 1 29 ? -11.296 8.207   3.982   1.00 55.54  ?  1288 ARG A O     1 
ATOM   195  C  CB    . ARG A 1 29 ? -9.117  8.374   6.278   1.00 64.72  ?  1288 ARG A CB    1 
ATOM   196  C  CG    . ARG A 1 29 ? -8.349  7.180   5.753   1.00 64.63  ?  1288 ARG A CG    1 
ATOM   197  C  CD    . ARG A 1 29 ? -6.878  7.407   5.911   1.00 65.76  ?  1288 ARG A CD    1 
ATOM   198  N  NE    . ARG A 1 29 ? -6.488  7.268   7.302   1.00 63.58  ?  1288 ARG A NE    1 
ATOM   199  C  CZ    . ARG A 1 29 ? -5.265  7.483   7.767   1.00 61.11  ?  1288 ARG A CZ    1 
ATOM   200  N  NH1   . ARG A 1 29 ? -4.271  7.797   6.930   1.00 60.75  ?  1288 ARG A NH1   1 
ATOM   201  N  NH2   . ARG A 1 29 ? -5.011  7.303   9.072   1.00 66.10  ?  1288 ARG A NH2   1 
ATOM   202  N  N     . VAL A 1 30 ? -11.425 6.216   5.012   1.00 57.80  ?  1289 VAL A N     1 
ATOM   203  C  CA    . VAL A 1 30 ? -12.095 5.531   3.888   1.00 68.86  ?  1289 VAL A CA    1 
ATOM   204  C  C     . VAL A 1 30 ? -13.416 6.200   3.558   1.00 73.44  ?  1289 VAL A C     1 
ATOM   205  O  O     . VAL A 1 30 ? -13.773 6.299   2.399   1.00 75.58  ?  1289 VAL A O     1 
ATOM   206  C  CB    . VAL A 1 30 ? -12.331 4.027   4.239   1.00 76.22  ?  1289 VAL A CB    1 
ATOM   207  C  CG1   . VAL A 1 30 ? -13.448 3.382   3.450   1.00 82.06  ?  1289 VAL A CG1   1 
ATOM   208  C  CG2   . VAL A 1 30 ? -11.040 3.221   4.083   1.00 73.56  ?  1289 VAL A CG2   1 
ATOM   209  N  N     . HIS A 1 31 ? -14.161 6.640   4.569   1.00 76.89  ?  1290 HIS A N     1 
ATOM   210  C  CA    . HIS A 1 31 ? -15.510 7.191   4.317   1.00 73.77  ?  1290 HIS A CA    1 
ATOM   211  C  C     . HIS A 1 31 ? -15.484 8.688   4.297   1.00 67.02  ?  1290 HIS A C     1 
ATOM   212  O  O     . HIS A 1 31 ? -16.521 9.265   4.281   1.00 70.06  ?  1290 HIS A O     1 
ATOM   213  C  CB    . HIS A 1 31 ? -16.547 6.794   5.369   1.00 58.86  ?  1290 HIS A CB    1 
ATOM   214  C  CG    . HIS A 1 31 ? -16.458 5.377   5.867   1.00 54.20  ?  1290 HIS A CG    1 
ATOM   215  N  ND1   . HIS A 1 31 ? -16.868 4.273   5.145   1.00 55.56  ?  1290 HIS A ND1   1 
ATOM   216  C  CD2   . HIS A 1 31 ? -16.038 4.900   7.065   1.00 61.16  ?  1290 HIS A CD2   1 
ATOM   217  C  CE1   . HIS A 1 31 ? -16.691 3.171   5.879   1.00 53.16  ?  1290 HIS A CE1   1 
ATOM   218  N  NE2   . HIS A 1 31 ? -16.155 3.531   7.041   1.00 48.58  ?  1290 HIS A NE2   1 
ATOM   219  N  N     . SER A 1 32 ? -14.312 9.314   4.344   1.00 66.23  ?  1291 SER A N     1 
ATOM   220  C  CA    . SER A 1 32 ? -14.195 10.749  4.046   1.00 59.65  ?  1291 SER A CA    1 
ATOM   221  C  C     . SER A 1 32 ? -13.402 11.020  2.736   1.00 69.24  ?  1291 SER A C     1 
ATOM   222  O  O     . SER A 1 32 ? -12.661 10.163  2.245   1.00 63.02  ?  1291 SER A O     1 
ATOM   223  C  CB    . SER A 1 32 ? -13.513 11.427  5.200   1.00 62.93  ?  1291 SER A CB    1 
ATOM   224  O  OG    . SER A 1 32 ? -12.771 12.479  4.662   1.00 68.29  ?  1291 SER A OG    1 
ATOM   225  N  N     . ASP A 1 33 ? -13.495 12.223  2.204   1.00 69.58  ?  1292 ASP A N     1 
ATOM   226  C  CA    . ASP A 1 33 ? -12.955 12.507  0.869   1.00 71.33  ?  1292 ASP A CA    1 
ATOM   227  C  C     . ASP A 1 33 ? -11.703 13.316  0.863   1.00 66.42  ?  1292 ASP A C     1 
ATOM   228  O  O     . ASP A 1 33 ? -11.251 13.735  -0.193  1.00 62.26  ?  1292 ASP A O     1 
ATOM   229  C  CB    . ASP A 1 33 ? -13.986 13.288  0.093   1.00 77.40  ?  1292 ASP A CB    1 
ATOM   230  C  CG    . ASP A 1 33 ? -14.949 12.421  -0.534  1.00 83.90  ?  1292 ASP A CG    1 
ATOM   231  O  OD1   . ASP A 1 33 ? -15.078 11.278  -0.083  1.00 102.00 ?  1292 ASP A OD1   1 
ATOM   232  O  OD2   . ASP A 1 33 ? -15.571 12.867  -1.493  1.00 95.46  ?  1292 ASP A OD2   1 
ATOM   233  N  N     . ASP A 1 34 ? -11.157 13.596  2.031   1.00 69.22  ?  1293 ASP A N     1 
ATOM   234  C  CA    . ASP A 1 34 ? -9.906  14.305  2.072   1.00 72.27  ?  1293 ASP A CA    1 
ATOM   235  C  C     . ASP A 1 34 ? -8.883  13.316  1.583   1.00 70.12  ?  1293 ASP A C     1 
ATOM   236  O  O     . ASP A 1 34 ? -8.984  12.117  1.853   1.00 63.51  ?  1293 ASP A O     1 
ATOM   237  C  CB    . ASP A 1 34 ? -9.516  14.789  3.471   1.00 83.02  ?  1293 ASP A CB    1 
ATOM   238  C  CG    . ASP A 1 34 ? -10.492 15.808  4.025   1.00 98.44  ?  1293 ASP A CG    1 
ATOM   239  O  OD1   . ASP A 1 34 ? -10.743 16.836  3.367   1.00 109.78 ?  1293 ASP A OD1   1 
ATOM   240  O  OD2   . ASP A 1 34 ? -11.042 15.569  5.111   1.00 114.96 ?  1293 ASP A OD2   1 
ATOM   241  N  N     . ARG A 1 35 ? -7.951  13.854  0.820   1.00 69.39  ?  1294 ARG A N     1 
ATOM   242  C  CA    . ARG A 1 35 ? -6.776  13.170  0.316   1.00 64.56  ?  1294 ARG A CA    1 
ATOM   243  C  C     . ARG A 1 35 ? -5.606  14.086  0.693   1.00 61.77  ?  1294 ARG A C     1 
ATOM   244  O  O     . ARG A 1 35 ? -5.085  14.776  -0.159  1.00 57.51  ?  1294 ARG A O     1 
ATOM   245  C  CB    . ARG A 1 35 ? -6.917  13.008  -1.195  1.00 61.30  ?  1294 ARG A CB    1 
ATOM   246  C  CG    . ARG A 1 35 ? -8.125  12.129  -1.619  1.00 50.16  ?  1294 ARG A CG    1 
ATOM   247  C  CD    . ARG A 1 35 ? -8.058  11.826  -3.141  1.00 56.98  ?  1294 ARG A CD    1 
ATOM   248  N  NE    . ARG A 1 35 ? -6.981  10.880  -3.467  1.00 61.82  ?  1294 ARG A NE    1 
ATOM   249  C  CZ    . ARG A 1 35 ? -7.043  9.547   -3.291  1.00 63.29  ?  1294 ARG A CZ    1 
ATOM   250  N  NH1   . ARG A 1 35 ? -8.151  8.953   -2.842  1.00 59.40  ?  1294 ARG A NH1   1 
ATOM   251  N  NH2   . ARG A 1 35 ? -5.994  8.774   -3.561  1.00 56.45  ?  1294 ARG A NH2   1 
ATOM   252  N  N     . PRO A 1 36 ? -5.240  14.114  1.997   1.00 57.89  ?  1295 PRO A N     1 
ATOM   253  C  CA    . PRO A 1 36 ? -4.252  15.041  2.492   1.00 64.50  ?  1295 PRO A CA    1 
ATOM   254  C  C     . PRO A 1 36 ? -2.798  14.803  2.109   1.00 66.61  ?  1295 PRO A C     1 
ATOM   255  O  O     . PRO A 1 36 ? -2.048  15.755  2.176   1.00 65.82  ?  1295 PRO A O     1 
ATOM   256  C  CB    . PRO A 1 36 ? -4.406  14.956  4.022   1.00 62.77  ?  1295 PRO A CB    1 
ATOM   257  C  CG    . PRO A 1 36 ? -5.085  13.709  4.321   1.00 58.87  ?  1295 PRO A CG    1 
ATOM   258  C  CD    . PRO A 1 36 ? -5.710  13.202  3.058   1.00 57.80  ?  1295 PRO A CD    1 
ATOM   259  N  N     . LEU A 1 37 ? -2.393  13.592  1.717   1.00 64.28  ?  1296 LEU A N     1 
ATOM   260  C  CA    . LEU A 1 37 ? -0.973  13.330  1.326   1.00 53.33  ?  1296 LEU A CA    1 
ATOM   261  C  C     . LEU A 1 37 ? -0.830  13.660  -0.140  1.00 53.12  ?  1296 LEU A C     1 
ATOM   262  O  O     . LEU A 1 37 ? -1.754  13.414  -0.942  1.00 57.40  ?  1296 LEU A O     1 
ATOM   263  C  CB    . LEU A 1 37 ? -0.621  11.880  1.575   1.00 56.14  ?  1296 LEU A CB    1 
ATOM   264  C  CG    . LEU A 1 37 ? -0.945  11.414  3.019   1.00 59.66  ?  1296 LEU A CG    1 
ATOM   265  C  CD1   . LEU A 1 37 ? -0.615  9.968   3.264   1.00 64.24  ?  1296 LEU A CD1   1 
ATOM   266  C  CD2   . LEU A 1 37 ? -0.257  12.241  4.106   1.00 59.61  ?  1296 LEU A CD2   1 
ATOM   267  N  N     . LYS A 1 38 ? 0.298   14.245  -0.476  1.00 50.74  ?  1297 LYS A N     1 
ATOM   268  C  CA    . LYS A 1 38 ? 0.570   14.762  -1.819  1.00 58.58  ?  1297 LYS A CA    1 
ATOM   269  C  C     . LYS A 1 38 ? 1.847   14.109  -2.397  1.00 57.31  ?  1297 LYS A C     1 
ATOM   270  O  O     . LYS A 1 38 ? 2.709   13.661  -1.657  1.00 60.88  ?  1297 LYS A O     1 
ATOM   271  C  CB    . LYS A 1 38 ? 0.740   16.285  -1.790  1.00 67.93  ?  1297 LYS A CB    1 
ATOM   272  C  CG    . LYS A 1 38 ? -0.389  17.059  -1.103  1.00 82.91  ?  1297 LYS A CG    1 
ATOM   273  C  CD    . LYS A 1 38 ? -1.736  16.878  -1.819  1.00 102.32 ?  1297 LYS A CD    1 
ATOM   274  C  CE    . LYS A 1 38 ? -2.971  16.774  -0.907  1.00 103.96 ?  1297 LYS A CE    1 
ATOM   275  N  NZ    . LYS A 1 38 ? -3.758  18.025  -0.785  1.00 116.82 ?  1297 LYS A NZ    1 
ATOM   276  N  N     . CYS A 1 39 ? 1.927   14.021  -3.721  1.00 54.40  ?  1298 CYS A N     1 
ATOM   277  C  CA    . CYS A 1 39 ? 3.091   13.496  -4.389  1.00 50.20  ?  1298 CYS A CA    1 
ATOM   278  C  C     . CYS A 1 39 ? 4.138   14.576  -4.405  1.00 52.26  ?  1298 CYS A C     1 
ATOM   279  O  O     . CYS A 1 39 ? 3.870   15.648  -4.896  1.00 54.44  ?  1298 CYS A O     1 
ATOM   280  C  CB    . CYS A 1 39 ? 2.821   13.064  -5.838  1.00 56.36  ?  1298 CYS A CB    1 
ATOM   281  S  SG    . CYS A 1 39 ? 4.297   12.305  -6.602  1.00 50.57  ?  1298 CYS A SG    1 
ATOM   282  N  N     . PRO A 1 40 ? 5.365   14.263  -3.973  1.00 53.74  ?  1299 PRO A N     1 
ATOM   283  C  CA    . PRO A 1 40 ? 6.401   15.275  -4.015  1.00 56.91  ?  1299 PRO A CA    1 
ATOM   284  C  C     . PRO A 1 40 ? 7.002   15.453  -5.375  1.00 51.00  ?  1299 PRO A C     1 
ATOM   285  O  O     . PRO A 1 40 ? 7.812   16.293  -5.532  1.00 56.10  ?  1299 PRO A O     1 
ATOM   286  C  CB    . PRO A 1 40 ? 7.457   14.716  -3.047  1.00 58.28  ?  1299 PRO A CB    1 
ATOM   287  C  CG    . PRO A 1 40 ? 7.331   13.245  -3.228  1.00 52.34  ?  1299 PRO A CG    1 
ATOM   288  C  CD    . PRO A 1 40 ? 5.867   13.020  -3.377  1.00 49.75  ?  1299 PRO A CD    1 
ATOM   289  N  N     . TRP A 1 41 ? 6.631   14.699  -6.380  1.00 54.39  ?  1300 TRP A N     1 
ATOM   290  C  CA    . TRP A 1 41 ? 7.216   14.944  -7.685  1.00 49.70  ?  1300 TRP A CA    1 
ATOM   291  C  C     . TRP A 1 41 ? 6.659   16.200  -8.325  1.00 57.40  ?  1300 TRP A C     1 
ATOM   292  O  O     . TRP A 1 41 ? 5.467   16.542  -8.208  1.00 53.62  ?  1300 TRP A O     1 
ATOM   293  C  CB    . TRP A 1 41 ? 6.940   13.793  -8.609  1.00 56.21  ?  1300 TRP A CB    1 
ATOM   294  C  CG    . TRP A 1 41 ? 7.862   13.642  -9.731  1.00 57.73  ?  1300 TRP A CG    1 
ATOM   295  C  CD1   . TRP A 1 41 ? 7.700   14.094  -11.019 1.00 61.22  ?  1300 TRP A CD1   1 
ATOM   296  C  CD2   . TRP A 1 41 ? 9.090   12.932  -9.707  1.00 57.59  ?  1300 TRP A CD2   1 
ATOM   297  N  NE1   . TRP A 1 41 ? 8.760   13.679  -11.798 1.00 56.90  ?  1300 TRP A NE1   1 
ATOM   298  C  CE2   . TRP A 1 41 ? 9.631   12.978  -11.014 1.00 55.60  ?  1300 TRP A CE2   1 
ATOM   299  C  CE3   . TRP A 1 41 ? 9.801   12.269  -8.701  1.00 54.94  ?  1300 TRP A CE3   1 
ATOM   300  C  CZ2   . TRP A 1 41 ? 10.837  12.372  -11.342 1.00 61.87  ?  1300 TRP A CZ2   1 
ATOM   301  C  CZ3   . TRP A 1 41 ? 10.987  11.662  -9.024  1.00 55.92  ?  1300 TRP A CZ3   1 
ATOM   302  C  CH2   . TRP A 1 41 ? 11.500  11.715  -10.344 1.00 51.60  ?  1300 TRP A CH2   1 
ATOM   303  N  N     . LYS A 1 42 ? 7.561   16.848  -9.032  1.00 62.16  ?  1301 LYS A N     1 
ATOM   304  C  CA    . LYS A 1 42 ? 7.358   18.166  -9.578  1.00 69.80  ?  1301 LYS A CA    1 
ATOM   305  C  C     . LYS A 1 42 ? 6.211   18.121  -10.519 1.00 64.60  ?  1301 LYS A C     1 
ATOM   306  O  O     . LYS A 1 42 ? 6.331   17.505  -11.553 1.00 65.80  ?  1301 LYS A O     1 
ATOM   307  C  CB    . LYS A 1 42 ? 8.592   18.537  -10.363 1.00 84.41  ?  1301 LYS A CB    1 
ATOM   308  C  CG    . LYS A 1 42 ? 8.477   19.663  -11.360 1.00 89.88  ?  1301 LYS A CG    1 
ATOM   309  C  CD    . LYS A 1 42 ? 8.525   21.007  -10.705 1.00 83.80  ?  1301 LYS A CD    1 
ATOM   310  C  CE    . LYS A 1 42 ? 8.924   21.975  -11.792 1.00 85.97  ?  1301 LYS A CE    1 
ATOM   311  N  NZ    . LYS A 1 42 ? 8.407   23.295  -11.405 1.00 86.70  ?  1301 LYS A NZ    1 
ATOM   312  N  N     . GLY A 1 43 ? 5.111   18.767  -10.133 1.00 63.33  ?  1302 GLY A N     1 
ATOM   313  C  CA    . GLY A 1 43 ? 3.931   18.866  -10.954 1.00 69.43  ?  1302 GLY A CA    1 
ATOM   314  C  C     . GLY A 1 43 ? 3.290   17.537  -11.209 1.00 70.13  ?  1302 GLY A C     1 
ATOM   315  O  O     . GLY A 1 43 ? 2.912   17.257  -12.304 1.00 76.90  ?  1302 GLY A O     1 
ATOM   316  N  N     . CYS A 1 44 ? 3.246   16.683  -10.206 1.00 70.12  ?  1303 CYS A N     1 
ATOM   317  C  CA    . CYS A 1 44 ? 2.369   15.540  -10.225 1.00 69.14  ?  1303 CYS A CA    1 
ATOM   318  C  C     . CYS A 1 44 ? 1.279   15.914  -9.232  1.00 63.43  ?  1303 CYS A C     1 
ATOM   319  O  O     . CYS A 1 44 ? 1.581   16.453  -8.153  1.00 61.32  ?  1303 CYS A O     1 
ATOM   320  C  CB    . CYS A 1 44 ? 3.113   14.274  -9.801  1.00 69.58  ?  1303 CYS A CB    1 
ATOM   321  S  SG    . CYS A 1 44 ? 2.026   12.890  -9.487  1.00 61.60  ?  1303 CYS A SG    1 
ATOM   322  N  N     . LYS A 1 45 ? 0.031   15.649  -9.607  1.00 59.62  ?  1304 LYS A N     1 
ATOM   323  C  CA    . LYS A 1 45 ? -1.148  16.136  -8.868  1.00 62.66  ?  1304 LYS A CA    1 
ATOM   324  C  C     . LYS A 1 45 ? -1.791  15.053  -8.069  1.00 64.75  ?  1304 LYS A C     1 
ATOM   325  O  O     . LYS A 1 45 ? -2.746  15.303  -7.302  1.00 57.42  ?  1304 LYS A O     1 
ATOM   326  C  CB    . LYS A 1 45 ? -2.130  16.806  -9.848  1.00 76.82  ?  1304 LYS A CB    1 
ATOM   327  C  CG    . LYS A 1 45 ? -1.886  18.302  -10.101 1.00 83.00  ?  1304 LYS A CG    1 
ATOM   328  C  CD    . LYS A 1 45 ? -0.440  18.770  -9.857  1.00 101.08 ?  1304 LYS A CD    1 
ATOM   329  C  CE    . LYS A 1 45 ? -0.306  20.276  -9.746  1.00 109.12 ?  1304 LYS A CE    1 
ATOM   330  N  NZ    . LYS A 1 45 ? -0.915  20.929  -10.938 1.00 121.91 ?  1304 LYS A NZ    1 
ATOM   331  N  N     . MET A 1 46 ? -1.223  13.853  -8.169  1.00 62.16  ?  1305 MET A N     1 
ATOM   332  C  CA    . MET A 1 46 ? -1.684  12.738  -7.337  1.00 60.40  ?  1305 MET A CA    1 
ATOM   333  C  C     . MET A 1 46 ? -1.689  13.055  -5.845  1.00 56.84  ?  1305 MET A C     1 
ATOM   334  O  O     . MET A 1 46 ? -0.778  13.708  -5.329  1.00 56.50  ?  1305 MET A O     1 
ATOM   335  C  CB    . MET A 1 46 ? -0.823  11.511  -7.563  1.00 69.74  ?  1305 MET A CB    1 
ATOM   336  C  CG    . MET A 1 46 ? -1.531  10.205  -7.355  1.00 85.68  ?  1305 MET A CG    1 
ATOM   337  S  SD    . MET A 1 46 ? -2.700  9.949   -8.686  1.00 103.11 ?  1305 MET A SD    1 
ATOM   338  C  CE    . MET A 1 46 ? -2.198  10.959  -10.116 1.00 77.87  ?  1305 MET A CE    1 
ATOM   339  N  N     . THR A 1 47 ? -2.702  12.529  -5.156  1.00 53.46  ?  1306 THR A N     1 
ATOM   340  C  CA    . THR A 1 47 ? -2.910  12.742  -3.753  1.00 53.90  ?  1306 THR A CA    1 
ATOM   341  C  C     . THR A 1 47 ? -3.335  11.430  -3.138  1.00 52.53  ?  1306 THR A C     1 
ATOM   342  O  O     . THR A 1 47 ? -3.752  10.575  -3.848  1.00 46.76  ?  1306 THR A O     1 
ATOM   343  C  CB    . THR A 1 47 ? -4.023  13.763  -3.509  1.00 59.68  ?  1306 THR A CB    1 
ATOM   344  O  OG1   . THR A 1 47 ? -5.246  13.222  -3.996  1.00 61.05  ?  1306 THR A OG1   1 
ATOM   345  C  CG2   . THR A 1 47 ? -3.724  15.045  -4.213  1.00 50.73  ?  1306 THR A CG2   1 
ATOM   346  N  N     . PHE A 1 48 ? -3.249  11.282  -1.822  1.00 49.63  ?  1307 PHE A N     1 
ATOM   347  C  CA    . PHE A 1 48 ? -3.460  9.996   -1.230  1.00 49.49  ?  1307 PHE A CA    1 
ATOM   348  C  C     . PHE A 1 48 ? -4.059  10.127  0.121   1.00 54.48  ?  1307 PHE A C     1 
ATOM   349  O  O     . PHE A 1 48 ? -4.007  11.210  0.705   1.00 54.32  ?  1307 PHE A O     1 
ATOM   350  C  CB    . PHE A 1 48 ? -2.109  9.271   -1.016  1.00 50.74  ?  1307 PHE A CB    1 
ATOM   351  C  CG    . PHE A 1 48 ? -1.288  9.206   -2.241  1.00 55.35  ?  1307 PHE A CG    1 
ATOM   352  C  CD1   . PHE A 1 48 ? -0.428  10.227  -2.545  1.00 58.21  ?  1307 PHE A CD1   1 
ATOM   353  C  CD2   . PHE A 1 48 ? -1.457  8.159   -3.141  1.00 57.01  ?  1307 PHE A CD2   1 
ATOM   354  C  CE1   . PHE A 1 48 ? 0.277   10.189  -3.705  1.00 54.92  ?  1307 PHE A CE1   1 
ATOM   355  C  CE2   . PHE A 1 48 ? -0.743  8.107   -4.303  1.00 54.91  ?  1307 PHE A CE2   1 
ATOM   356  C  CZ    . PHE A 1 48 ? 0.106   9.144   -4.586  1.00 57.00  ?  1307 PHE A CZ    1 
ATOM   357  N  N     . LYS A 1 49 ? -4.572  9.007   0.637   1.00 48.82  ?  1308 LYS A N     1 
ATOM   358  C  CA    . LYS A 1 49 ? -4.959  8.934   2.071   1.00 54.14  ?  1308 LYS A CA    1 
ATOM   359  C  C     . LYS A 1 49 ? -4.029  8.117   2.928   1.00 57.77  ?  1308 LYS A C     1 
ATOM   360  O  O     . LYS A 1 49 ? -4.031  8.225   4.154   1.00 51.92  ?  1308 LYS A O     1 
ATOM   361  C  CB    . LYS A 1 49 ? -6.326  8.268   2.177   1.00 51.87  ?  1308 LYS A CB    1 
ATOM   362  C  CG    . LYS A 1 49 ? -7.379  8.898   1.260   1.00 56.01  ?  1308 LYS A CG    1 
ATOM   363  C  CD    . LYS A 1 49 ? -8.773  8.487   1.735   1.00 58.05  ?  1308 LYS A CD    1 
ATOM   364  C  CE    . LYS A 1 49 ? -9.864  8.976   0.790   1.00 61.23  ?  1308 LYS A CE    1 
ATOM   365  N  NZ    . LYS A 1 49 ? -11.095 8.196   1.130   1.00 62.59  ?  1308 LYS A NZ    1 
ATOM   366  N  N     . TRP A 1 50 ? -3.293  7.222   2.277   1.00 49.94  ?  1309 TRP A N     1 
ATOM   367  C  CA    . TRP A 1 50 ? -2.479  6.276   2.970   1.00 47.36  ?  1309 TRP A CA    1 
ATOM   368  C  C     . TRP A 1 50 ? -1.062  6.504   2.579   1.00 48.40  ?  1309 TRP A C     1 
ATOM   369  O  O     . TRP A 1 50 ? -0.725  6.625   1.372   1.00 52.24  ?  1309 TRP A O     1 
ATOM   370  C  CB    . TRP A 1 50 ? -2.920  4.923   2.517   1.00 54.24  ?  1309 TRP A CB    1 
ATOM   371  C  CG    . TRP A 1 50 ? -4.320  4.541   2.915   1.00 56.22  ?  1309 TRP A CG    1 
ATOM   372  C  CD1   . TRP A 1 50 ? -5.363  4.247   2.099   1.00 55.91  ?  1309 TRP A CD1   1 
ATOM   373  C  CD2   . TRP A 1 50 ? -4.781  4.330   4.255   1.00 57.96  ?  1309 TRP A CD2   1 
ATOM   374  N  NE1   . TRP A 1 50 ? -6.470  3.867   2.853   1.00 56.70  ?  1309 TRP A NE1   1 
ATOM   375  C  CE2   . TRP A 1 50 ? -6.127  3.896   4.177   1.00 58.52  ?  1309 TRP A CE2   1 
ATOM   376  C  CE3   . TRP A 1 50 ? -4.174  4.432   5.505   1.00 56.10  ?  1309 TRP A CE3   1 
ATOM   377  C  CZ2   . TRP A 1 50 ? -6.886  3.605   5.301   1.00 60.11  ?  1309 TRP A CZ2   1 
ATOM   378  C  CZ3   . TRP A 1 50 ? -4.936  4.118   6.636   1.00 61.74  ?  1309 TRP A CZ3   1 
ATOM   379  C  CH2   . TRP A 1 50 ? -6.284  3.727   6.519   1.00 62.18  ?  1309 TRP A CH2   1 
ATOM   380  N  N     . ALA A 1 51 ? -0.199  6.515   3.570   1.00 47.56  ?  1310 ALA A N     1 
ATOM   381  C  CA    . ALA A 1 51 ? 1.156   6.928   3.328   1.00 51.14  ?  1310 ALA A CA    1 
ATOM   382  C  C     . ALA A 1 51 ? 1.881   5.845   2.459   1.00 50.87  ?  1310 ALA A C     1 
ATOM   383  O  O     . ALA A 1 51 ? 2.737   6.174   1.633   1.00 51.01  ?  1310 ALA A O     1 
ATOM   384  C  CB    . ALA A 1 51 ? 1.852   7.100   4.650   1.00 47.50  ?  1310 ALA A CB    1 
ATOM   385  N  N     . TRP A 1 52 ? 1.550   4.569   2.681   1.00 45.84  ?  1311 TRP A N     1 
ATOM   386  C  CA    . TRP A 1 52 ? 2.161   3.505   1.913   1.00 47.61  ?  1311 TRP A CA    1 
ATOM   387  C  C     . TRP A 1 52 ? 1.856   3.685   0.380   1.00 49.79  ?  1311 TRP A C     1 
ATOM   388  O  O     . TRP A 1 52 ? 2.740   3.431   -0.450  1.00 49.53  ?  1311 TRP A O     1 
ATOM   389  C  CB    . TRP A 1 52 ? 1.755   2.116   2.383   1.00 43.56  ?  1311 TRP A CB    1 
ATOM   390  C  CG    . TRP A 1 52 ? 2.537   1.061   1.637   1.00 50.75  ?  1311 TRP A CG    1 
ATOM   391  C  CD1   . TRP A 1 52 ? 2.062   0.166   0.708   1.00 54.99  ?  1311 TRP A CD1   1 
ATOM   392  C  CD2   . TRP A 1 52 ? 3.942   0.857   1.712   1.00 48.04  ?  1311 TRP A CD2   1 
ATOM   393  N  NE1   . TRP A 1 52 ? 3.083   -0.593  0.235   1.00 52.13  ?  1311 TRP A NE1   1 
ATOM   394  C  CE2   . TRP A 1 52 ? 4.258   -0.171  0.808   1.00 50.90  ?  1311 TRP A CE2   1 
ATOM   395  C  CE3   . TRP A 1 52 ? 4.979   1.465   2.460   1.00 50.23  ?  1311 TRP A CE3   1 
ATOM   396  C  CZ2   . TRP A 1 52 ? 5.568   -0.638  0.631   1.00 50.58  ?  1311 TRP A CZ2   1 
ATOM   397  C  CZ3   . TRP A 1 52 ? 6.299   1.032   2.258   1.00 50.19  ?  1311 TRP A CZ3   1 
ATOM   398  C  CH2   . TRP A 1 52 ? 6.576   -0.025  1.363   1.00 51.84  ?  1311 TRP A CH2   1 
ATOM   399  N  N     . SER A 1 53 ? 0.659   4.163   0.018   1.00 47.82  ?  1312 SER A N     1 
ATOM   400  C  CA    . SER A 1 53 ? 0.343   4.301   -1.361  1.00 48.78  ?  1312 SER A CA    1 
ATOM   401  C  C     . SER A 1 53 ? 1.273   5.327   -1.888  1.00 51.31  ?  1312 SER A C     1 
ATOM   402  O  O     . SER A 1 53 ? 1.734   5.199   -3.039  1.00 43.77  ?  1312 SER A O     1 
ATOM   403  C  CB    . SER A 1 53 ? -1.074  4.801   -1.658  1.00 53.53  ?  1312 SER A CB    1 
ATOM   404  O  OG    . SER A 1 53 ? -2.042  3.825   -1.404  1.00 63.61  ?  1312 SER A OG    1 
ATOM   405  N  N     . ARG A 1 54 ? 1.477   6.393   -1.104  1.00 44.53  ?  1313 ARG A N     1 
ATOM   406  C  CA    . ARG A 1 54 ? 2.324   7.466   -1.586  1.00 44.08  ?  1313 ARG A CA    1 
ATOM   407  C  C     . ARG A 1 54 ? 3.786   6.969   -1.791  1.00 45.11  ?  1313 ARG A C     1 
ATOM   408  O  O     . ARG A 1 54 ? 4.442   7.305   -2.790  1.00 42.63  ?  1313 ARG A O     1 
ATOM   409  C  CB    . ARG A 1 54 ? 2.257   8.648   -0.643  1.00 49.80  ?  1313 ARG A CB    1 
ATOM   410  C  CG    . ARG A 1 54 ? 3.216   9.808   -0.912  1.00 50.31  ?  1313 ARG A CG    1 
ATOM   411  C  CD    . ARG A 1 54 ? 3.085   10.840  0.188   1.00 56.97  ?  1313 ARG A CD    1 
ATOM   412  N  NE    . ARG A 1 54 ? 4.064   11.896  0.020   1.00 61.73  ?  1313 ARG A NE    1 
ATOM   413  C  CZ    . ARG A 1 54 ? 5.352   11.848  0.431   1.00 67.65  ?  1313 ARG A CZ    1 
ATOM   414  N  NH1   . ARG A 1 54 ? 5.868   10.774  1.065   1.00 62.94  ?  1313 ARG A NH1   1 
ATOM   415  N  NH2   . ARG A 1 54 ? 6.153   12.885  0.215   1.00 56.49  ?  1313 ARG A NH2   1 
ATOM   416  N  N     . THR A 1 55 ? 4.298   6.241   -0.812  1.00 40.70  ?  1314 THR A N     1 
ATOM   417  C  CA    . THR A 1 55 ? 5.658   5.682   -0.918  1.00 49.09  ?  1314 THR A CA    1 
ATOM   418  C  C     . THR A 1 55 ? 5.851   4.872   -2.192  1.00 46.75  ?  1314 THR A C     1 
ATOM   419  O  O     . THR A 1 55 ? 6.739   5.189   -2.980  1.00 54.90  ?  1314 THR A O     1 
ATOM   420  C  CB    . THR A 1 55 ? 5.873   4.810   0.289   1.00 49.36  ?  1314 THR A CB    1 
ATOM   421  O  OG1   . THR A 1 55 ? 5.694   5.652   1.377   1.00 46.82  ?  1314 THR A OG1   1 
ATOM   422  C  CG2   . THR A 1 55 ? 7.313   4.084   0.391   1.00 43.14  ?  1314 THR A CG2   1 
ATOM   423  N  N     . GLU A 1 56 ? 4.953   3.906   -2.427  1.00 40.54  ?  1315 GLU A N     1 
ATOM   424  C  CA    . GLU A 1 56 ? 5.078   3.031   -3.620  1.00 44.90  ?  1315 GLU A CA    1 
ATOM   425  C  C     . GLU A 1 56 ? 4.921   3.854   -4.893  1.00 44.23  ?  1315 GLU A C     1 
ATOM   426  O  O     . GLU A 1 56 ? 5.656   3.660   -5.883  1.00 44.27  ?  1315 GLU A O     1 
ATOM   427  C  CB    . GLU A 1 56 ? 4.101   1.857   -3.573  1.00 46.63  ?  1315 GLU A CB    1 
ATOM   428  C  CG    . GLU A 1 56 ? 4.371   0.952   -2.380  1.00 44.07  ?  1315 GLU A CG    1 
ATOM   429  C  CD    . GLU A 1 56 ? 4.177   -0.530  -2.666  1.00 51.14  ?  1315 GLU A CD    1 
ATOM   430  O  OE1   . GLU A 1 56 ? 5.193   -1.268  -2.866  1.00 48.21  ?  1315 GLU A OE1   1 
ATOM   431  O  OE2   . GLU A 1 56 ? 3.013   -0.940  -2.714  1.00 38.43  ?  1315 GLU A OE2   1 
ATOM   432  N  N     . HIS A 1 57 ? 4.018   4.830   -4.843  1.00 41.20  ?  1316 HIS A N     1 
ATOM   433  C  CA    . HIS A 1 57 ? 3.761   5.650   -6.006  1.00 45.27  ?  1316 HIS A CA    1 
ATOM   434  C  C     . HIS A 1 57 ? 4.973   6.420   -6.517  1.00 42.43  ?  1316 HIS A C     1 
ATOM   435  O  O     . HIS A 1 57 ? 5.122   6.628   -7.699  1.00 44.09  ?  1316 HIS A O     1 
ATOM   436  C  CB    . HIS A 1 57 ? 2.585   6.615   -5.745  1.00 45.23  ?  1316 HIS A CB    1 
ATOM   437  C  CG    . HIS A 1 57 ? 2.523   7.765   -6.709  1.00 48.31  ?  1316 HIS A CG    1 
ATOM   438  N  ND1   . HIS A 1 57 ? 1.940   7.678   -7.960  1.00 45.75  ?  1316 HIS A ND1   1 
ATOM   439  C  CD2   . HIS A 1 57 ? 3.026   9.016   -6.619  1.00 49.20  ?  1316 HIS A CD2   1 
ATOM   440  C  CE1   . HIS A 1 57 ? 2.024   8.847   -8.560  1.00 42.08  ?  1316 HIS A CE1   1 
ATOM   441  N  NE2   . HIS A 1 57 ? 2.679   9.669   -7.768  1.00 50.38  ?  1316 HIS A NE2   1 
ATOM   442  N  N     . ILE A 1 58 ? 5.846   6.844   -5.636  1.00 47.90  ?  1317 ILE A N     1 
ATOM   443  C  CA    . ILE A 1 58 ? 6.987   7.695   -6.084  1.00 49.71  ?  1317 ILE A CA    1 
ATOM   444  C  C     . ILE A 1 58 ? 7.870   6.882   -7.032  1.00 48.85  ?  1317 ILE A C     1 
ATOM   445  O  O     . ILE A 1 58 ? 8.493   7.474   -7.888  1.00 53.37  ?  1317 ILE A O     1 
ATOM   446  C  CB    . ILE A 1 58 ? 7.786   8.258   -4.877  1.00 43.80  ?  1317 ILE A CB    1 
ATOM   447  C  CG1   . ILE A 1 58 ? 6.966   9.325   -4.102  1.00 55.72  ?  1317 ILE A CG1   1 
ATOM   448  C  CG2   . ILE A 1 58 ? 9.141   8.854   -5.294  1.00 46.57  ?  1317 ILE A CG2   1 
ATOM   449  C  CD1   . ILE A 1 58 ? 7.330   9.408   -2.593  1.00 57.28  ?  1317 ILE A CD1   1 
ATOM   450  N  N     . ARG A 1 59 ? 7.875   5.551   -6.878  1.00 46.84  ?  1318 ARG A N     1 
ATOM   451  C  CA    . ARG A 1 59 ? 8.627   4.634   -7.734  1.00 50.02  ?  1318 ARG A CA    1 
ATOM   452  C  C     . ARG A 1 59 ? 8.130   4.611   -9.136  1.00 48.68  ?  1318 ARG A C     1 
ATOM   453  O  O     . ARG A 1 59 ? 8.910   4.326   -10.079 1.00 49.41  ?  1318 ARG A O     1 
ATOM   454  C  CB    . ARG A 1 59 ? 8.691   3.199   -7.177  1.00 50.01  ?  1318 ARG A CB    1 
ATOM   455  C  CG    . ARG A 1 59 ? 9.226   3.130   -5.732  1.00 45.32  ?  1318 ARG A CG    1 
ATOM   456  C  CD    . ARG A 1 59 ? 9.221   1.729   -5.212  1.00 49.25  ?  1318 ARG A CD    1 
ATOM   457  N  NE    . ARG A 1 59 ? 9.104   1.602   -3.747  1.00 44.88  ?  1318 ARG A NE    1 
ATOM   458  C  CZ    . ARG A 1 59 ? 8.290   0.782   -3.096  1.00 48.78  ?  1318 ARG A CZ    1 
ATOM   459  N  NH1   . ARG A 1 59 ? 7.427   -0.032  -3.740  1.00 47.21  ?  1318 ARG A NH1   1 
ATOM   460  N  NH2   . ARG A 1 59 ? 8.345   0.709   -1.740  1.00 55.27  ?  1318 ARG A NH2   1 
ATOM   461  N  N     . VAL A 1 60 ? 6.875   4.981   -9.346  1.00 48.51  ?  1319 VAL A N     1 
ATOM   462  C  CA    . VAL A 1 60 ? 6.496   5.116   -10.727 1.00 48.90  ?  1319 VAL A CA    1 
ATOM   463  C  C     . VAL A 1 60 ? 7.302   6.270   -11.331 1.00 51.26  ?  1319 VAL A C     1 
ATOM   464  O  O     . VAL A 1 60 ? 7.634   6.220   -12.488 1.00 52.57  ?  1319 VAL A O     1 
ATOM   465  C  CB    . VAL A 1 60 ? 4.979   5.135   -11.070 1.00 54.61  ?  1319 VAL A CB    1 
ATOM   466  C  CG1   . VAL A 1 60 ? 4.136   4.364   -10.057 1.00 57.30  ?  1319 VAL A CG1   1 
ATOM   467  C  CG2   . VAL A 1 60 ? 4.410   6.496   -11.299 1.00 62.35  ?  1319 VAL A CG2   1 
ATOM   468  N  N     . HIS A 1 61 ? 7.636   7.289   -10.556 1.00 49.56  ?  1320 HIS A N     1 
ATOM   469  C  CA    . HIS A 1 61 ? 8.410   8.409   -11.096 1.00 50.49  ?  1320 HIS A CA    1 
ATOM   470  C  C     . HIS A 1 61 ? 9.850   8.018   -11.227 1.00 53.90  ?  1320 HIS A C     1 
ATOM   471  O  O     . HIS A 1 61 ? 10.416  8.260   -12.217 1.00 53.27  ?  1320 HIS A O     1 
ATOM   472  C  CB    . HIS A 1 61 ? 8.261   9.639   -10.254 1.00 52.08  ?  1320 HIS A CB    1 
ATOM   473  C  CG    . HIS A 1 61 ? 6.876   10.216  -10.269 1.00 52.68  ?  1320 HIS A CG    1 
ATOM   474  N  ND1   . HIS A 1 61 ? 6.305   10.707  -11.417 1.00 62.16  ?  1320 HIS A ND1   1 
ATOM   475  C  CD2   . HIS A 1 61 ? 5.971   10.449  -9.274  1.00 52.11  ?  1320 HIS A CD2   1 
ATOM   476  C  CE1   . HIS A 1 61 ? 5.109   11.207  -11.145 1.00 52.58  ?  1320 HIS A CE1   1 
ATOM   477  N  NE2   . HIS A 1 61 ? 4.887   11.068  -9.851  1.00 51.64  ?  1320 HIS A NE2   1 
ATOM   478  N  N     . THR A 1 62 ? 10.434  7.325   -10.267 1.00 57.54  ?  1321 THR A N     1 
ATOM   479  C  CA    . THR A 1 62 ? 11.875  7.014   -10.346 1.00 56.77  ?  1321 THR A CA    1 
ATOM   480  C  C     . THR A 1 62 ? 12.248  5.801   -11.194 1.00 53.74  ?  1321 THR A C     1 
ATOM   481  O  O     . THR A 1 62 ? 13.360  5.713   -11.650 1.00 55.84  ?  1321 THR A O     1 
ATOM   482  C  CB    . THR A 1 62 ? 12.449  6.785   -8.939  1.00 51.68  ?  1321 THR A CB    1 
ATOM   483  O  OG1   . THR A 1 62 ? 11.822  5.640   -8.348  1.00 52.40  ?  1321 THR A OG1   1 
ATOM   484  C  CG2   . THR A 1 62 ? 12.164  7.952   -8.081  1.00 49.21  ?  1321 THR A CG2   1 
ATOM   485  N  N     . GLY A 1 63 ? 11.344  4.853   -11.368 1.00 48.06  ?  1322 GLY A N     1 
ATOM   486  C  CA    . GLY A 1 63 ? 11.675  3.622   -12.065 1.00 49.62  ?  1322 GLY A CA    1 
ATOM   487  C  C     . GLY A 1 63 ? 12.279  2.606   -11.127 1.00 51.72  ?  1322 GLY A C     1 
ATOM   488  O  O     . GLY A 1 63 ? 12.578  1.518   -11.535 1.00 60.96  ?  1322 GLY A O     1 
ATOM   489  N  N     . ALA A 1 64 ? 12.412  2.894   -9.842  1.00 58.08  ?  1323 ALA A N     1 
ATOM   490  C  CA    . ALA A 1 64 ? 13.085  1.943   -8.960  1.00 46.82  ?  1323 ALA A CA    1 
ATOM   491  C  C     . ALA A 1 64 ? 12.346  0.610   -8.887  1.00 50.12  ?  1323 ALA A C     1 
ATOM   492  O  O     . ALA A 1 64 ? 11.153  0.520   -9.200  1.00 51.76  ?  1323 ALA A O     1 
ATOM   493  C  CB    . ALA A 1 64 ? 13.210  2.504   -7.562  1.00 51.30  ?  1323 ALA A CB    1 
ATOM   494  N  N     . ARG A 1 65 ? 13.090  -0.409  -8.478  1.00 52.12  ?  1324 ARG A N     1 
ATOM   495  C  CA    . ARG A 1 65 ? 12.658  -1.771  -8.346  1.00 52.09  ?  1324 ARG A CA    1 
ATOM   496  C  C     . ARG A 1 65 ? 13.398  -2.385  -7.139  1.00 53.76  ?  1324 ARG A C     1 
ATOM   497  O  O     . ARG A 1 65 ? 14.114  -3.381  -7.225  1.00 61.36  ?  1324 ARG A O     1 
ATOM   498  C  CB    . ARG A 1 65 ? 12.877  -2.586  -9.624  1.00 56.94  ?  1324 ARG A CB    1 
ATOM   499  C  CG    . ARG A 1 65 ? 12.246  -2.042  -10.905 1.00 59.66  ?  1324 ARG A CG    1 
ATOM   500  C  CD    . ARG A 1 65 ? 12.501  -3.017  -12.053 1.00 62.97  ?  1324 ARG A CD    1 
ATOM   501  N  NE    . ARG A 1 65 ? 11.489  -4.017  -11.941 1.00 64.90  ?  1324 ARG A NE    1 
ATOM   502  C  CZ    . ARG A 1 65 ? 10.318  -3.975  -12.549 1.00 68.68  ?  1324 ARG A CZ    1 
ATOM   503  N  NH1   . ARG A 1 65 ? 9.421   -4.925  -12.275 1.00 79.22  ?  1324 ARG A NH1   1 
ATOM   504  N  NH2   . ARG A 1 65 ? 10.057  -3.027  -13.446 1.00 73.89  ?  1324 ARG A NH2   1 
ATOM   505  N  N     . PRO A 1 66 ? 13.104  -1.869  -5.967  1.00 55.52  ?  1325 PRO A N     1 
ATOM   506  C  CA    . PRO A 1 66 ? 13.883  -2.248  -4.811  1.00 49.73  ?  1325 PRO A CA    1 
ATOM   507  C  C     . PRO A 1 66 ? 13.648  -3.657  -4.289  1.00 53.26  ?  1325 PRO A C     1 
ATOM   508  O  O     . PRO A 1 66 ? 14.394  -4.062  -3.413  1.00 54.33  ?  1325 PRO A O     1 
ATOM   509  C  CB    . PRO A 1 66 ? 13.461  -1.198  -3.779  1.00 54.56  ?  1325 PRO A CB    1 
ATOM   510  C  CG    . PRO A 1 66 ? 12.051  -0.892  -4.156  1.00 58.36  ?  1325 PRO A CG    1 
ATOM   511  C  CD    . PRO A 1 66 ? 11.933  -1.067  -5.620  1.00 50.79  ?  1325 PRO A CD    1 
ATOM   512  N  N     . TYR A 1 67 ? 12.604  -4.366  -4.720  1.00 50.72  ?  1326 TYR A N     1 
ATOM   513  C  CA    . TYR A 1 67 ? 12.320  -5.667  -4.176  1.00 44.84  ?  1326 TYR A CA    1 
ATOM   514  C  C     . TYR A 1 67 ? 13.095  -6.686  -5.041  1.00 59.12  ?  1326 TYR A C     1 
ATOM   515  O  O     . TYR A 1 67 ? 12.836  -6.838  -6.236  1.00 62.38  ?  1326 TYR A O     1 
ATOM   516  C  CB    . TYR A 1 67 ? 10.823  -5.924  -4.166  1.00 49.48  ?  1326 TYR A CB    1 
ATOM   517  C  CG    . TYR A 1 67 ? 10.127  -4.952  -3.277  1.00 54.98  ?  1326 TYR A CG    1 
ATOM   518  C  CD1   . TYR A 1 67 ? 10.183  -5.090  -1.888  1.00 57.64  ?  1326 TYR A CD1   1 
ATOM   519  C  CD2   . TYR A 1 67 ? 9.437   -3.888  -3.790  1.00 53.15  ?  1326 TYR A CD2   1 
ATOM   520  C  CE1   . TYR A 1 67 ? 9.578   -4.191  -1.044  1.00 54.27  ?  1326 TYR A CE1   1 
ATOM   521  C  CE2   . TYR A 1 67 ? 8.816   -2.990  -2.961  1.00 53.72  ?  1326 TYR A CE2   1 
ATOM   522  C  CZ    . TYR A 1 67 ? 8.916   -3.127  -1.589  1.00 55.73  ?  1326 TYR A CZ    1 
ATOM   523  O  OH    . TYR A 1 67 ? 8.331   -2.210  -0.774  1.00 47.75  ?  1326 TYR A OH    1 
ATOM   524  N  N     . VAL A 1 68 ? 14.058  -7.368  -4.430  1.00 67.06  ?  1327 VAL A N     1 
ATOM   525  C  CA    . VAL A 1 68 ? 15.009  -8.263  -5.144  1.00 64.34  ?  1327 VAL A CA    1 
ATOM   526  C  C     . VAL A 1 68 ? 14.851  -9.658  -4.594  1.00 61.85  ?  1327 VAL A C     1 
ATOM   527  O  O     . VAL A 1 68 ? 15.160  -9.879  -3.435  1.00 62.07  ?  1327 VAL A O     1 
ATOM   528  C  CB    . VAL A 1 68 ? 16.463  -7.790  -4.965  1.00 63.67  ?  1327 VAL A CB    1 
ATOM   529  C  CG1   . VAL A 1 68 ? 17.435  -8.787  -5.593  1.00 66.93  ?  1327 VAL A CG1   1 
ATOM   530  C  CG2   . VAL A 1 68 ? 16.629  -6.397  -5.605  1.00 63.09  ?  1327 VAL A CG2   1 
ATOM   531  N  N     . CYS A 1 69 ? 14.339  -10.596 -5.396  1.00 60.40  ?  1328 CYS A N     1 
ATOM   532  C  CA    . CYS A 1 69 ? 14.270  -12.013 -4.980  1.00 64.14  ?  1328 CYS A CA    1 
ATOM   533  C  C     . CYS A 1 69 ? 15.643  -12.601 -4.631  1.00 70.44  ?  1328 CYS A C     1 
ATOM   534  O  O     . CYS A 1 69 ? 16.572  -12.503 -5.432  1.00 78.84  ?  1328 CYS A O     1 
ATOM   535  C  CB    . CYS A 1 69 ? 13.702  -12.875 -6.071  1.00 71.78  ?  1328 CYS A CB    1 
ATOM   536  S  SG    . CYS A 1 69 ? 13.357  -14.434 -5.309  1.00 68.59  ?  1328 CYS A SG    1 
ATOM   537  N  N     . ALA A 1 70 ? 15.760  -13.170 -3.432  1.00 74.31  ?  1329 ALA A N     1 
ATOM   538  C  CA    . ALA A 1 70 ? 17.014  -13.774 -2.935  1.00 75.98  ?  1329 ALA A CA    1 
ATOM   539  C  C     . ALA A 1 70 ? 17.243  -15.259 -3.347  1.00 75.11  ?  1329 ALA A C     1 
ATOM   540  O  O     . ALA A 1 70 ? 18.344  -15.723 -3.207  1.00 77.32  ?  1329 ALA A O     1 
ATOM   541  C  CB    . ALA A 1 70 ? 17.060  -13.663 -1.423  1.00 76.15  ?  1329 ALA A CB    1 
ATOM   542  N  N     . GLU A 1 71 ? 16.228  -15.990 -3.842  1.00 82.54  ?  1330 GLU A N     1 
ATOM   543  C  CA    . GLU A 1 71 ? 16.392  -17.409 -4.259  1.00 89.76  ?  1330 GLU A CA    1 
ATOM   544  C  C     . GLU A 1 71 ? 17.614  -17.531 -5.134  1.00 88.11  ?  1330 GLU A C     1 
ATOM   545  O  O     . GLU A 1 71 ? 17.818  -16.661 -6.008  1.00 86.83  ?  1330 GLU A O     1 
ATOM   546  C  CB    . GLU A 1 71 ? 15.181  -17.984 -5.016  1.00 90.72  ?  1330 GLU A CB    1 
ATOM   547  C  CG    . GLU A 1 71 ? 15.238  -19.496 -5.327  1.00 97.52  ?  1330 GLU A CG    1 
ATOM   548  C  CD    . GLU A 1 71 ? 14.926  -20.402 -4.130  1.00 94.38  ?  1330 GLU A CD    1 
ATOM   549  O  OE1   . GLU A 1 71 ? 14.558  -19.895 -3.048  1.00 90.19  ?  1330 GLU A OE1   1 
ATOM   550  O  OE2   . GLU A 1 71 ? 15.044  -21.641 -4.279  1.00 108.53 ?  1330 GLU A OE2   1 
ATOM   551  N  N     . PRO A 1 72 ? 18.447  -18.579 -4.876  1.00 91.63  ?  1331 PRO A N     1 
ATOM   552  C  CA    . PRO A 1 72 ? 19.663  -18.690 -5.678  1.00 95.17  ?  1331 PRO A CA    1 
ATOM   553  C  C     . PRO A 1 72 ? 19.325  -18.728 -7.187  1.00 89.30  ?  1331 PRO A C     1 
ATOM   554  O  O     . PRO A 1 72 ? 18.437  -19.524 -7.601  1.00 81.76  ?  1331 PRO A O     1 
ATOM   555  C  CB    . PRO A 1 72 ? 20.302  -19.997 -5.147  1.00 101.17 ?  1331 PRO A CB    1 
ATOM   556  C  CG    . PRO A 1 72 ? 19.814  -20.134 -3.734  1.00 85.87  ?  1331 PRO A CG    1 
ATOM   557  C  CD    . PRO A 1 72 ? 18.405  -19.605 -3.800  1.00 82.58  ?  1331 PRO A CD    1 
ATOM   558  N  N     . ASP A 1 73 ? 19.931  -17.815 -7.972  1.00 81.35  ?  1332 ASP A N     1 
ATOM   559  C  CA    . ASP A 1 73 ? 19.742  -17.828 -9.436  1.00 88.51  ?  1332 ASP A CA    1 
ATOM   560  C  C     . ASP A 1 73 ? 18.356  -17.338 -9.927  1.00 88.73  ?  1332 ASP A C     1 
ATOM   561  O  O     . ASP A 1 73 ? 18.146  -17.327 -11.150 1.00 77.92  ?  1332 ASP A O     1 
ATOM   562  C  CB    . ASP A 1 73 ? 19.953  -19.260 -10.062 1.00 93.45  ?  1332 ASP A CB    1 
ATOM   563  C  CG    . ASP A 1 73 ? 21.313  -19.897 -9.727  1.00 87.26  ?  1332 ASP A CG    1 
ATOM   564  O  OD1   . ASP A 1 73 ? 22.332  -19.233 -9.983  1.00 90.49  ?  1332 ASP A OD1   1 
ATOM   565  O  OD2   . ASP A 1 73 ? 21.355  -21.076 -9.259  1.00 88.03  ?  1332 ASP A OD2   1 
ATOM   566  N  N     . CYS A 1 74 ? 17.414  -16.958 -9.036  1.00 78.56  ?  1333 CYS A N     1 
ATOM   567  C  CA    . CYS A 1 74 ? 16.114  -16.366 -9.488  1.00 82.04  ?  1333 CYS A CA    1 
ATOM   568  C  C     . CYS A 1 74 ? 16.280  -15.062 -10.286 1.00 72.09  ?  1333 CYS A C     1 
ATOM   569  O  O     . CYS A 1 74 ? 15.670  -14.921 -11.351 1.00 83.56  ?  1333 CYS A O     1 
ATOM   570  C  CB    . CYS A 1 74 ? 15.103  -16.110 -8.343  1.00 80.20  ?  1333 CYS A CB    1 
ATOM   571  S  SG    . CYS A 1 74 ? 13.608  -15.239 -8.916  1.00 72.93  ?  1333 CYS A SG    1 
ATOM   572  N  N     . GLY A 1 75 ? 17.066  -14.118 -9.764  1.00 67.08  ?  1334 GLY A N     1 
ATOM   573  C  CA    . GLY A 1 75 ? 17.348  -12.853 -10.455 1.00 71.75  ?  1334 GLY A CA    1 
ATOM   574  C  C     . GLY A 1 75 ? 16.170  -11.840 -10.634 1.00 80.82  ?  1334 GLY A C     1 
ATOM   575  O  O     . GLY A 1 75 ? 16.370  -10.751 -11.213 1.00 76.47  ?  1334 GLY A O     1 
ATOM   576  N  N     . GLN A 1 76 ? 14.957  -12.157 -10.166 1.00 61.95  ?  1335 GLN A N     1 
ATOM   577  C  CA    . GLN A 1 76 ? 13.838  -11.247 -10.410 1.00 69.21  ?  1335 GLN A CA    1 
ATOM   578  C  C     . GLN A 1 76 ? 13.727  -10.058 -9.453  1.00 67.35  ?  1335 GLN A C     1 
ATOM   579  O  O     . GLN A 1 76 ? 14.097  -10.140 -8.270  1.00 64.89  ?  1335 GLN A O     1 
ATOM   580  C  CB    . GLN A 1 76 ? 12.575  -11.997 -10.359 1.00 68.12  ?  1335 GLN A CB    1 
ATOM   581  C  CG    . GLN A 1 76 ? 12.419  -12.797 -11.615 1.00 67.90  ?  1335 GLN A CG    1 
ATOM   582  C  CD    . GLN A 1 76 ? 11.078  -13.412 -11.637 1.00 72.66  ?  1335 GLN A CD    1 
ATOM   583  O  OE1   . GLN A 1 76 ? 10.964  -14.606 -11.698 1.00 83.15  ?  1335 GLN A OE1   1 
ATOM   584  N  NE2   . GLN A 1 76 ? 10.045  -12.600 -11.526 1.00 77.23  ?  1335 GLN A NE2   1 
ATOM   585  N  N     . THR A 1 77 ? 13.241  -8.940  -9.973  1.00 62.86  ?  1336 THR A N     1 
ATOM   586  C  CA    . THR A 1 77 ? 13.099  -7.731  -9.160  1.00 64.07  ?  1336 THR A CA    1 
ATOM   587  C  C     . THR A 1 77 ? 11.734  -7.112  -9.362  1.00 62.79  ?  1336 THR A C     1 
ATOM   588  O  O     . THR A 1 77 ? 11.086  -7.379  -10.347 1.00 56.40  ?  1336 THR A O     1 
ATOM   589  C  CB    . THR A 1 77 ? 14.199  -6.713  -9.426  1.00 63.31  ?  1336 THR A CB    1 
ATOM   590  O  OG1   . THR A 1 77 ? 13.964  -6.077  -10.682 1.00 54.51  ?  1336 THR A OG1   1 
ATOM   591  C  CG2   . THR A 1 77 ? 15.516  -7.377  -9.413  1.00 59.75  ?  1336 THR A CG2   1 
ATOM   592  N  N     . PHE A 1 78 ? 11.269  -6.346  -8.381  1.00 59.12  ?  1337 PHE A N     1 
ATOM   593  C  CA    . PHE A 1 78 ? 9.922   -5.776  -8.426  1.00 54.36  ?  1337 PHE A CA    1 
ATOM   594  C  C     . PHE A 1 78 ? 9.858   -4.321  -7.973  1.00 53.45  ?  1337 PHE A C     1 
ATOM   595  O  O     . PHE A 1 78 ? 10.637  -3.858  -7.109  1.00 53.91  ?  1337 PHE A O     1 
ATOM   596  C  CB    . PHE A 1 78 ? 8.982   -6.627  -7.619  1.00 57.13  ?  1337 PHE A CB    1 
ATOM   597  C  CG    . PHE A 1 78 ? 9.051   -8.052  -7.989  1.00 54.86  ?  1337 PHE A CG    1 
ATOM   598  C  CD1   . PHE A 1 78 ? 10.018  -8.862  -7.433  1.00 57.40  ?  1337 PHE A CD1   1 
ATOM   599  C  CD2   . PHE A 1 78 ? 8.208   -8.562  -8.967  1.00 60.80  ?  1337 PHE A CD2   1 
ATOM   600  C  CE1   . PHE A 1 78 ? 10.126  -10.199 -7.816  1.00 61.37  ?  1337 PHE A CE1   1 
ATOM   601  C  CE2   . PHE A 1 78 ? 8.274   -9.887  -9.335  1.00 59.16  ?  1337 PHE A CE2   1 
ATOM   602  C  CZ    . PHE A 1 78 ? 9.250   -10.706 -8.769  1.00 58.33  ?  1337 PHE A CZ    1 
ATOM   603  N  N     . ARG A 1 79 ? 8.984   -3.584  -8.638  1.00 46.02  ?  1338 ARG A N     1 
ATOM   604  C  CA    . ARG A 1 79 ? 8.678   -2.248  -8.218  1.00 45.54  ?  1338 ARG A CA    1 
ATOM   605  C  C     . ARG A 1 79 ? 7.757   -2.174  -6.974  1.00 46.46  ?  1338 ARG A C     1 
ATOM   606  O  O     . ARG A 1 79 ? 7.924   -1.257  -6.188  1.00 43.88  ?  1338 ARG A O     1 
ATOM   607  C  CB    . ARG A 1 79 ? 8.070   -1.468  -9.359  1.00 47.41  ?  1338 ARG A CB    1 
ATOM   608  C  CG    . ARG A 1 79 ? 7.883   0.000   -8.988  1.00 51.48  ?  1338 ARG A CG    1 
ATOM   609  C  CD    . ARG A 1 79 ? 7.687   0.845   -10.225 1.00 51.25  ?  1338 ARG A CD    1 
ATOM   610  N  NE    . ARG A 1 79 ? 8.901   0.755   -10.962 1.00 49.58  ?  1338 ARG A NE    1 
ATOM   611  C  CZ    . ARG A 1 79 ? 9.009   0.527   -12.265 1.00 59.98  ?  1338 ARG A CZ    1 
ATOM   612  N  NH1   . ARG A 1 79 ? 10.221  0.403   -12.788 1.00 62.09  ?  1338 ARG A NH1   1 
ATOM   613  N  NH2   . ARG A 1 79 ? 7.950   0.441   -13.051 1.00 57.92  ?  1338 ARG A NH2   1 
ATOM   614  N  N     . PHE A 1 80 ? 6.838   -3.126  -6.801  1.00 46.19  ?  1339 PHE A N     1 
ATOM   615  C  CA    . PHE A 1 80 ? 5.743   -3.050  -5.842  1.00 46.54  ?  1339 PHE A CA    1 
ATOM   616  C  C     . PHE A 1 80 ? 5.735   -4.243  -4.931  1.00 53.84  ?  1339 PHE A C     1 
ATOM   617  O  O     . PHE A 1 80 ? 5.867   -5.370  -5.406  1.00 49.90  ?  1339 PHE A O     1 
ATOM   618  C  CB    . PHE A 1 80 ? 4.390   -2.932  -6.560  1.00 47.11  ?  1339 PHE A CB    1 
ATOM   619  C  CG    . PHE A 1 80 ? 4.295   -1.687  -7.387  1.00 51.45  ?  1339 PHE A CG    1 
ATOM   620  C  CD1   . PHE A 1 80 ? 4.190   -0.444  -6.758  1.00 46.31  ?  1339 PHE A CD1   1 
ATOM   621  C  CD2   . PHE A 1 80 ? 4.463   -1.726  -8.782  1.00 51.07  ?  1339 PHE A CD2   1 
ATOM   622  C  CE1   . PHE A 1 80 ? 4.187   0.734   -7.502  1.00 48.37  ?  1339 PHE A CE1   1 
ATOM   623  C  CE2   . PHE A 1 80 ? 4.449   -0.545  -9.518  1.00 50.06  ?  1339 PHE A CE2   1 
ATOM   624  C  CZ    . PHE A 1 80 ? 4.297   0.676   -8.880  1.00 45.61  ?  1339 PHE A CZ    1 
ATOM   625  N  N     . VAL A 1 81 ? 5.551   -3.998  -3.622  1.00 48.81  ?  1340 VAL A N     1 
ATOM   626  C  CA    . VAL A 1 81 ? 5.650   -5.052  -2.670  1.00 42.49  ?  1340 VAL A CA    1 
ATOM   627  C  C     . VAL A 1 81 ? 4.647   -6.173  -2.914  1.00 52.92  ?  1340 VAL A C     1 
ATOM   628  O  O     . VAL A 1 81 ? 4.999   -7.350  -2.747  1.00 46.14  ?  1340 VAL A O     1 
ATOM   629  C  CB    . VAL A 1 81 ? 5.576   -4.560  -1.233  1.00 52.18  ?  1340 VAL A CB    1 
ATOM   630  C  CG1   . VAL A 1 81 ? 4.188   -4.027  -0.838  1.00 52.99  ?  1340 VAL A CG1   1 
ATOM   631  C  CG2   . VAL A 1 81 ? 6.005   -5.688  -0.285  1.00 52.74  ?  1340 VAL A CG2   1 
ATOM   632  N  N     . SER A 1 82 ? 3.423   -5.826  -3.322  1.00 44.82  ?  1341 SER A N     1 
ATOM   633  C  CA    . SER A 1 82 ? 2.415   -6.855  -3.602  1.00 49.55  ?  1341 SER A CA    1 
ATOM   634  C  C     . SER A 1 82 ? 2.946   -7.838  -4.660  1.00 57.82  ?  1341 SER A C     1 
ATOM   635  O  O     . SER A 1 82 ? 2.778   -9.039  -4.519  1.00 51.47  ?  1341 SER A O     1 
ATOM   636  C  CB    . SER A 1 82 ? 1.089   -6.241  -4.014  1.00 47.55  ?  1341 SER A CB    1 
ATOM   637  O  OG    . SER A 1 82 ? 0.050   -7.218  -4.275  1.00 49.99  ?  1341 SER A OG    1 
ATOM   638  N  N     . ASP A 1 83 ? 3.614   -7.320  -5.690  1.00 55.78  ?  1342 ASP A N     1 
ATOM   639  C  CA    . ASP A 1 83 ? 4.139   -8.174  -6.749  1.00 52.55  ?  1342 ASP A CA    1 
ATOM   640  C  C     . ASP A 1 83 ? 5.211   -9.120  -6.213  1.00 55.68  ?  1342 ASP A C     1 
ATOM   641  O  O     . ASP A 1 83 ? 5.228   -10.314 -6.554  1.00 51.21  ?  1342 ASP A O     1 
ATOM   642  C  CB    . ASP A 1 83 ? 4.714   -7.343  -7.891  1.00 48.85  ?  1342 ASP A CB    1 
ATOM   643  C  CG    . ASP A 1 83 ? 3.653   -6.454  -8.541  1.00 49.44  ?  1342 ASP A CG    1 
ATOM   644  O  OD1   . ASP A 1 83 ? 2.475   -6.817  -8.517  1.00 48.25  ?  1342 ASP A OD1   1 
ATOM   645  O  OD2   . ASP A 1 83 ? 3.955   -5.380  -9.038  1.00 54.79  ?  1342 ASP A OD2   1 
ATOM   646  N  N     . PHE A 1 84 ? 6.067   -8.581  -5.353  1.00 50.87  ?  1343 PHE A N     1 
ATOM   647  C  CA    . PHE A 1 84 ? 7.101   -9.370  -4.749  1.00 52.27  ?  1343 PHE A CA    1 
ATOM   648  C  C     . PHE A 1 84 ? 6.544   -10.490 -3.854  1.00 61.94  ?  1343 PHE A C     1 
ATOM   649  O  O     . PHE A 1 84 ? 7.007   -11.648 -3.918  1.00 61.44  ?  1343 PHE A O     1 
ATOM   650  C  CB    . PHE A 1 84 ? 8.044   -8.481  -4.035  1.00 56.18  ?  1343 PHE A CB    1 
ATOM   651  C  CG    . PHE A 1 84 ? 9.185   -9.190  -3.356  1.00 60.41  ?  1343 PHE A CG    1 
ATOM   652  C  CD1   . PHE A 1 84 ? 9.883   -10.229 -3.976  1.00 64.18  ?  1343 PHE A CD1   1 
ATOM   653  C  CD2   . PHE A 1 84 ? 9.609   -8.769  -2.074  1.00 55.16  ?  1343 PHE A CD2   1 
ATOM   654  C  CE1   . PHE A 1 84 ? 10.958  -10.856 -3.321  1.00 66.49  ?  1343 PHE A CE1   1 
ATOM   655  C  CE2   . PHE A 1 84 ? 10.711  -9.360  -1.434  1.00 57.43  ?  1343 PHE A CE2   1 
ATOM   656  C  CZ    . PHE A 1 84 ? 11.371  -10.425 -2.054  1.00 66.92  ?  1343 PHE A CZ    1 
ATOM   657  N  N     . SER A 1 85 ? 5.523   -10.160 -3.076  1.00 57.88  ?  1344 SER A N     1 
ATOM   658  C  CA    . SER A 1 85 ? 4.796   -11.149 -2.289  1.00 59.10  ?  1344 SER A CA    1 
ATOM   659  C  C     . SER A 1 85 ? 4.050   -12.228 -3.128  1.00 64.52  ?  1344 SER A C     1 
ATOM   660  O  O     . SER A 1 85 ? 4.055   -13.419 -2.784  1.00 65.85  ?  1344 SER A O     1 
ATOM   661  C  CB    . SER A 1 85 ? 3.770   -10.437 -1.399  1.00 54.32  ?  1344 SER A CB    1 
ATOM   662  O  OG    . SER A 1 85 ? 4.413   -9.505  -0.562  1.00 57.74  ?  1344 SER A OG    1 
ATOM   663  N  N     . ARG A 1 86 ? 3.369   -11.794 -4.180  1.00 59.52  ?  1345 ARG A N     1 
ATOM   664  C  CA    . ARG A 1 86 ? 2.739   -12.701 -5.127  1.00 63.45  ?  1345 ARG A CA    1 
ATOM   665  C  C     . ARG A 1 86 ? 3.756   -13.726 -5.658  1.00 69.00  ?  1345 ARG A C     1 
ATOM   666  O  O     . ARG A 1 86 ? 3.479   -14.927 -5.685  1.00 68.36  ?  1345 ARG A O     1 
ATOM   667  C  CB    . ARG A 1 86 ? 2.203   -11.926 -6.309  1.00 63.23  ?  1345 ARG A CB    1 
ATOM   668  C  CG    . ARG A 1 86 ? 1.450   -12.776 -7.303  1.00 61.80  ?  1345 ARG A CG    1 
ATOM   669  C  CD    . ARG A 1 86 ? 0.908   -11.911 -8.449  1.00 66.97  ?  1345 ARG A CD    1 
ATOM   670  N  NE    . ARG A 1 86 ? -0.510  -11.604 -8.210  1.00 73.40  ?  1345 ARG A NE    1 
ATOM   671  C  CZ    . ARG A 1 86 ? -1.028  -10.416 -7.925  1.00 75.15  ?  1345 ARG A CZ    1 
ATOM   672  N  NH1   . ARG A 1 86 ? -0.260  -9.360  -7.853  1.00 91.30  ?  1345 ARG A NH1   1 
ATOM   673  N  NH2   . ARG A 1 86 ? -2.334  -10.273 -7.715  1.00 82.49  ?  1345 ARG A NH2   1 
ATOM   674  N  N     . HIS A 1 87 ? 4.922   -13.248 -6.063  1.00 60.51  ?  1346 HIS A N     1 
ATOM   675  C  CA    . HIS A 1 87 ? 5.947   -14.132 -6.617  1.00 70.76  ?  1346 HIS A CA    1 
ATOM   676  C  C     . HIS A 1 87 ? 6.538   -15.156 -5.620  1.00 77.73  ?  1346 HIS A C     1 
ATOM   677  O  O     . HIS A 1 87 ? 6.784   -16.291 -5.964  1.00 87.54  ?  1346 HIS A O     1 
ATOM   678  C  CB    . HIS A 1 87 ? 7.036   -13.306 -7.244  1.00 64.24  ?  1346 HIS A CB    1 
ATOM   679  C  CG    . HIS A 1 87 ? 8.345   -14.013 -7.405  1.00 76.63  ?  1346 HIS A CG    1 
ATOM   680  N  ND1   . HIS A 1 87 ? 8.600   -14.909 -8.423  1.00 70.70  ?  1346 HIS A ND1   1 
ATOM   681  C  CD2   . HIS A 1 87 ? 9.509   -13.870 -6.733  1.00 77.95  ?  1346 HIS A CD2   1 
ATOM   682  C  CE1   . HIS A 1 87 ? 9.857   -15.301 -8.359  1.00 71.88  ?  1346 HIS A CE1   1 
ATOM   683  N  NE2   . HIS A 1 87 ? 10.425  -14.691 -7.338  1.00 82.24  ?  1346 HIS A NE2   1 
ATOM   684  N  N     . LYS A 1 88 ? 6.763   -14.753 -4.399  1.00 67.56  ?  1347 LYS A N     1 
ATOM   685  C  CA    . LYS A 1 88 ? 7.142   -15.688 -3.368  1.00 69.28  ?  1347 LYS A CA    1 
ATOM   686  C  C     . LYS A 1 88 ? 6.051   -16.758 -3.109  1.00 74.85  ?  1347 LYS A C     1 
ATOM   687  O  O     . LYS A 1 88 ? 6.339   -17.932 -2.956  1.00 72.50  ?  1347 LYS A O     1 
ATOM   688  C  CB    . LYS A 1 88 ? 7.330   -14.921 -2.078  1.00 73.05  ?  1347 LYS A CB    1 
ATOM   689  C  CG    . LYS A 1 88 ? 8.520   -13.975 -2.041  1.00 72.38  ?  1347 LYS A CG    1 
ATOM   690  C  CD    . LYS A 1 88 ? 8.238   -12.923 -0.978  1.00 80.14  ?  1347 LYS A CD    1 
ATOM   691  C  CE    . LYS A 1 88 ? 9.455   -12.572 -0.159  1.00 83.55  ?  1347 LYS A CE    1 
ATOM   692  N  NZ    . LYS A 1 88 ? 9.018   -11.594 0.865   1.00 86.57  ?  1347 LYS A NZ    1 
ATOM   693  N  N     . ARG A 1 89 ? 4.826   -16.288 -2.978  1.00 63.92  ?  1348 ARG A N     1 
ATOM   694  C  CA    . ARG A 1 89 ? 3.635   -17.082 -2.840  1.00 76.88  ?  1348 ARG A CA    1 
ATOM   695  C  C     . ARG A 1 89 ? 3.651   -18.099 -3.979  1.00 84.66  ?  1348 ARG A C     1 
ATOM   696  O  O     . ARG A 1 89 ? 3.775   -19.278 -3.738  1.00 82.80  ?  1348 ARG A O     1 
ATOM   697  C  CB    . ARG A 1 89 ? 2.407   -16.122 -2.914  1.00 95.07  ?  1348 ARG A CB    1 
ATOM   698  C  CG    . ARG A 1 89 ? 1.013   -16.674 -3.285  1.00 102.32 ?  1348 ARG A CG    1 
ATOM   699  C  CD    . ARG A 1 89 ? 0.042   -16.597 -2.126  1.00 96.28  ?  1348 ARG A CD    1 
ATOM   700  N  NE    . ARG A 1 89 ? 0.710   -17.101 -0.928  1.00 107.26 ?  1348 ARG A NE    1 
ATOM   701  C  CZ    . ARG A 1 89 ? 0.114   -17.538 0.180   1.00 112.85 ?  1348 ARG A CZ    1 
ATOM   702  N  NH1   . ARG A 1 89 ? 0.875   -17.962 1.191   1.00 106.87 ?  1348 ARG A NH1   1 
ATOM   703  N  NH2   . ARG A 1 89 ? -1.210  -17.591 0.290   1.00 115.57 ?  1348 ARG A NH2   1 
ATOM   704  N  N     . LYS A 1 90 ? 3.565   -17.627 -5.219  1.00 87.98  ?  1349 LYS A N     1 
ATOM   705  C  CA    . LYS A 1 90 ? 3.564   -18.494 -6.396  1.00 84.31  ?  1349 LYS A CA    1 
ATOM   706  C  C     . LYS A 1 90 ? 4.696   -19.525 -6.346  1.00 86.67  ?  1349 LYS A C     1 
ATOM   707  O  O     . LYS A 1 90 ? 4.435   -20.706 -6.430  1.00 85.55  ?  1349 LYS A O     1 
ATOM   708  C  CB    . LYS A 1 90 ? 3.684   -17.658 -7.660  1.00 86.25  ?  1349 LYS A CB    1 
ATOM   709  C  CG    . LYS A 1 90 ? 4.002   -18.458 -8.927  1.00 97.14  ?  1349 LYS A CG    1 
ATOM   710  C  CD    . LYS A 1 90 ? 3.164   -18.017 -10.097 1.00 91.79  ?  1349 LYS A CD    1 
ATOM   711  C  CE    . LYS A 1 90 ? 1.707   -18.227 -9.735  1.00 96.54  ?  1349 LYS A CE    1 
ATOM   712  N  NZ    . LYS A 1 90 ? 0.907   -18.536 -10.936 1.00 111.49 ?  1349 LYS A NZ    1 
ATOM   713  N  N     . THR A 1 91 ? 5.925   -19.062 -6.141  1.00 81.91  ?  1350 THR A N     1 
ATOM   714  C  CA    . THR A 1 91 ? 7.122   -19.851 -6.351  1.00 73.25  ?  1350 THR A CA    1 
ATOM   715  C  C     . THR A 1 91 ? 7.774   -20.552 -5.152  1.00 76.44  ?  1350 THR A C     1 
ATOM   716  O  O     . THR A 1 91 ? 8.562   -21.453 -5.353  1.00 79.58  ?  1350 THR A O     1 
ATOM   717  C  CB    . THR A 1 91 ? 8.237   -18.984 -6.985  1.00 71.93  ?  1350 THR A CB    1 
ATOM   718  O  OG1   . THR A 1 91 ? 8.777   -18.034 -6.027  1.00 79.02  ?  1350 THR A OG1   1 
ATOM   719  C  CG2   . THR A 1 91 ? 7.714   -18.307 -8.237  1.00 63.91  ?  1350 THR A CG2   1 
ATOM   720  N  N     . GLY A 1 92 ? 7.524   -20.096 -3.935  1.00 83.17  ?  1351 GLY A N     1 
ATOM   721  C  CA    . GLY A 1 92 ? 8.234   -20.602 -2.750  1.00 74.61  ?  1351 GLY A CA    1 
ATOM   722  C  C     . GLY A 1 92 ? 9.586   -20.003 -2.375  1.00 80.03  ?  1351 GLY A C     1 
ATOM   723  O  O     . GLY A 1 92 ? 10.233  -20.498 -1.443  1.00 86.98  ?  1351 GLY A O     1 
ATOM   724  N  N     . HIS A 1 93 ? 10.011  -18.929 -3.042  1.00 81.59  ?  1352 HIS A N     1 
ATOM   725  C  CA    . HIS A 1 93 ? 11.312  -18.277 -2.747  1.00 77.11  ?  1352 HIS A CA    1 
ATOM   726  C  C     . HIS A 1 93 ? 11.154  -17.477 -1.434  1.00 80.34  ?  1352 HIS A C     1 
ATOM   727  O  O     . HIS A 1 93 ? 10.089  -16.935 -1.215  1.00 99.16  ?  1352 HIS A O     1 
ATOM   728  C  CB    . HIS A 1 93 ? 11.704  -17.414 -3.939  1.00 81.81  ?  1352 HIS A CB    1 
ATOM   729  C  CG    . HIS A 1 93 ? 11.740  -18.164 -5.240  1.00 90.29  ?  1352 HIS A CG    1 
ATOM   730  N  ND1   . HIS A 1 93 ? 12.416  -17.705 -6.345  1.00 102.71 ?  1352 HIS A ND1   1 
ATOM   731  C  CD2   . HIS A 1 93 ? 11.211  -19.356 -5.609  1.00 86.31  ?  1352 HIS A CD2   1 
ATOM   732  C  CE1   . HIS A 1 93 ? 12.293  -18.561 -7.343  1.00 82.79  ?  1352 HIS A CE1   1 
ATOM   733  N  NE2   . HIS A 1 93 ? 11.563  -19.570 -6.919  1.00 79.92  ?  1352 HIS A NE2   1 
ATOM   734  N  N     . SER A 1 94 ? 12.160  -17.462 -0.545  1.00 97.94  ?  1353 SER A N     1 
ATOM   735  C  CA    . SER A 1 94 ? 12.032  -17.083 0.921   1.00 88.17  ?  1353 SER A CA    1 
ATOM   736  C  C     . SER A 1 94 ? 10.777  -17.612 1.629   1.00 85.08  ?  1353 SER A C     1 
ATOM   737  O  O     . SER A 1 94 ? 10.752  -17.668 2.858   1.00 90.65  ?  1353 SER A O     1 
ATOM   738  C  CB    . SER A 1 94 ? 12.141  -15.566 1.151   1.00 92.70  ?  1353 SER A CB    1 
ATOM   739  O  OG    . SER A 1 94 ? 12.973  -14.969 0.174   1.00 102.43 ?  1353 SER A OG    1 
ATOM   740  O  "O5'" . DT  B 2 1  ? 1.749   -9.194  -17.076 1.00 65.18  ?  1    DT  D "O5'" 1 
ATOM   741  C  "C5'" . DT  B 2 1  ? 2.399   -8.496  -18.147 1.00 65.74  ?  1    DT  D "C5'" 1 
ATOM   742  C  "C4'" . DT  B 2 1  ? 2.136   -7.027  -17.942 1.00 70.42  ?  1    DT  D "C4'" 1 
ATOM   743  O  "O4'" . DT  B 2 1  ? 0.710   -6.822  -17.873 1.00 71.01  ?  1    DT  D "O4'" 1 
ATOM   744  C  "C3'" . DT  B 2 1  ? 2.709   -6.555  -16.612 1.00 62.95  ?  1    DT  D "C3'" 1 
ATOM   745  O  "O3'" . DT  B 2 1  ? 3.500   -5.420  -16.827 1.00 73.05  ?  1    DT  D "O3'" 1 
ATOM   746  C  "C2'" . DT  B 2 1  ? 1.517   -6.114  -15.801 1.00 67.54  ?  1    DT  D "C2'" 1 
ATOM   747  C  "C1'" . DT  B 2 1  ? 0.395   -5.982  -16.796 1.00 63.17  ?  1    DT  D "C1'" 1 
ATOM   748  N  N1    . DT  B 2 1  ? -0.845  -6.474  -16.171 1.00 64.88  ?  1    DT  D N1    1 
ATOM   749  C  C2    . DT  B 2 1  ? -1.790  -5.532  -15.822 1.00 57.01  ?  1    DT  D C2    1 
ATOM   750  O  O2    . DT  B 2 1  ? -1.686  -4.353  -16.103 1.00 59.64  ?  1    DT  D O2    1 
ATOM   751  N  N3    . DT  B 2 1  ? -2.892  -6.038  -15.177 1.00 47.22  ?  1    DT  D N3    1 
ATOM   752  C  C4    . DT  B 2 1  ? -3.083  -7.339  -14.749 1.00 50.91  ?  1    DT  D C4    1 
ATOM   753  O  O4    . DT  B 2 1  ? -4.114  -7.641  -14.148 1.00 50.60  ?  1    DT  D O4    1 
ATOM   754  C  C5    . DT  B 2 1  ? -2.039  -8.270  -15.124 1.00 54.23  ?  1    DT  D C5    1 
ATOM   755  C  C7    . DT  B 2 1  ? -2.194  -9.716  -14.767 1.00 48.49  ?  1    DT  D C7    1 
ATOM   756  C  C6    . DT  B 2 1  ? -0.992  -7.799  -15.820 1.00 52.68  ?  1    DT  D C6    1 
ATOM   757  P  P     . DT  B 2 2  ? 4.347   -4.869  -15.643 1.00 87.31  ?  2    DT  D P     1 
ATOM   758  O  OP1   . DT  B 2 2  ? 5.630   -4.551  -16.236 1.00 72.57  ?  2    DT  D OP1   1 
ATOM   759  O  OP2   . DT  B 2 2  ? 4.181   -5.790  -14.418 1.00 59.50  -1 2    DT  D OP2   1 
ATOM   760  O  "O5'" . DT  B 2 2  ? 3.605   -3.521  -15.235 1.00 62.86  ?  2    DT  D "O5'" 1 
ATOM   761  C  "C5'" . DT  B 2 2  ? 3.348   -2.457  -16.161 1.00 55.29  ?  2    DT  D "C5'" 1 
ATOM   762  C  "C4'" . DT  B 2 2  ? 2.440   -1.532  -15.389 1.00 54.41  ?  2    DT  D "C4'" 1 
ATOM   763  O  "O4'" . DT  B 2 2  ? 1.283   -2.275  -14.945 1.00 51.84  ?  2    DT  D "O4'" 1 
ATOM   764  C  "C3'" . DT  B 2 2  ? 3.115   -1.027  -14.105 1.00 51.24  ?  2    DT  D "C3'" 1 
ATOM   765  O  "O3'" . DT  B 2 2  ? 3.224   0.380   -14.226 1.00 51.69  ?  2    DT  D "O3'" 1 
ATOM   766  C  "C2'" . DT  B 2 2  ? 2.279   -1.590  -12.962 1.00 49.78  ?  2    DT  D "C2'" 1 
ATOM   767  C  "C1'" . DT  B 2 2  ? 0.939   -1.878  -13.616 1.00 49.22  ?  2    DT  D "C1'" 1 
ATOM   768  N  N1    . DT  B 2 2  ? 0.143   -2.979  -13.034 1.00 47.18  ?  2    DT  D N1    1 
ATOM   769  C  C2    . DT  B 2 2  ? -1.182  -2.775  -12.729 1.00 50.45  ?  2    DT  D C2    1 
ATOM   770  O  O2    . DT  B 2 2  ? -1.721  -1.692  -12.814 1.00 53.30  ?  2    DT  D O2    1 
ATOM   771  N  N3    . DT  B 2 2  ? -1.837  -3.879  -12.248 1.00 48.17  ?  2    DT  D N3    1 
ATOM   772  C  C4    . DT  B 2 2  ? -1.335  -5.157  -12.123 1.00 51.16  ?  2    DT  D C4    1 
ATOM   773  O  O4    . DT  B 2 2  ? -2.068  -6.067  -11.746 1.00 52.71  ?  2    DT  D O4    1 
ATOM   774  C  C5    . DT  B 2 2  ? 0.064   -5.302  -12.456 1.00 54.25  ?  2    DT  D C5    1 
ATOM   775  C  C7    . DT  B 2 2  ? 0.714   -6.641  -12.301 1.00 51.23  ?  2    DT  D C7    1 
ATOM   776  C  C6    . DT  B 2 2  ? 0.721   -4.222  -12.893 1.00 52.91  ?  2    DT  D C6    1 
ATOM   777  P  P     . DC  B 2 3  ? 3.997   1.210   -13.131 1.00 52.93  ?  3    DC  D P     1 
ATOM   778  O  OP1   . DC  B 2 3  ? 4.218   2.545   -13.704 1.00 54.06  ?  3    DC  D OP1   1 
ATOM   779  O  OP2   . DC  B 2 3  ? 5.128   0.347   -12.616 1.00 54.28  -1 3    DC  D OP2   1 
ATOM   780  O  "O5'" . DC  B 2 3  ? 2.874   1.347   -12.006 1.00 48.59  ?  3    DC  D "O5'" 1 
ATOM   781  C  "C5'" . DC  B 2 3  ? 1.632   2.029   -12.289 1.00 45.83  ?  3    DC  D "C5'" 1 
ATOM   782  C  "C4'" . DC  B 2 3  ? 0.590   1.704   -11.242 1.00 49.43  ?  3    DC  D "C4'" 1 
ATOM   783  O  "O4'" . DC  B 2 3  ? 0.296   0.290   -11.214 1.00 46.61  ?  3    DC  D "O4'" 1 
ATOM   784  C  "C3'" . DC  B 2 3  ? 0.949   2.079   -9.789  1.00 46.30  ?  3    DC  D "C3'" 1 
ATOM   785  O  "O3'" . DC  B 2 3  ? 0.362   3.368   -9.552  1.00 42.72  ?  3    DC  D "O3'" 1 
ATOM   786  C  "C2'" . DC  B 2 3  ? 0.374   0.943   -8.963  1.00 45.00  ?  3    DC  D "C2'" 1 
ATOM   787  C  "C1'" . DC  B 2 3  ? -0.347  0.063   -9.978  1.00 47.60  ?  3    DC  D "C1'" 1 
ATOM   788  N  N1    . DC  B 2 3  ? -0.241  -1.358  -9.676  1.00 49.22  ?  3    DC  D N1    1 
ATOM   789  C  C2    . DC  B 2 3  ? -1.381  -2.047  -9.257  1.00 49.89  ?  3    DC  D C2    1 
ATOM   790  O  O2    . DC  B 2 3  ? -2.450  -1.437  -9.170  1.00 50.06  ?  3    DC  D O2    1 
ATOM   791  N  N3    . DC  B 2 3  ? -1.290  -3.359  -8.969  1.00 47.06  ?  3    DC  D N3    1 
ATOM   792  C  C4    . DC  B 2 3  ? -0.109  -3.970  -9.014  1.00 47.62  ?  3    DC  D C4    1 
ATOM   793  N  N4    . DC  B 2 3  ? -0.067  -5.256  -8.688  1.00 59.00  ?  3    DC  D N4    1 
ATOM   794  C  C5    . DC  B 2 3  ? 1.083   -3.281  -9.377  1.00 49.12  ?  3    DC  D C5    1 
ATOM   795  C  C6    . DC  B 2 3  ? 0.968   -1.992  -9.719  1.00 46.07  ?  3    DC  D C6    1 
ATOM   796  P  P     . DT  B 2 4  ? 0.408   4.142   -8.123  1.00 49.13  ?  4    DT  D P     1 
ATOM   797  O  OP1   . DT  B 2 4  ? 0.367   5.550   -8.422  1.00 40.88  ?  4    DT  D OP1   1 
ATOM   798  O  OP2   . DT  B 2 4  ? 1.462   3.617   -7.237  1.00 48.59  -1 4    DT  D OP2   1 
ATOM   799  O  "O5'" . DT  B 2 4  ? -0.942  3.675   -7.444  1.00 48.59  ?  4    DT  D "O5'" 1 
ATOM   800  C  "C5'" . DT  B 2 4  ? -2.191  4.094   -8.028  1.00 46.91  ?  4    DT  D "C5'" 1 
ATOM   801  C  "C4'" . DT  B 2 4  ? -3.324  3.640   -7.137  1.00 41.24  ?  4    DT  D "C4'" 1 
ATOM   802  O  "O4'" . DT  B 2 4  ? -3.235  2.208   -7.060  1.00 43.79  ?  4    DT  D "O4'" 1 
ATOM   803  C  "C3'" . DT  B 2 4  ? -3.252  4.143   -5.677  1.00 42.31  ?  4    DT  D "C3'" 1 
ATOM   804  O  "O3'" . DT  B 2 4  ? -4.582  4.527   -5.267  1.00 43.85  ?  4    DT  D "O3'" 1 
ATOM   805  C  "C2'" . DT  B 2 4  ? -2.740  2.940   -4.912  1.00 38.46  ?  4    DT  D "C2'" 1 
ATOM   806  C  "C1'" . DT  B 2 4  ? -3.349  1.799   -5.722  1.00 44.71  ?  4    DT  D "C1'" 1 
ATOM   807  N  N1    . DT  B 2 4  ? -2.647  0.528   -5.596  1.00 46.69  ?  4    DT  D N1    1 
ATOM   808  C  C2    . DT  B 2 4  ? -3.331  -0.625  -5.257  1.00 52.29  ?  4    DT  D C2    1 
ATOM   809  O  O2    . DT  B 2 4  ? -4.526  -0.655  -5.029  1.00 48.84  ?  4    DT  D O2    1 
ATOM   810  N  N3    . DT  B 2 4  ? -2.543  -1.741  -5.147  1.00 48.28  ?  4    DT  D N3    1 
ATOM   811  C  C4    . DT  B 2 4  ? -1.178  -1.820  -5.334  1.00 47.74  ?  4    DT  D C4    1 
ATOM   812  O  O4    . DT  B 2 4  ? -0.603  -2.890  -5.183  1.00 47.65  ?  4    DT  D O4    1 
ATOM   813  C  C5    . DT  B 2 4  ? -0.534  -0.585  -5.716  1.00 51.19  ?  4    DT  D C5    1 
ATOM   814  C  C7    . DT  B 2 4  ? 0.941   -0.583  -5.963  1.00 50.43  ?  4    DT  D C7    1 
ATOM   815  C  C6    . DT  B 2 4  ? -1.291  0.511   -5.826  1.00 50.19  ?  4    DT  D C6    1 
ATOM   816  P  P     . DC  B 2 5  ? -4.987  5.022   -3.755  1.00 47.88  ?  5    DC  D P     1 
ATOM   817  O  OP1   . DC  B 2 5  ? -6.102  5.972   -3.936  1.00 50.21  ?  5    DC  D OP1   1 
ATOM   818  O  OP2   . DC  B 2 5  ? -3.767  5.478   -2.996  1.00 51.49  -1 5    DC  D OP2   1 
ATOM   819  O  "O5'" . DC  B 2 5  ? -5.630  3.723   -3.089  1.00 48.53  ?  5    DC  D "O5'" 1 
ATOM   820  C  "C5'" . DC  B 2 5  ? -6.771  3.129   -3.756  1.00 45.90  ?  5    DC  D "C5'" 1 
ATOM   821  C  "C4'" . DC  B 2 5  ? -7.423  2.112   -2.855  1.00 48.73  ?  5    DC  D "C4'" 1 
ATOM   822  O  "O4'" . DC  B 2 5  ? -6.643  0.877   -2.818  1.00 44.44  ?  5    DC  D "O4'" 1 
ATOM   823  C  "C3'" . DC  B 2 5  ? -7.511  2.604   -1.407  1.00 49.93  ?  5    DC  D "C3'" 1 
ATOM   824  O  "O3'" . DC  B 2 5  ? -8.639  2.025   -0.780  1.00 54.29  ?  5    DC  D "O3'" 1 
ATOM   825  C  "C2'" . DC  B 2 5  ? -6.269  2.015   -0.777  1.00 49.80  ?  5    DC  D "C2'" 1 
ATOM   826  C  "C1'" . DC  B 2 5  ? -6.153  0.650   -1.489  1.00 50.21  ?  5    DC  D "C1'" 1 
ATOM   827  N  N1    . DC  B 2 5  ? -4.794  0.104   -1.616  1.00 48.93  ?  5    DC  D N1    1 
ATOM   828  C  C2    . DC  B 2 5  ? -4.577  -1.267  -1.439  1.00 48.78  ?  5    DC  D C2    1 
ATOM   829  O  O2    . DC  B 2 5  ? -5.506  -1.973  -1.040  1.00 50.16  ?  5    DC  D O2    1 
ATOM   830  N  N3    . DC  B 2 5  ? -3.335  -1.774  -1.636  1.00 49.66  ?  5    DC  D N3    1 
ATOM   831  C  C4    . DC  B 2 5  ? -2.339  -0.967  -2.017  1.00 46.45  ?  5    DC  D C4    1 
ATOM   832  N  N4    . DC  B 2 5  ? -1.128  -1.501  -2.175  1.00 43.33  ?  5    DC  D N4    1 
ATOM   833  C  C5    . DC  B 2 5  ? -2.532  0.434   -2.197  1.00 45.41  ?  5    DC  D C5    1 
ATOM   834  C  C6    . DC  B 2 5  ? -3.772  0.914   -2.036  1.00 46.19  ?  5    DC  D C6    1 
ATOM   835  P  P     . DT  B 2 6  ? -9.204  2.574   0.617   1.00 58.20  ?  6    DT  D P     1 
ATOM   836  O  OP1   . DT  B 2 6  ? -10.643 2.343   0.616   1.00 61.90  ?  6    DT  D OP1   1 
ATOM   837  O  OP2   . DT  B 2 6  ? -8.638  3.955   0.860   1.00 54.00  -1 6    DT  D OP2   1 
ATOM   838  O  "O5'" . DT  B 2 6  ? -8.734  1.485   1.661   1.00 53.17  ?  6    DT  D "O5'" 1 
ATOM   839  C  "C5'" . DT  B 2 6  ? -9.176  0.121   1.486   1.00 55.49  ?  6    DT  D "C5'" 1 
ATOM   840  C  "C4'" . DT  B 2 6  ? -8.432  -0.818  2.410   1.00 54.54  ?  6    DT  D "C4'" 1 
ATOM   841  O  "O4'" . DT  B 2 6  ? -7.099  -1.102  1.906   1.00 51.65  ?  6    DT  D "O4'" 1 
ATOM   842  C  "C3'" . DT  B 2 6  ? -8.223  -0.311  3.840   1.00 53.96  ?  6    DT  D "C3'" 1 
ATOM   843  O  "O3'" . DT  B 2 6  ? -8.440  -1.412  4.717   1.00 63.09  ?  6    DT  D "O3'" 1 
ATOM   844  C  "C2'" . DT  B 2 6  ? -6.735  -0.001  3.902   1.00 55.36  ?  6    DT  D "C2'" 1 
ATOM   845  C  "C1'" . DT  B 2 6  ? -6.218  -1.130  3.015   1.00 55.44  ?  6    DT  D "C1'" 1 
ATOM   846  N  N1    . DT  B 2 6  ? -4.831  -1.056  2.509   1.00 48.62  ?  6    DT  D N1    1 
ATOM   847  C  C2    . DT  B 2 6  ? -4.129  -2.224  2.367   1.00 51.58  ?  6    DT  D C2    1 
ATOM   848  O  O2    . DT  B 2 6  ? -4.589  -3.318  2.672   1.00 53.98  ?  6    DT  D O2    1 
ATOM   849  N  N3    . DT  B 2 6  ? -2.847  -2.065  1.884   1.00 49.16  ?  6    DT  D N3    1 
ATOM   850  C  C4    . DT  B 2 6  ? -2.249  -0.884  1.486   1.00 48.72  ?  6    DT  D C4    1 
ATOM   851  O  O4    . DT  B 2 6  ? -1.098  -0.885  1.068   1.00 50.32  ?  6    DT  D O4    1 
ATOM   852  C  C5    . DT  B 2 6  ? -3.052  0.292   1.644   1.00 47.33  ?  6    DT  D C5    1 
ATOM   853  C  C7    . DT  B 2 6  ? -2.459  1.621   1.297   1.00 50.23  ?  6    DT  D C7    1 
ATOM   854  C  C6    . DT  B 2 6  ? -4.289  0.151   2.128   1.00 50.00  ?  6    DT  D C6    1 
ATOM   855  P  P     . DG  B 2 7  ? -9.754  -1.440  5.631   1.00 60.69  ?  7    DG  D P     1 
ATOM   856  O  OP1   . DG  B 2 7  ? -10.902 -1.656  4.735   1.00 62.36  ?  7    DG  D OP1   1 
ATOM   857  O  OP2   . DG  B 2 7  ? -9.732  -0.189  6.449   1.00 56.73  -1 7    DG  D OP2   1 
ATOM   858  O  "O5'" . DG  B 2 7  ? -9.436  -2.707  6.545   1.00 59.76  ?  7    DG  D "O5'" 1 
ATOM   859  C  "C5'" . DG  B 2 7  ? -9.613  -4.035  6.014   1.00 61.13  ?  7    DG  D "C5'" 1 
ATOM   860  C  "C4'" . DG  B 2 7  ? -8.559  -4.960  6.563   1.00 60.37  ?  7    DG  D "C4'" 1 
ATOM   861  O  "O4'" . DG  B 2 7  ? -7.277  -4.599  6.013   1.00 57.87  ?  7    DG  D "O4'" 1 
ATOM   862  C  "C3'" . DG  B 2 7  ? -8.392  -4.930  8.085   1.00 68.20  ?  7    DG  D "C3'" 1 
ATOM   863  O  "O3'" . DG  B 2 7  ? -8.241  -6.266  8.560   1.00 69.10  ?  7    DG  D "O3'" 1 
ATOM   864  C  "C2'" . DG  B 2 7  ? -7.117  -4.134  8.306   1.00 63.90  ?  7    DG  D "C2'" 1 
ATOM   865  C  "C1'" . DG  B 2 7  ? -6.321  -4.481  7.069   1.00 59.84  ?  7    DG  D "C1'" 1 
ATOM   866  N  N9    . DG  B 2 7  ? -5.371  -3.465  6.655   1.00 57.33  ?  7    DG  D N9    1 
ATOM   867  C  C8    . DG  B 2 7  ? -5.622  -2.128  6.477   1.00 59.54  ?  7    DG  D C8    1 
ATOM   868  N  N7    . DG  B 2 7  ? -4.588  -1.473  6.024   1.00 57.86  ?  7    DG  D N7    1 
ATOM   869  C  C5    . DG  B 2 7  ? -3.625  -2.451  5.822   1.00 49.31  ?  7    DG  D C5    1 
ATOM   870  C  C6    . DG  B 2 7  ? -2.316  -2.360  5.272   1.00 53.35  ?  7    DG  D C6    1 
ATOM   871  O  O6    . DG  B 2 7  ? -1.719  -1.363  4.845   1.00 47.50  ?  7    DG  D O6    1 
ATOM   872  N  N1    . DG  B 2 7  ? -1.708  -3.603  5.199   1.00 55.01  ?  7    DG  D N1    1 
ATOM   873  C  C2    . DG  B 2 7  ? -2.275  -4.782  5.602   1.00 49.64  ?  7    DG  D C2    1 
ATOM   874  N  N2    . DG  B 2 7  ? -1.500  -5.863  5.499   1.00 57.68  ?  7    DG  D N2    1 
ATOM   875  N  N3    . DG  B 2 7  ? -3.492  -4.884  6.107   1.00 55.74  ?  7    DG  D N3    1 
ATOM   876  C  C4    . DG  B 2 7  ? -4.107  -3.689  6.180   1.00 49.67  ?  7    DG  D C4    1 
ATOM   877  P  P     . DT  B 2 8  ? -7.963  -6.537  10.126  1.00 75.22  ?  8    DT  D P     1 
ATOM   878  O  OP1   . DT  B 2 8  ? -8.610  -7.807  10.483  1.00 73.75  ?  8    DT  D OP1   1 
ATOM   879  O  OP2   . DT  B 2 8  ? -8.218  -5.293  10.916  1.00 79.23  -1 8    DT  D OP2   1 
ATOM   880  O  "O5'" . DT  B 2 8  ? -6.436  -6.947  10.159  1.00 72.26  ?  8    DT  D "O5'" 1 
ATOM   881  C  "C5'" . DT  B 2 8  ? -6.028  -8.020  9.307   1.00 72.06  ?  8    DT  D "C5'" 1 
ATOM   882  C  "C4'" . DT  B 2 8  ? -4.536  -8.178  9.412   1.00 75.37  ?  8    DT  D "C4'" 1 
ATOM   883  O  "O4'" . DT  B 2 8  ? -3.883  -7.031  8.820   1.00 71.47  ?  8    DT  D "O4'" 1 
ATOM   884  C  "C3'" . DT  B 2 8  ? -4.009  -8.280  10.844  1.00 69.94  ?  8    DT  D "C3'" 1 
ATOM   885  O  "O3'" . DT  B 2 8  ? -3.122  -9.381  10.777  1.00 79.46  ?  8    DT  D "O3'" 1 
ATOM   886  C  "C2'" . DT  B 2 8  ? -3.244  -6.986  11.039  1.00 76.87  ?  8    DT  D "C2'" 1 
ATOM   887  C  "C1'" . DT  B 2 8  ? -2.777  -6.694  9.626   1.00 68.97  ?  8    DT  D "C1'" 1 
ATOM   888  N  N1    . DT  B 2 8  ? -2.454  -5.284  9.373   1.00 64.28  ?  8    DT  D N1    1 
ATOM   889  C  C2    . DT  B 2 8  ? -1.226  -4.909  8.860   1.00 55.69  ?  8    DT  D C2    1 
ATOM   890  O  O2    . DT  B 2 8  ? -0.344  -5.699  8.577   1.00 56.91  ?  8    DT  D O2    1 
ATOM   891  N  N3    . DT  B 2 8  ? -1.059  -3.556  8.719   1.00 54.74  ?  8    DT  D N3    1 
ATOM   892  C  C4    . DT  B 2 8  ? -1.997  -2.574  8.967   1.00 57.76  ?  8    DT  D C4    1 
ATOM   893  O  O4    . DT  B 2 8  ? -1.715  -1.410  8.778   1.00 49.37  ?  8    DT  D O4    1 
ATOM   894  C  C5    . DT  B 2 8  ? -3.251  -3.036  9.515   1.00 56.89  ?  8    DT  D C5    1 
ATOM   895  C  C7    . DT  B 2 8  ? -4.309  -2.033  9.847   1.00 68.19  ?  8    DT  D C7    1 
ATOM   896  C  C6    . DT  B 2 8  ? -3.414  -4.347  9.689   1.00 60.88  ?  8    DT  D C6    1 
ATOM   897  P  P     . DT  B 2 9  ? -2.198  -9.798  12.002  1.00 86.57  ?  9    DT  D P     1 
ATOM   898  O  OP1   . DT  B 2 9  ? -2.177  -11.251 11.973  1.00 73.12  ?  9    DT  D OP1   1 
ATOM   899  O  OP2   . DT  B 2 9  ? -2.526  -8.977  13.228  1.00 70.89  -1 9    DT  D OP2   1 
ATOM   900  O  "O5'" . DT  B 2 9  ? -0.741  -9.438  11.498  1.00 79.67  ?  9    DT  D "O5'" 1 
ATOM   901  C  "C5'" . DT  B 2 9  ? -0.291  -9.976  10.243  1.00 72.54  ?  9    DT  D "C5'" 1 
ATOM   902  C  "C4'" . DT  B 2 9  ? 1.132   -9.535  10.029  1.00 67.96  ?  9    DT  D "C4'" 1 
ATOM   903  O  "O4'" . DT  B 2 9  ? 1.153   -8.097  9.876   1.00 62.42  ?  9    DT  D "O4'" 1 
ATOM   904  C  "C3'" . DT  B 2 9  ? 2.034   -9.844  11.227  1.00 66.28  ?  9    DT  D "C3'" 1 
ATOM   905  O  "O3'" . DT  B 2 9  ? 3.269   -10.316 10.726  1.00 65.52  ?  9    DT  D "O3'" 1 
ATOM   906  C  "C2'" . DT  B 2 9  ? 2.195   -8.504  11.928  1.00 66.43  ?  9    DT  D "C2'" 1 
ATOM   907  C  "C1'" . DT  B 2 9  ? 2.115   -7.537  10.764  1.00 64.59  ?  9    DT  D "C1'" 1 
ATOM   908  N  N1    . DT  B 2 9  ? 1.662   -6.186  11.094  1.00 63.05  ?  9    DT  D N1    1 
ATOM   909  C  C2    . DT  B 2 9  ? 2.374   -5.090  10.648  1.00 58.40  ?  9    DT  D C2    1 
ATOM   910  O  O2    . DT  B 2 9  ? 3.465   -5.173  10.110  1.00 62.17  ?  9    DT  D O2    1 
ATOM   911  N  N3    . DT  B 2 9  ? 1.802   -3.885  10.950  1.00 57.25  ?  9    DT  D N3    1 
ATOM   912  C  C4    . DT  B 2 9  ? 0.602   -3.672  11.602  1.00 58.01  ?  9    DT  D C4    1 
ATOM   913  O  O4    . DT  B 2 9  ? 0.215   -2.531  11.802  1.00 61.01  ?  9    DT  D O4    1 
ATOM   914  C  C5    . DT  B 2 9  ? -0.107  -4.862  12.000  1.00 60.88  ?  9    DT  D C5    1 
ATOM   915  C  C7    . DT  B 2 9  ? -1.403  -4.725  12.736  1.00 67.20  ?  9    DT  D C7    1 
ATOM   916  C  C6    . DT  B 2 9  ? 0.444   -6.044  11.721  1.00 63.55  ?  9    DT  D C6    1 
ATOM   917  P  P     . DT  B 2 10 ? 4.464   -10.615 11.714  1.00 72.23  ?  10   DT  D P     1 
ATOM   918  O  OP1   . DT  B 2 10 ? 5.185   -11.765 11.153  1.00 73.08  ?  10   DT  D OP1   1 
ATOM   919  O  OP2   . DT  B 2 10 ? 3.928   -10.622 13.094  1.00 81.73  ?  10   DT  D OP2   1 
ATOM   920  O  "O5'" . DT  B 2 10 ? 5.436   -9.366  11.534  1.00 68.71  ?  10   DT  D "O5'" 1 
ATOM   921  C  "C5'" . DT  B 2 10 ? 5.881   -9.068  10.214  1.00 66.49  ?  10   DT  D "C5'" 1 
ATOM   922  C  "C4'" . DT  B 2 10 ? 6.799   -7.875  10.243  1.00 68.66  ?  10   DT  D "C4'" 1 
ATOM   923  O  "O4'" . DT  B 2 10 ? 6.069   -6.686  10.628  1.00 66.78  ?  10   DT  D "O4'" 1 
ATOM   924  C  "C3'" . DT  B 2 10 ? 7.955   -8.007  11.229  1.00 65.37  ?  10   DT  D "C3'" 1 
ATOM   925  O  "O3'" . DT  B 2 10 ? 9.069   -7.639  10.421  1.00 62.41  ?  10   DT  D "O3'" 1 
ATOM   926  C  "C2'" . DT  B 2 10 ? 7.562   -7.079  12.376  1.00 60.61  ?  10   DT  D "C2'" 1 
ATOM   927  C  "C1'" . DT  B 2 10 ? 6.753   -6.000  11.668  1.00 64.85  ?  10   DT  D "C1'" 1 
ATOM   928  N  N1    . DT  B 2 10 ? 5.722   -5.282  12.446  1.00 64.30  ?  10   DT  D N1    1 
ATOM   929  C  C2    . DT  B 2 10 ? 5.618   -3.906  12.361  1.00 61.09  ?  10   DT  D C2    1 
ATOM   930  O  O2    . DT  B 2 10 ? 6.447   -3.203  11.808  1.00 58.68  ?  10   DT  D O2    1 
ATOM   931  N  N3    . DT  B 2 10 ? 4.542   -3.374  13.031  1.00 57.98  ?  10   DT  D N3    1 
ATOM   932  C  C4    . DT  B 2 10 ? 3.560   -4.068  13.710  1.00 56.68  ?  10   DT  D C4    1 
ATOM   933  O  O4    . DT  B 2 10 ? 2.652   -3.460  14.250  1.00 62.91  ?  10   DT  D O4    1 
ATOM   934  C  C5    . DT  B 2 10 ? 3.701   -5.503  13.709  1.00 57.44  ?  10   DT  D C5    1 
ATOM   935  C  C7    . DT  B 2 10 ? 2.712   -6.332  14.467  1.00 59.17  ?  10   DT  D C7    1 
ATOM   936  C  C6    . DT  B 2 10 ? 4.742   -6.033  13.057  1.00 56.19  ?  10   DT  D C6    1 
ATOM   937  P  P     . DT  B 2 11 ? 10.540  -7.555  11.025  1.00 72.73  ?  11   DT  D P     1 
ATOM   938  O  OP1   . DT  B 2 11 ? 11.483  -7.744  9.918   1.00 86.72  ?  11   DT  D OP1   1 
ATOM   939  O  OP2   . DT  B 2 11 ? 10.572  -8.430  12.219  1.00 80.78  ?  11   DT  D OP2   1 
ATOM   940  O  "O5'" . DT  B 2 11 ? 10.726  -6.020  11.404  1.00 64.31  ?  11   DT  D "O5'" 1 
ATOM   941  C  "C5'" . DT  B 2 11 ? 10.478  -5.025  10.422  1.00 62.63  ?  11   DT  D "C5'" 1 
ATOM   942  C  "C4'" . DT  B 2 11 ? 10.670  -3.648  11.009  1.00 71.79  ?  11   DT  D "C4'" 1 
ATOM   943  O  "O4'" . DT  B 2 11 ? 9.549   -3.292  11.848  1.00 63.24  ?  11   DT  D "O4'" 1 
ATOM   944  C  "C3'" . DT  B 2 11 ? 11.916  -3.464  11.877  1.00 71.64  ?  11   DT  D "C3'" 1 
ATOM   945  O  "O3'" . DT  B 2 11 ? 12.442  -2.191  11.513  1.00 82.32  ?  11   DT  D "O3'" 1 
ATOM   946  C  "C2'" . DT  B 2 11 ? 11.365  -3.392  13.290  1.00 69.67  ?  11   DT  D "C2'" 1 
ATOM   947  C  "C1'" . DT  B 2 11 ? 10.038  -2.698  13.044  1.00 68.61  ?  11   DT  D "C1'" 1 
ATOM   948  N  N1    . DT  B 2 11 ? 8.970   -2.853  14.040  1.00 68.10  ?  11   DT  D N1    1 
ATOM   949  C  C2    . DT  B 2 11 ? 8.196   -1.757  14.329  1.00 61.26  ?  11   DT  D C2    1 
ATOM   950  O  O2    . DT  B 2 11 ? 8.472   -0.622  13.959  1.00 63.58  ?  11   DT  D O2    1 
ATOM   951  N  N3    . DT  B 2 11 ? 7.119   -2.024  15.132  1.00 61.01  ?  11   DT  D N3    1 
ATOM   952  C  C4    . DT  B 2 11 ? 6.733   -3.250  15.633  1.00 54.70  ?  11   DT  D C4    1 
ATOM   953  O  O4    . DT  B 2 11 ? 5.723   -3.335  16.306  1.00 65.72  ?  11   DT  D O4    1 
ATOM   954  C  C5    . DT  B 2 11 ? 7.554   -4.364  15.240  1.00 61.42  ?  11   DT  D C5    1 
ATOM   955  C  C7    . DT  B 2 11 ? 7.207   -5.733  15.735  1.00 58.11  ?  11   DT  D C7    1 
ATOM   956  C  C6    . DT  B 2 11 ? 8.608   -4.118  14.456  1.00 63.85  ?  11   DT  D C6    1 
ATOM   957  P  P     . DG  B 2 12 ? 13.877  -1.753  11.992  1.00 77.90  ?  12   DG  D P     1 
ATOM   958  O  OP1   . DG  B 2 12 ? 14.573  -1.177  10.824  1.00 94.59  ?  12   DG  D OP1   1 
ATOM   959  O  OP2   . DG  B 2 12 ? 14.472  -2.861  12.754  1.00 74.29  ?  12   DG  D OP2   1 
ATOM   960  O  "O5'" . DG  B 2 12 ? 13.561  -0.552  12.976  1.00 80.31  ?  12   DG  D "O5'" 1 
ATOM   961  C  "C5'" . DG  B 2 12 ? 12.700  0.522   12.574  1.00 78.37  ?  12   DG  D "C5'" 1 
ATOM   962  C  "C4'" . DG  B 2 12 ? 12.643  1.512   13.708  1.00 76.99  ?  12   DG  D "C4'" 1 
ATOM   963  O  "O4'" . DG  B 2 12 ? 11.578  1.145   14.623  1.00 75.51  ?  12   DG  D "O4'" 1 
ATOM   964  C  "C3'" . DG  B 2 12 ? 13.911  1.522   14.554  1.00 73.76  ?  12   DG  D "C3'" 1 
ATOM   965  O  "O3'" . DG  B 2 12 ? 13.935  2.812   15.135  1.00 76.46  ?  12   DG  D "O3'" 1 
ATOM   966  C  "C2'" . DG  B 2 12 ? 13.617  0.477   15.616  1.00 71.46  ?  12   DG  D "C2'" 1 
ATOM   967  C  "C1'" . DG  B 2 12 ? 12.152  0.802   15.889  1.00 75.46  ?  12   DG  D "C1'" 1 
ATOM   968  N  N9    . DG  B 2 12 ? 11.327  -0.249  16.475  1.00 68.41  ?  12   DG  D N9    1 
ATOM   969  C  C8    . DG  B 2 12 ? 11.537  -1.606  16.480  1.00 66.51  ?  12   DG  D C8    1 
ATOM   970  N  N7    . DG  B 2 12 ? 10.578  -2.268  17.069  1.00 70.59  ?  12   DG  D N7    1 
ATOM   971  C  C5    . DG  B 2 12 ? 9.669   -1.290  17.450  1.00 59.12  ?  12   DG  D C5    1 
ATOM   972  C  C6    . DG  B 2 12 ? 8.436   -1.392  18.166  1.00 54.15  ?  12   DG  D C6    1 
ATOM   973  O  O6    . DG  B 2 12 ? 7.857   -2.405  18.569  1.00 66.50  ?  12   DG  D O6    1 
ATOM   974  N  N1    . DG  B 2 12 ? 7.852   -0.147  18.361  1.00 55.18  ?  12   DG  D N1    1 
ATOM   975  C  C2    . DG  B 2 12 ? 8.406   1.050   17.984  1.00 53.14  ?  12   DG  D C2    1 
ATOM   976  N  N2    . DG  B 2 12 ? 7.700   2.143   18.287  1.00 57.77  ?  12   DG  D N2    1 
ATOM   977  N  N3    . DG  B 2 12 ? 9.563   1.165   17.354  1.00 56.41  ?  12   DG  D N3    1 
ATOM   978  C  C4    . DG  B 2 12 ? 10.130  -0.038  17.111  1.00 57.63  ?  12   DG  D C4    1 
ATOM   979  O  "O5'" . DC  C 3 1  ? -0.291  1.252   22.663  1.00 81.26  ?  1    DC  C "O5'" 1 
ATOM   980  C  "C5'" . DC  C 3 1  ? -0.283  2.676   22.591  1.00 76.16  ?  1    DC  C "C5'" 1 
ATOM   981  C  "C4'" . DC  C 3 1  ? 1.114   3.180   22.336  1.00 74.89  ?  1    DC  C "C4'" 1 
ATOM   982  O  "O4'" . DC  C 3 1  ? 2.077   2.131   22.493  1.00 78.20  ?  1    DC  C "O4'" 1 
ATOM   983  C  "C3'" . DC  C 3 1  ? 1.330   3.640   20.911  1.00 82.55  ?  1    DC  C "C3'" 1 
ATOM   984  O  "O3'" . DC  C 3 1  ? 0.801   4.941   20.823  1.00 79.05  ?  1    DC  C "O3'" 1 
ATOM   985  C  "C2'" . DC  C 3 1  ? 2.834   3.579   20.750  1.00 77.94  ?  1    DC  C "C2'" 1 
ATOM   986  C  "C1'" . DC  C 3 1  ? 3.205   2.413   21.654  1.00 72.26  ?  1    DC  C "C1'" 1 
ATOM   987  N  N1    . DC  C 3 1  ? 3.631   1.152   21.027  1.00 59.19  ?  1    DC  C N1    1 
ATOM   988  C  C2    . DC  C 3 1  ? 4.841   1.127   20.319  1.00 64.43  ?  1    DC  C C2    1 
ATOM   989  O  O2    . DC  C 3 1  ? 5.451   2.189   20.124  1.00 65.58  ?  1    DC  C O2    1 
ATOM   990  N  N3    . DC  C 3 1  ? 5.306   -0.051  19.849  1.00 62.56  ?  1    DC  C N3    1 
ATOM   991  C  C4    . DC  C 3 1  ? 4.612   -1.174  20.060  1.00 63.12  ?  1    DC  C C4    1 
ATOM   992  N  N4    . DC  C 3 1  ? 5.112   -2.309  19.583  1.00 67.50  ?  1    DC  C N4    1 
ATOM   993  C  C5    . DC  C 3 1  ? 3.399   -1.185  20.809  1.00 64.17  ?  1    DC  C C5    1 
ATOM   994  C  C6    . DC  C 3 1  ? 2.946   -0.009  21.265  1.00 66.31  ?  1    DC  C C6    1 
ATOM   995  P  P     . DA  C 3 2  ? -0.084  5.289   19.576  1.00 84.07  ?  2    DA  C P     1 
ATOM   996  O  OP1   . DA  C 3 2  ? -1.013  6.361   19.969  1.00 83.97  ?  2    DA  C OP1   1 
ATOM   997  O  OP2   . DA  C 3 2  ? -0.648  4.017   19.034  1.00 70.59  ?  2    DA  C OP2   1 
ATOM   998  O  "O5'" . DA  C 3 2  ? 0.991   5.881   18.548  1.00 68.33  ?  2    DA  C "O5'" 1 
ATOM   999  C  "C5'" . DA  C 3 2  ? 2.142   6.619   18.955  1.00 62.21  ?  2    DA  C "C5'" 1 
ATOM   1000 C  "C4'" . DA  C 3 2  ? 3.085   6.722   17.783  1.00 69.21  ?  2    DA  C "C4'" 1 
ATOM   1001 O  "O4'" . DA  C 3 2  ? 3.759   5.454   17.592  1.00 78.23  ?  2    DA  C "O4'" 1 
ATOM   1002 C  "C3'" . DA  C 3 2  ? 2.365   7.010   16.467  1.00 70.96  ?  2    DA  C "C3'" 1 
ATOM   1003 O  "O3'" . DA  C 3 2  ? 3.165   7.941   15.726  1.00 84.34  ?  2    DA  C "O3'" 1 
ATOM   1004 C  "C2'" . DA  C 3 2  ? 2.159   5.622   15.863  1.00 65.38  ?  2    DA  C "C2'" 1 
ATOM   1005 C  "C1'" . DA  C 3 2  ? 3.375   4.859   16.354  1.00 62.33  ?  2    DA  C "C1'" 1 
ATOM   1006 N  N9    . DA  C 3 2  ? 3.168   3.430   16.584  1.00 61.49  ?  2    DA  C N9    1 
ATOM   1007 C  C8    . DA  C 3 2  ? 2.081   2.766   17.098  1.00 59.90  ?  2    DA  C C8    1 
ATOM   1008 N  N7    . DA  C 3 2  ? 2.249   1.465   17.189  1.00 55.48  ?  2    DA  C N7    1 
ATOM   1009 C  C5    . DA  C 3 2  ? 3.534   1.260   16.702  1.00 54.70  ?  2    DA  C C5    1 
ATOM   1010 C  C6    . DA  C 3 2  ? 4.306   0.100   16.518  1.00 47.82  ?  2    DA  C C6    1 
ATOM   1011 N  N6    . DA  C 3 2  ? 3.880   -1.128  16.808  1.00 51.60  ?  2    DA  C N6    1 
ATOM   1012 N  N1    . DA  C 3 2  ? 5.543   0.243   15.999  1.00 48.21  ?  2    DA  C N1    1 
ATOM   1013 C  C2    . DA  C 3 2  ? 5.964   1.468   15.678  1.00 53.68  ?  2    DA  C C2    1 
ATOM   1014 N  N3    . DA  C 3 2  ? 5.344   2.637   15.828  1.00 52.97  ?  2    DA  C N3    1 
ATOM   1015 C  C4    . DA  C 3 2  ? 4.108   2.460   16.321  1.00 53.14  ?  2    DA  C C4    1 
ATOM   1016 P  P     . DA  C 3 3  ? 2.788   8.270   14.220  1.00 88.13  ?  3    DA  C P     1 
ATOM   1017 O  OP1   . DA  C 3 3  ? 3.146   9.689   13.940  1.00 91.46  ?  3    DA  C OP1   1 
ATOM   1018 O  OP2   . DA  C 3 3  ? 1.435   7.760   13.976  1.00 72.04  ?  3    DA  C OP2   1 
ATOM   1019 O  "O5'" . DA  C 3 3  ? 3.797   7.349   13.408  1.00 74.03  ?  3    DA  C "O5'" 1 
ATOM   1020 C  "C5'" . DA  C 3 3  ? 5.200   7.426   13.706  1.00 70.30  ?  3    DA  C "C5'" 1 
ATOM   1021 C  "C4'" . DA  C 3 3  ? 5.974   6.571   12.733  1.00 77.09  ?  3    DA  C "C4'" 1 
ATOM   1022 O  "O4'" . DA  C 3 3  ? 5.779   5.161   13.002  1.00 82.41  ?  3    DA  C "O4'" 1 
ATOM   1023 C  "C3'" . DA  C 3 3  ? 5.581   6.769   11.271  1.00 80.14  ?  3    DA  C "C3'" 1 
ATOM   1024 O  "O3'" . DA  C 3 3  ? 6.805   6.706   10.545  1.00 80.58  ?  3    DA  C "O3'" 1 
ATOM   1025 C  "C2'" . DA  C 3 3  ? 4.601   5.639   11.014  1.00 70.53  ?  3    DA  C "C2'" 1 
ATOM   1026 C  "C1'" . DA  C 3 3  ? 5.187   4.537   11.877  1.00 74.70  ?  3    DA  C "C1'" 1 
ATOM   1027 N  N9    . DA  C 3 3  ? 4.226   3.554   12.363  1.00 64.07  ?  3    DA  C N9    1 
ATOM   1028 C  C8    . DA  C 3 3  ? 2.903   3.675   12.719  1.00 54.24  ?  3    DA  C C8    1 
ATOM   1029 N  N7    . DA  C 3 3  ? 2.352   2.542   13.092  1.00 59.68  ?  3    DA  C N7    1 
ATOM   1030 C  C5    . DA  C 3 3  ? 3.372   1.610   12.937  1.00 56.21  ?  3    DA  C C5    1 
ATOM   1031 C  C6    . DA  C 3 3  ? 3.427   0.223   13.150  1.00 54.94  ?  3    DA  C C6    1 
ATOM   1032 N  N6    . DA  C 3 3  ? 2.389   -0.501  13.575  1.00 52.40  ?  3    DA  C N6    1 
ATOM   1033 N  N1    . DA  C 3 3  ? 4.597   -0.407  12.902  1.00 51.63  ?  3    DA  C N1    1 
ATOM   1034 C  C2    . DA  C 3 3  ? 5.640   0.320   12.470  1.00 62.24  ?  3    DA  C C2    1 
ATOM   1035 N  N3    . DA  C 3 3  ? 5.710   1.628   12.224  1.00 59.68  ?  3    DA  C N3    1 
ATOM   1036 C  C4    . DA  C 3 3  ? 4.526   2.219   12.476  1.00 63.00  ?  3    DA  C C4    1 
ATOM   1037 P  P     . DA  C 3 4  ? 6.793   6.732   8.974   1.00 86.93  ?  4    DA  C P     1 
ATOM   1038 O  OP1   . DA  C 3 4  ? 7.811   7.723   8.527   1.00 87.69  ?  4    DA  C OP1   1 
ATOM   1039 O  OP2   . DA  C 3 4  ? 5.366   6.744   8.492   1.00 67.87  ?  4    DA  C OP2   1 
ATOM   1040 O  "O5'" . DA  C 3 4  ? 7.223   5.245   8.604   1.00 65.26  ?  4    DA  C "O5'" 1 
ATOM   1041 C  "C5'" . DA  C 3 4  ? 8.452   4.666   9.044   1.00 54.98  ?  4    DA  C "C5'" 1 
ATOM   1042 C  "C4'" . DA  C 3 4  ? 8.410   3.219   8.620   1.00 63.23  ?  4    DA  C "C4'" 1 
ATOM   1043 O  "O4'" . DA  C 3 4  ? 7.254   2.587   9.224   1.00 54.13  ?  4    DA  C "O4'" 1 
ATOM   1044 C  "C3'" . DA  C 3 4  ? 8.248   3.053   7.099   1.00 57.02  ?  4    DA  C "C3'" 1 
ATOM   1045 O  "O3'" . DA  C 3 4  ? 9.383   2.321   6.632   1.00 66.61  ?  4    DA  C "O3'" 1 
ATOM   1046 C  "C2'" . DA  C 3 4  ? 6.875   2.416   6.937   1.00 57.70  ?  4    DA  C "C2'" 1 
ATOM   1047 C  "C1'" . DA  C 3 4  ? 6.667   1.728   8.275   1.00 56.29  ?  4    DA  C "C1'" 1 
ATOM   1048 N  N9    . DA  C 3 4  ? 5.283   1.525   8.676   1.00 54.90  ?  4    DA  C N9    1 
ATOM   1049 C  C8    . DA  C 3 4  ? 4.295   2.466   8.806   1.00 46.06  ?  4    DA  C C8    1 
ATOM   1050 N  N7    . DA  C 3 4  ? 3.155   1.974   9.223   1.00 52.86  ?  4    DA  C N7    1 
ATOM   1051 C  C5    . DA  C 3 4  ? 3.437   0.635   9.464   1.00 44.84  ?  4    DA  C C5    1 
ATOM   1052 C  C6    . DA  C 3 4  ? 2.658   -0.427  9.982   1.00 52.75  ?  4    DA  C C6    1 
ATOM   1053 N  N6    . DA  C 3 4  ? 1.380   -0.303  10.341  1.00 52.78  ?  4    DA  C N6    1 
ATOM   1054 N  N1    . DA  C 3 4  ? 3.235   -1.648  10.068  1.00 51.84  ?  4    DA  C N1    1 
ATOM   1055 C  C2    . DA  C 3 4  ? 4.518   -1.771  9.703   1.00 57.76  ?  4    DA  C C2    1 
ATOM   1056 N  N3    . DA  C 3 4  ? 5.363   -0.838  9.257   1.00 51.59  ?  4    DA  C N3    1 
ATOM   1057 C  C4    . DA  C 3 4  ? 4.743   0.346   9.129   1.00 49.70  ?  4    DA  C C4    1 
ATOM   1058 P  P     . DA  C 3 5  ? 9.545   1.986   5.079   1.00 58.29  ?  5    DA  C P     1 
ATOM   1059 O  OP1   . DA  C 3 5  ? 10.994  1.887   4.776   1.00 67.61  -1 5    DA  C OP1   1 
ATOM   1060 O  OP2   . DA  C 3 5  ? 8.657   2.870   4.356   1.00 57.32  ?  5    DA  C OP2   1 
ATOM   1061 O  "O5'" . DA  C 3 5  ? 8.891   0.546   4.984   1.00 54.12  ?  5    DA  C "O5'" 1 
ATOM   1062 C  "C5'" . DA  C 3 5  ? 9.385   -0.483  5.829   1.00 52.99  ?  5    DA  C "C5'" 1 
ATOM   1063 C  "C4'" . DA  C 3 5  ? 8.394   -1.618  5.803   1.00 58.74  ?  5    DA  C "C4'" 1 
ATOM   1064 O  "O4'" . DA  C 3 5  ? 7.135   -1.262  6.433   1.00 50.81  ?  5    DA  C "O4'" 1 
ATOM   1065 C  "C3'" . DA  C 3 5  ? 8.055   -2.084  4.372   1.00 56.56  ?  5    DA  C "C3'" 1 
ATOM   1066 O  "O3'" . DA  C 3 5  ? 8.652   -3.361  4.173   1.00 52.67  ?  5    DA  C "O3'" 1 
ATOM   1067 C  "C2'" . DA  C 3 5  ? 6.544   -2.247  4.360   1.00 53.15  ?  5    DA  C "C2'" 1 
ATOM   1068 C  "C1'" . DA  C 3 5  ? 6.144   -2.091  5.826   1.00 52.08  ?  5    DA  C "C1'" 1 
ATOM   1069 N  N9    . DA  C 3 5  ? 4.845   -1.466  6.011   1.00 51.26  ?  5    DA  C N9    1 
ATOM   1070 C  C8    . DA  C 3 5  ? 4.466   -0.185  5.694   1.00 44.94  ?  5    DA  C C8    1 
ATOM   1071 N  N7    . DA  C 3 5  ? 3.205   0.071   5.962   1.00 46.52  ?  5    DA  C N7    1 
ATOM   1072 C  C5    . DA  C 3 5  ? 2.715   -1.129  6.461   1.00 43.11  ?  5    DA  C C5    1 
ATOM   1073 C  C6    . DA  C 3 5  ? 1.463   -1.494  6.995   1.00 48.45  ?  5    DA  C C6    1 
ATOM   1074 N  N6    . DA  C 3 5  ? 0.417   -0.673  7.024   1.00 50.43  ?  5    DA  C N6    1 
ATOM   1075 N  N1    . DA  C 3 5  ? 1.298   -2.769  7.423   1.00 44.25  ?  5    DA  C N1    1 
ATOM   1076 C  C2    . DA  C 3 5  ? 2.353   -3.595  7.380   1.00 51.70  ?  5    DA  C C2    1 
ATOM   1077 N  N3    . DA  C 3 5  ? 3.598   -3.353  6.943   1.00 53.29  ?  5    DA  C N3    1 
ATOM   1078 C  C4    . DA  C 3 5  ? 3.709   -2.091  6.482   1.00 51.33  ?  5    DA  C C4    1 
ATOM   1079 P  P     . DC  C 3 6  ? 8.510   -4.164  2.762   1.00 57.12  ?  6    DC  C P     1 
ATOM   1080 O  OP1   . DC  C 3 6  ? 9.728   -4.975  2.640   1.00 59.56  ?  6    DC  C OP1   1 
ATOM   1081 O  OP2   . DC  C 3 6  ? 8.151   -3.224  1.665   1.00 54.20  -1 6    DC  C OP2   1 
ATOM   1082 O  "O5'" . DC  C 3 6  ? 7.279   -5.130  3.070   1.00 52.76  ?  6    DC  C "O5'" 1 
ATOM   1083 C  "C5'" . DC  C 3 6  ? 7.404   -5.941  4.235   1.00 49.93  ?  6    DC  C "C5'" 1 
ATOM   1084 C  "C4'" . DC  C 3 6  ? 6.125   -6.685  4.497   1.00 57.23  ?  6    DC  C "C4'" 1 
ATOM   1085 O  "O4'" . DC  C 3 6  ? 5.086   -5.716  4.757   1.00 48.13  ?  6    DC  C "O4'" 1 
ATOM   1086 C  "C3'" . DC  C 3 6  ? 5.644   -7.580  3.334   1.00 56.02  ?  6    DC  C "C3'" 1 
ATOM   1087 O  "O3'" . DC  C 3 6  ? 5.502   -8.876  3.890   1.00 61.92  ?  6    DC  C "O3'" 1 
ATOM   1088 C  "C2'" . DC  C 3 6  ? 4.285   -7.019  2.947   1.00 50.74  ?  6    DC  C "C2'" 1 
ATOM   1089 C  "C1'" . DC  C 3 6  ? 3.886   -6.197  4.183   1.00 52.08  ?  6    DC  C "C1'" 1 
ATOM   1090 N  N1    . DC  C 3 6  ? 3.058   -5.031  3.903   1.00 50.59  ?  6    DC  C N1    1 
ATOM   1091 C  C2    . DC  C 3 6  ? 1.773   -4.965  4.445   1.00 51.88  ?  6    DC  C C2    1 
ATOM   1092 O  O2    . DC  C 3 6  ? 1.339   -5.933  5.092   1.00 57.21  ?  6    DC  C O2    1 
ATOM   1093 N  N3    . DC  C 3 6  ? 1.023   -3.869  4.220   1.00 48.59  ?  6    DC  C N3    1 
ATOM   1094 C  C4    . DC  C 3 6  ? 1.541   -2.827  3.573   1.00 44.77  ?  6    DC  C C4    1 
ATOM   1095 N  N4    . DC  C 3 6  ? 0.759   -1.769  3.381   1.00 44.33  ?  6    DC  C N4    1 
ATOM   1096 C  C5    . DC  C 3 6  ? 2.863   -2.852  3.040   1.00 45.93  ?  6    DC  C C5    1 
ATOM   1097 C  C6    . DC  C 3 6  ? 3.576   -3.968  3.218   1.00 46.83  ?  6    DC  C C6    1 
ATOM   1098 P  P     . DA  C 3 7  ? 5.324   -10.200 2.991   1.00 58.89  ?  7    DA  C P     1 
ATOM   1099 O  OP1   . DA  C 3 7  ? 5.730   -11.312 3.879   1.00 70.07  ?  7    DA  C OP1   1 
ATOM   1100 O  OP2   . DA  C 3 7  ? 5.922   -9.989  1.670   1.00 55.16  -1 7    DA  C OP2   1 
ATOM   1101 O  "O5'" . DA  C 3 7  ? 3.769   -10.302 2.773   1.00 57.85  ?  7    DA  C "O5'" 1 
ATOM   1102 C  "C5'" . DA  C 3 7  ? 2.894   -10.639 3.844   1.00 51.57  ?  7    DA  C "C5'" 1 
ATOM   1103 C  "C4'" . DA  C 3 7  ? 1.502   -10.634 3.265   1.00 56.05  ?  7    DA  C "C4'" 1 
ATOM   1104 O  "O4'" . DA  C 3 7  ? 1.148   -9.275  2.948   1.00 59.41  ?  7    DA  C "O4'" 1 
ATOM   1105 C  "C3'" . DA  C 3 7  ? 1.368   -11.410 1.955   1.00 58.51  ?  7    DA  C "C3'" 1 
ATOM   1106 O  "O3'" . DA  C 3 7  ? 0.316   -12.311 2.243   1.00 69.95  ?  7    DA  C "O3'" 1 
ATOM   1107 C  "C2'" . DA  C 3 7  ? 0.975   -10.365 0.917   1.00 59.72  ?  7    DA  C "C2'" 1 
ATOM   1108 C  "C1'" . DA  C 3 7  ? 0.424   -9.214  1.737   1.00 59.68  ?  7    DA  C "C1'" 1 
ATOM   1109 N  N9    . DA  C 3 7  ? 0.618   -7.861  1.202   1.00 55.02  ?  7    DA  C N9    1 
ATOM   1110 C  C8    . DA  C 3 7  ? 1.734   -7.379  0.567   1.00 48.74  ?  7    DA  C C8    1 
ATOM   1111 N  N7    . DA  C 3 7  ? 1.674   -6.099  0.298   1.00 53.70  ?  7    DA  C N7    1 
ATOM   1112 C  C5    . DA  C 3 7  ? 0.461   -5.698  0.839   1.00 55.32  ?  7    DA  C C5    1 
ATOM   1113 C  C6    . DA  C 3 7  ? -0.188  -4.447  0.895   1.00 58.21  ?  7    DA  C C6    1 
ATOM   1114 N  N6    . DA  C 3 7  ? 0.318   -3.325  0.387   1.00 56.20  ?  7    DA  C N6    1 
ATOM   1115 N  N1    . DA  C 3 7  ? -1.409  -4.398  1.469   1.00 52.78  ?  7    DA  C N1    1 
ATOM   1116 C  C2    . DA  C 3 7  ? -1.908  -5.522  2.004   1.00 57.07  ?  7    DA  C C2    1 
ATOM   1117 N  N3    . DA  C 3 7  ? -1.380  -6.745  2.040   1.00 60.25  ?  7    DA  C N3    1 
ATOM   1118 C  C4    . DA  C 3 7  ? -0.187  -6.769  1.422   1.00 51.79  ?  7    DA  C C4    1 
ATOM   1119 P  P     . DG  C 3 8  ? -0.063  -13.473 1.246   1.00 63.12  ?  8    DG  C P     1 
ATOM   1120 O  OP1   . DG  C 3 8  ? -0.568  -14.586 2.059   1.00 78.98  ?  8    DG  C OP1   1 
ATOM   1121 O  OP2   . DG  C 3 8  ? 1.088   -13.699 0.281   1.00 68.81  -1 8    DG  C OP2   1 
ATOM   1122 O  "O5'" . DG  C 3 8  ? -1.395  -12.886 0.602   1.00 62.44  ?  8    DG  C "O5'" 1 
ATOM   1123 C  "C5'" . DG  C 3 8  ? -2.529  -12.558 1.439   1.00 67.01  ?  8    DG  C "C5'" 1 
ATOM   1124 C  "C4'" . DG  C 3 8  ? -3.416  -11.523 0.777   1.00 67.72  ?  8    DG  C "C4'" 1 
ATOM   1125 O  "O4'" . DG  C 3 8  ? -2.722  -10.274 0.597   1.00 54.37  ?  8    DG  C "O4'" 1 
ATOM   1126 C  "C3'" . DG  C 3 8  ? -3.952  -11.871 -0.610  1.00 62.58  ?  8    DG  C "C3'" 1 
ATOM   1127 O  "O3'" . DG  C 3 8  ? -5.259  -12.408 -0.506  1.00 74.32  ?  8    DG  C "O3'" 1 
ATOM   1128 C  "C2'" . DG  C 3 8  ? -4.051  -10.533 -1.314  1.00 55.78  ?  8    DG  C "C2'" 1 
ATOM   1129 C  "C1'" . DG  C 3 8  ? -3.511  -9.536  -0.307  1.00 58.43  ?  8    DG  C "C1'" 1 
ATOM   1130 N  N9    . DG  C 3 8  ? -2.663  -8.512  -0.902  1.00 52.95  ?  8    DG  C N9    1 
ATOM   1131 C  C8    . DG  C 3 8  ? -1.436  -8.668  -1.508  1.00 49.77  ?  8    DG  C C8    1 
ATOM   1132 N  N7    . DG  C 3 8  ? -0.943  -7.545  -1.955  1.00 57.32  ?  8    DG  C N7    1 
ATOM   1133 C  C5    . DG  C 3 8  ? -1.893  -6.596  -1.609  1.00 54.08  ?  8    DG  C C5    1 
ATOM   1134 C  C6    . DG  C 3 8  ? -1.920  -5.209  -1.835  1.00 49.95  ?  8    DG  C C6    1 
ATOM   1135 O  O6    . DG  C 3 8  ? -1.070  -4.503  -2.378  1.00 50.34  ?  8    DG  C O6    1 
ATOM   1136 N  N1    . DG  C 3 8  ? -3.103  -4.644  -1.384  1.00 51.10  ?  8    DG  C N1    1 
ATOM   1137 C  C2    . DG  C 3 8  ? -4.114  -5.326  -0.754  1.00 51.88  ?  8    DG  C C2    1 
ATOM   1138 N  N2    . DG  C 3 8  ? -5.168  -4.608  -0.365  1.00 58.83  ?  8    DG  C N2    1 
ATOM   1139 N  N3    . DG  C 3 8  ? -4.119  -6.625  -0.576  1.00 52.38  ?  8    DG  C N3    1 
ATOM   1140 C  C4    . DG  C 3 8  ? -2.982  -7.191  -1.009  1.00 51.71  ?  8    DG  C C4    1 
ATOM   1141 P  P     . DA  C 3 9  ? -6.088  -12.850 -1.799  1.00 75.64  ?  9    DA  C P     1 
ATOM   1142 O  OP1   . DA  C 3 9  ? -7.000  -13.932 -1.336  1.00 86.19  ?  9    DA  C OP1   1 
ATOM   1143 O  OP2   . DA  C 3 9  ? -5.203  -12.985 -2.993  1.00 73.90  -1 9    DA  C OP2   1 
ATOM   1144 O  "O5'" . DA  C 3 9  ? -6.889  -11.543 -2.207  1.00 71.25  ?  9    DA  C "O5'" 1 
ATOM   1145 C  "C5'" . DA  C 3 9  ? -7.607  -10.782 -1.238  1.00 65.72  ?  9    DA  C "C5'" 1 
ATOM   1146 C  "C4'" . DA  C 3 9  ? -8.135  -9.535  -1.906  1.00 68.78  ?  9    DA  C "C4'" 1 
ATOM   1147 O  "O4'" . DA  C 3 9  ? -7.041  -8.611  -2.161  1.00 66.62  ?  9    DA  C "O4'" 1 
ATOM   1148 C  "C3'" . DA  C 3 9  ? -8.777  -9.806  -3.265  1.00 67.97  ?  9    DA  C "C3'" 1 
ATOM   1149 O  "O3'" . DA  C 3 9  ? -9.957  -9.025  -3.301  1.00 76.05  ?  9    DA  C "O3'" 1 
ATOM   1150 C  "C2'" . DA  C 3 9  ? -7.737  -9.313  -4.264  1.00 67.81  ?  9    DA  C "C2'" 1 
ATOM   1151 C  "C1'" . DA  C 3 9  ? -7.109  -8.159  -3.503  1.00 66.24  ?  9    DA  C "C1'" 1 
ATOM   1152 N  N9    . DA  C 3 9  ? -5.758  -7.760  -3.926  1.00 57.67  ?  9    DA  C N9    1 
ATOM   1153 C  C8    . DA  C 3 9  ? -4.678  -8.567  -4.185  1.00 60.43  ?  9    DA  C C8    1 
ATOM   1154 N  N7    . DA  C 3 9  ? -3.609  -7.912  -4.573  1.00 55.37  ?  9    DA  C N7    1 
ATOM   1155 C  C5    . DA  C 3 9  ? -3.995  -6.582  -4.519  1.00 54.01  ?  9    DA  C C5    1 
ATOM   1156 C  C6    . DA  C 3 9  ? -3.309  -5.384  -4.791  1.00 49.27  ?  9    DA  C C6    1 
ATOM   1157 N  N6    . DA  C 3 9  ? -2.036  -5.338  -5.190  1.00 48.26  ?  9    DA  C N6    1 
ATOM   1158 N  N1    . DA  C 3 9  ? -3.984  -4.223  -4.640  1.00 51.33  ?  9    DA  C N1    1 
ATOM   1159 C  C2    . DA  C 3 9  ? -5.259  -4.272  -4.233  1.00 54.59  ?  9    DA  C C2    1 
ATOM   1160 N  N3    . DA  C 3 9  ? -6.021  -5.338  -3.977  1.00 49.63  ?  9    DA  C N3    1 
ATOM   1161 C  C4    . DA  C 3 9  ? -5.324  -6.474  -4.147  1.00 49.09  ?  9    DA  C C4    1 
ATOM   1162 P  P     . DG  C 3 10 ? -11.054 -9.288  -4.402  1.00 72.42  ?  10   DG  C P     1 
ATOM   1163 O  OP1   . DG  C 3 10 ? -12.366 -9.034  -3.770  1.00 78.83  ?  10   DG  C OP1   1 
ATOM   1164 O  OP2   . DG  C 3 10 ? -10.709 -10.541 -5.140  1.00 71.62  -1 10   DG  C OP2   1 
ATOM   1165 O  "O5'" . DG  C 3 10 ? -10.908 -8.079  -5.430  1.00 66.84  ?  10   DG  C "O5'" 1 
ATOM   1166 C  "C5'" . DG  C 3 10 ? -10.924 -6.730  -4.987  1.00 66.27  ?  10   DG  C "C5'" 1 
ATOM   1167 C  "C4'" . DG  C 3 10 ? -10.280 -5.892  -6.059  1.00 71.25  ?  10   DG  C "C4'" 1 
ATOM   1168 O  "O4'" . DG  C 3 10 ? -8.836  -6.081  -6.042  1.00 70.77  ?  10   DG  C "O4'" 1 
ATOM   1169 C  "C3'" . DG  C 3 10 ? -10.744 -6.282  -7.471  1.00 67.74  ?  10   DG  C "C3'" 1 
ATOM   1170 O  "O3'" . DG  C 3 10 ? -10.874 -5.090  -8.210  1.00 72.43  ?  10   DG  C "O3'" 1 
ATOM   1171 C  "C2'" . DG  C 3 10 ? -9.535  -6.964  -8.075  1.00 66.29  ?  10   DG  C "C2'" 1 
ATOM   1172 C  "C1'" . DG  C 3 10 ? -8.449  -6.130  -7.402  1.00 67.42  ?  10   DG  C "C1'" 1 
ATOM   1173 N  N9    . DG  C 3 10 ? -7.077  -6.613  -7.503  1.00 61.90  ?  10   DG  C N9    1 
ATOM   1174 C  C8    . DG  C 3 10 ? -6.620  -7.911  -7.573  1.00 57.11  ?  10   DG  C C8    1 
ATOM   1175 N  N7    . DG  C 3 10 ? -5.325  -7.987  -7.746  1.00 61.19  ?  10   DG  C N7    1 
ATOM   1176 C  C5    . DG  C 3 10 ? -4.907  -6.661  -7.819  1.00 55.26  ?  10   DG  C C5    1 
ATOM   1177 C  C6    . DG  C 3 10 ? -3.633  -6.108  -8.100  1.00 53.88  ?  10   DG  C C6    1 
ATOM   1178 O  O6    . DG  C 3 10 ? -2.540  -6.681  -8.196  1.00 46.86  ?  10   DG  C O6    1 
ATOM   1179 N  N1    . DG  C 3 10 ? -3.677  -4.724  -8.139  1.00 49.85  ?  10   DG  C N1    1 
ATOM   1180 C  C2    . DG  C 3 10 ? -4.785  -3.967  -7.925  1.00 49.91  ?  10   DG  C C2    1 
ATOM   1181 N  N2    . DG  C 3 10 ? -4.614  -2.645  -8.039  1.00 49.87  ?  10   DG  C N2    1 
ATOM   1182 N  N3    . DG  C 3 10 ? -5.992  -4.461  -7.738  1.00 50.61  ?  10   DG  C N3    1 
ATOM   1183 C  C4    . DG  C 3 10 ? -5.984  -5.805  -7.705  1.00 60.42  ?  10   DG  C C4    1 
ATOM   1184 P  P     . DA  C 3 11 ? -12.278 -4.476  -8.439  1.00 75.79  ?  11   DA  C P     1 
ATOM   1185 O  OP1   . DA  C 3 11 ? -12.981 -4.548  -7.150  1.00 77.00  ?  11   DA  C OP1   1 
ATOM   1186 O  OP2   . DA  C 3 11 ? -12.822 -5.091  -9.676  1.00 70.71  -1 11   DA  C OP2   1 
ATOM   1187 O  "O5'" . DA  C 3 11 ? -11.969 -2.955  -8.783  1.00 63.82  ?  11   DA  C "O5'" 1 
ATOM   1188 C  "C5'" . DA  C 3 11 ? -11.081 -2.210  -7.946  1.00 70.58  ?  11   DA  C "C5'" 1 
ATOM   1189 C  "C4'" . DA  C 3 11 ? -10.555 -1.008  -8.692  1.00 64.18  ?  11   DA  C "C4'" 1 
ATOM   1190 O  "O4'" . DA  C 3 11 ? -9.176  -1.196  -9.108  1.00 67.42  ?  11   DA  C "O4'" 1 
ATOM   1191 C  "C3'" . DA  C 3 11 ? -11.301 -0.682  -9.965  1.00 62.60  ?  11   DA  C "C3'" 1 
ATOM   1192 O  "O3'" . DA  C 3 11 ? -11.046 0.700   -10.151 1.00 54.22  ?  11   DA  C "O3'" 1 
ATOM   1193 C  "C2'" . DA  C 3 11 ? -10.524 -1.453  -11.021 1.00 65.30  ?  11   DA  C "C2'" 1 
ATOM   1194 C  "C1'" . DA  C 3 11 ? -9.089  -1.419  -10.509 1.00 56.02  ?  11   DA  C "C1'" 1 
ATOM   1195 N  N9    . DA  C 3 11 ? -8.313  -2.641  -10.697 1.00 58.08  ?  11   DA  C N9    1 
ATOM   1196 C  C8    . DA  C 3 11 ? -8.726  -3.940  -10.527 1.00 54.26  ?  11   DA  C C8    1 
ATOM   1197 N  N7    . DA  C 3 11 ? -7.766  -4.821  -10.676 1.00 54.39  ?  11   DA  C N7    1 
ATOM   1198 C  C5    . DA  C 3 11 ? -6.641  -4.050  -10.924 1.00 52.61  ?  11   DA  C C5    1 
ATOM   1199 C  C6    . DA  C 3 11 ? -5.305  -4.385  -11.187 1.00 50.16  ?  11   DA  C C6    1 
ATOM   1200 N  N6    . DA  C 3 11 ? -4.845  -5.635  -11.219 1.00 54.20  ?  11   DA  C N6    1 
ATOM   1201 N  N1    . DA  C 3 11 ? -4.434  -3.376  -11.395 1.00 52.19  ?  11   DA  C N1    1 
ATOM   1202 C  C2    . DA  C 3 11 ? -4.889  -2.116  -11.345 1.00 51.90  ?  11   DA  C C2    1 
ATOM   1203 N  N3    . DA  C 3 11 ? -6.115  -1.677  -11.099 1.00 47.57  ?  11   DA  C N3    1 
ATOM   1204 C  C4    . DA  C 3 11 ? -6.960  -2.705  -10.922 1.00 51.21  ?  11   DA  C C4    1 
HETATM 1205 ZN ZN    . ZN  D 4 .  ? -16.142 1.618   7.784   1.00 75.28  ?  1401 ZN  A ZN    1 
HETATM 1206 ZN ZN    . ZN  E 4 .  ? 12.365  -15.610 -6.994  1.00 72.36  ?  1402 ZN  A ZN    1 
HETATM 1207 ZN ZN    . ZN  F 4 .  ? 3.436   11.436  -8.447  1.00 53.11  ?  1403 ZN  A ZN    1 
HETATM 1208 MG MG    . MG  G 5 .  ? 3.795   17.475  -6.702  1.00 54.57  ?  1404 MG  A MG    1 
HETATM 1209 C  C1    . GOL H 6 .  ? -7.496  0.212   -5.434  1.00 48.55  ?  101  GOL D C1    1 
HETATM 1210 O  O1    . GOL H 6 .  ? -7.093  -1.003  -4.876  1.00 33.30  ?  101  GOL D O1    1 
HETATM 1211 C  C2    . GOL H 6 .  ? -7.531  0.384   -6.939  1.00 65.60  ?  101  GOL D C2    1 
HETATM 1212 O  O2    . GOL H 6 .  ? -7.615  1.774   -7.261  1.00 64.80  ?  101  GOL D O2    1 
HETATM 1213 C  C3    . GOL H 6 .  ? -6.372  -0.240  -7.709  1.00 59.93  ?  101  GOL D C3    1 
HETATM 1214 O  O3    . GOL H 6 .  ? -6.201  0.329   -9.048  1.00 78.02  ?  101  GOL D O3    1 
HETATM 1215 O  "O5'" . D5M I 7 .  ? -10.584 1.615   -12.538 1.00 67.94  ?  101  D5M C "O5'" 1 
HETATM 1216 C  "C5'" . D5M I 7 .  ? -9.314  2.302   -12.524 1.00 62.37  ?  101  D5M C "C5'" 1 
HETATM 1217 C  "C4'" . D5M I 7 .  ? -8.495  1.827   -13.696 1.00 62.24  ?  101  D5M C "C4'" 1 
HETATM 1218 O  "O4'" . D5M I 7 .  ? -8.038  0.491   -13.415 1.00 56.98  ?  101  D5M C "O4'" 1 
HETATM 1219 C  "C3'" . D5M I 7 .  ? -9.301  1.691   -14.987 1.00 59.88  ?  101  D5M C "C3'" 1 
HETATM 1220 O  "O3'" . D5M I 7 .  ? -9.043  2.798   -15.827 1.00 64.54  ?  101  D5M C "O3'" 1 
HETATM 1221 C  "C2'" . D5M I 7 .  ? -8.759  0.437   -15.647 1.00 57.18  ?  101  D5M C "C2'" 1 
HETATM 1222 C  "C1'" . D5M I 7 .  ? -7.736  -0.085  -14.663 1.00 62.20  ?  101  D5M C "C1'" 1 
HETATM 1223 N  N9    . D5M I 7 .  ? -7.769  -1.528  -14.509 1.00 58.74  ?  101  D5M C N9    1 
HETATM 1224 C  C8    . D5M I 7 .  ? -8.838  -2.373  -14.367 1.00 52.74  ?  101  D5M C C8    1 
HETATM 1225 N  N7    . D5M I 7 .  ? -8.501  -3.634  -14.252 1.00 61.90  ?  101  D5M C N7    1 
HETATM 1226 C  C5    . D5M I 7 .  ? -7.117  -3.619  -14.359 1.00 51.85  ?  101  D5M C C5    1 
HETATM 1227 C  C6    . D5M I 7 .  ? -6.160  -4.637  -14.354 1.00 53.24  ?  101  D5M C C6    1 
HETATM 1228 N  N6    . D5M I 7 .  ? -6.461  -5.926  -14.236 1.00 54.12  ?  101  D5M C N6    1 
HETATM 1229 N  N1    . D5M I 7 .  ? -4.860  -4.286  -14.485 1.00 62.53  ?  101  D5M C N1    1 
HETATM 1230 C  C2    . D5M I 7 .  ? -4.562  -2.993  -14.654 1.00 54.68  ?  101  D5M C C2    1 
HETATM 1231 N  N3    . D5M I 7 .  ? -5.376  -1.937  -14.646 1.00 58.54  ?  101  D5M C N3    1 
HETATM 1232 C  C4    . D5M I 7 .  ? -6.655  -2.328  -14.513 1.00 51.78  ?  101  D5M C C4    1 
HETATM 1233 P  P     . D5M I 7 .  ? -11.588 1.705   -11.304 1.00 70.39  ?  101  D5M C P     1 
HETATM 1234 O  O1P   . D5M I 7 .  ? -11.639 3.164   -11.016 1.00 86.56  ?  101  D5M C O1P   1 
HETATM 1235 O  O2P   . D5M I 7 .  ? -12.860 0.942   -11.514 1.00 67.36  ?  101  D5M C O2P   1 
HETATM 1236 O  O     . HOH J 8 .  ? -8.311  16.352  0.697   1.00 76.24  ?  1501 HOH A O     1 
HETATM 1237 O  O     . HOH J 8 .  ? -10.106 8.704   10.434  1.00 67.86  ?  1502 HOH A O     1 
HETATM 1238 O  O     . HOH J 8 .  ? 12.270  5.336   -5.707  1.00 53.66  ?  1503 HOH A O     1 
HETATM 1239 O  O     . HOH J 8 .  ? 2.130   -3.353  -3.553  1.00 49.54  ?  1504 HOH A O     1 
HETATM 1240 O  O     . HOH J 8 .  ? 0.822   0.809   -2.819  1.00 47.82  ?  1505 HOH A O     1 
HETATM 1241 O  O     . HOH J 8 .  ? 7.119   10.817  -14.104 1.00 57.68  ?  1506 HOH A O     1 
HETATM 1242 O  O     . HOH J 8 .  ? 3.962   -4.278  -11.665 1.00 54.39  ?  1507 HOH A O     1 
HETATM 1243 O  O     . HOH J 8 .  ? 4.626   8.371   2.008   1.00 52.85  ?  1508 HOH A O     1 
HETATM 1244 O  O     . HOH J 8 .  ? 9.469   5.725   -2.096  1.00 49.67  ?  1509 HOH A O     1 
HETATM 1245 O  O     . HOH K 8 .  ? -8.307  -1.699  -3.001  1.00 71.79  ?  201  HOH D O     1 
HETATM 1246 O  O     . HOH K 8 .  ? -10.604 5.311   0.476   1.00 55.06  ?  202  HOH D O     1 
HETATM 1247 O  O     . HOH K 8 .  ? 0.988   -7.510  7.269   1.00 43.31  ?  203  HOH D O     1 
HETATM 1248 O  O     . HOH K 8 .  ? -4.556  6.403   -0.641  1.00 49.13  ?  204  HOH D O     1 
HETATM 1249 O  O     . HOH K 8 .  ? -6.520  -5.162  3.220   1.00 51.36  ?  205  HOH D O     1 
HETATM 1250 O  O     . HOH K 8 .  ? 0.868   2.903   -4.651  1.00 42.14  ?  206  HOH D O     1 
HETATM 1251 O  O     . HOH K 8 .  ? 8.072   -4.889  19.809  0.50 97.98  ?  207  HOH D O     1 
HETATM 1252 O  O     . HOH K 8 .  ? 5.720   -2.408  -12.009 1.00 54.99  ?  208  HOH D O     1 
HETATM 1253 O  O     . HOH L 8 .  ? 4.858   -5.513  7.742   1.00 53.89  ?  201  HOH C O     1 
HETATM 1254 O  O     . HOH L 8 .  ? -8.437  -4.576  -3.191  1.00 57.88  ?  202  HOH C O     1 
HETATM 1255 O  O     . HOH L 8 .  ? -1.760  -9.892  -4.547  1.00 60.05  ?  203  HOH C O     1 
HETATM 1256 O  O     . HOH L 8 .  ? -12.112 -7.077  -11.443 1.00 68.60  ?  204  HOH C O     1 
HETATM 1257 O  O     . HOH L 8 .  ? 8.475   1.685   12.188  1.00 55.57  ?  205  HOH C O     1 
HETATM 1258 O  O     . HOH L 8 .  ? 7.679   -2.357  9.464   1.00 52.89  ?  206  HOH C O     1 
HETATM 1259 O  O     . HOH L 8 .  ? -3.073  -8.629  3.412   1.00 65.13  ?  207  HOH C O     1 
# 
